data_6XBL
#
_entry.id   6XBL
#
_cell.length_a   1.00
_cell.length_b   1.00
_cell.length_c   1.00
_cell.angle_alpha   90.00
_cell.angle_beta   90.00
_cell.angle_gamma   90.00
#
_symmetry.space_group_name_H-M   'P 1'
#
loop_
_entity.id
_entity.type
_entity.pdbx_description
1 polymer 'Smoothened homolog'
2 polymer 'Guanine nucleotide-binding protein G(i) subunit alpha-1'
3 polymer 'Guanine nucleotide-binding protein G(I)/G(S)/G(T) subunit beta-1'
4 polymer 'Guanine nucleotide-binding protein G(I)/G(S)/G(O) subunit gamma-2'
5 polymer scFv16
6 non-polymer 3-chloro-N-[trans-4-(methylamino)cyclohexyl]-N-{[3-(pyridin-4-yl)phenyl]methyl}-1-benzothiophene-2-carboxamide
7 non-polymer CHOLESTEROL
#
loop_
_entity_poly.entity_id
_entity_poly.type
_entity_poly.pdbx_seq_one_letter_code
_entity_poly.pdbx_strand_id
1 'polypeptide(L)'
;MAAARPARGPELPLLGLLLLLLLGDPGRGAASSGNATGPGPRSAGGSARRSAAVTGPPPPLSHCGRAAPCEPLRYNVCLG
SVLPYGATSTLLAGDSDSQEEAHGKLVLWSGLRNAPRCWAVIQPLLCAVYMPKCENDRVELPSRTLCQATRGPCAIVERE
RGWPDFLRCTPDRFPEGCTNEVQNIKFNSSGQCEVPLVRTDNPKSWYEDVEGCGIQCQNPLFTEAEHQDMHSYIAAFGAV
TGLCTLFTLATFVADWRNSNRYPAVILFYVNACFFVGSIGWLAQFMDGARREIVCRADGTMRLGEPTSNETLSCVIIFVI
VYYALMAGVVWFVVLTYAWHTSFKALGTTYQPLSGKTSYFHLLTWSLPFVLTVAILAVAQVDGDSVSGICFVGYKNYRYR
AGFVLAPIGLVLIVGGYFLIRGVMTLFSIKSNHPGLLSEKAASKINETMLRLGIFGFLAFGFVLITFSCHFYDFFNQAEW
ERSFRDYVLCQANVTIGLPTKQPIPDCEIKNRPSLLVEKINLFAMFGTGIAMSTWVWTKATLLIWRRTWCRLTGQSDDEP
KRIKKSKMIAKAFSKRHELLQNPGQELSFSMHTVSHDGPVAGLAFDLNEPSADVSSAWAQHVTKMVARRGAILPQDISVT
PVATDYKDDDDK
;
R
2 'polypeptide(L)'
;MGCTLSAEDKAAVERSKMIDRNLREDGEKAAREVKLLLLGAGESGKSTIVKQMKIIHEAGYSEEECKQYKAVVYSNTIQS
IIAIIRAMGRLKIDFGDSARADDARQLFVLAGAAEEGFMTAELAGVIKRLWKDSGVQACFNRSREYQLNDSAAYYLNDLD
RIAQPNYIPTQQDVLRTRVKTTGIVETHFTFKDLHFKMFDVGGQRSERKKWIHCFEGVTAIIFCVALSDYDLVLAEDEEM
NRMHESMKLFDSICNNKWFTDTSIILFLNKKDLFEEKIKKSPLTICYPEYAGSNTYEEAAAYIQCQFEDLNKRKDTKEIY
THFTCATDTKNVQFVFDAVTDVIIKNNLKDCGLF
;
A
3 'polypeptide(L)'
;PGSSGSELDQLRQEAEQLKNQIRDARKACADATLSQITNNIDPVGRIQMRTRRTLRGHLAKIYAMHWGTDSRLLVSASQD
GKLIIWDSYTTNKVHAIPLRSSWVMTCAYAPSGNYVACGGLDNICSIYNLKTREGNVRVSRELAGHTGYLSCCRFLDDNQ
IVTSSGDTTCALWDIETGQQTTTFTGHTGDVMSLSLAPDTRLFVSGACDASAKLWDVREGMCRQTFTGHESDINAICFFP
NGNAFATGSDDATCRLFDLRADQELMTYSHDNIICGITSVSFSKSGRLLLAGYDDFNCNVWDALKADRAGVLAGHDNRVS
CLGVTDDGMAVATGSWDSFLKIWN
;
B
4 'polypeptide(L)' MASNNTASIAQARKLVEQLKMEANIDRIKVSKAAADLMAYCEAHAKEDPLLTPVPASENPFREKKFFCAIL G
5 'polypeptide(L)'
;DVQLVESGGGLVQPGGSRKLSCSASGFAFSSFGMHWVRQAPEKGLEWVAYISSGSGTIYYADTVKGRFTISRDDPKNTLF
LQMTSLRSEDTAMYYCVRSIYYYGSSPFDFWGQGTTLTVSSGGGGSGGGGSGGGGSDIVMTQATSSVPVTPGESVSISCR
SSKSLLHSNGNTYLYWFLQRPGQSPQLLIYRMSNLASGVPDRFSGSGSGTAFTLTISRLEAEDVGVYYCMQHLEYPLTFG
AGTKLELKAAAHHHHHHHH
;
S
#
# COMPACT_ATOMS: atom_id res chain seq x y z
N HIS A 63 -78.35 -0.48 -39.09
CA HIS A 63 -78.69 0.99 -38.90
C HIS A 63 -77.54 1.92 -39.35
N CYS A 64 -76.70 1.49 -40.29
CA CYS A 64 -75.51 2.25 -40.79
C CYS A 64 -75.74 2.64 -42.25
N GLY A 65 -76.92 3.23 -42.52
CA GLY A 65 -77.38 3.58 -43.88
C GLY A 65 -78.18 4.87 -43.90
N ARG A 66 -77.81 5.79 -44.80
CA ARG A 66 -78.55 7.06 -45.06
C ARG A 66 -79.00 7.10 -46.53
N ALA A 67 -80.01 7.92 -46.81
CA ALA A 67 -80.58 8.17 -48.15
C ALA A 67 -79.93 9.42 -48.76
N ALA A 68 -78.99 9.21 -49.70
CA ALA A 68 -78.28 10.28 -50.44
C ALA A 68 -78.14 9.88 -51.91
N PRO A 69 -78.47 10.78 -52.87
CA PRO A 69 -78.28 10.49 -54.30
C PRO A 69 -76.80 10.58 -54.67
N CYS A 70 -76.24 9.50 -55.21
CA CYS A 70 -74.82 9.38 -55.61
C CYS A 70 -74.72 9.14 -57.13
N GLU A 71 -73.51 9.24 -57.66
CA GLU A 71 -73.20 9.18 -59.12
C GLU A 71 -72.22 8.03 -59.38
N PRO A 72 -72.21 7.43 -60.60
CA PRO A 72 -71.24 6.38 -60.93
C PRO A 72 -69.79 6.92 -60.89
N LEU A 73 -68.84 6.04 -60.53
CA LEU A 73 -67.41 6.41 -60.32
C LEU A 73 -66.82 6.96 -61.62
N ARG A 74 -65.78 7.80 -61.49
CA ARG A 74 -64.94 8.32 -62.60
C ARG A 74 -63.48 7.87 -62.40
N TYR A 75 -63.02 7.73 -61.16
CA TYR A 75 -61.69 7.18 -60.78
C TYR A 75 -61.87 5.79 -60.14
N ASN A 76 -61.10 4.81 -60.63
CA ASN A 76 -61.23 3.36 -60.35
C ASN A 76 -60.06 2.87 -59.47
N VAL A 77 -59.57 3.73 -58.58
CA VAL A 77 -58.40 3.42 -57.69
C VAL A 77 -58.71 3.87 -56.26
N CYS A 78 -58.12 3.17 -55.27
CA CYS A 78 -57.98 3.61 -53.85
C CYS A 78 -56.53 4.08 -53.62
N LEU A 79 -55.92 4.68 -54.65
CA LEU A 79 -54.47 4.99 -54.75
C LEU A 79 -53.65 3.72 -54.49
N GLY A 80 -53.80 2.73 -55.36
CA GLY A 80 -53.06 1.45 -55.33
C GLY A 80 -53.96 0.23 -55.44
N SER A 81 -55.22 0.34 -55.00
CA SER A 81 -56.23 -0.76 -55.00
C SER A 81 -57.39 -0.43 -55.93
N VAL A 82 -57.81 -1.40 -56.75
CA VAL A 82 -58.90 -1.26 -57.77
C VAL A 82 -60.24 -1.22 -57.02
N LEU A 83 -61.14 -0.32 -57.41
CA LEU A 83 -62.50 -0.21 -56.81
C LEU A 83 -63.33 -1.42 -57.23
N PRO A 84 -63.81 -2.26 -56.29
CA PRO A 84 -64.61 -3.43 -56.64
C PRO A 84 -66.11 -3.13 -56.85
N TYR A 85 -66.48 -1.85 -56.98
CA TYR A 85 -67.88 -1.36 -57.07
C TYR A 85 -68.01 -0.38 -58.24
N GLY A 86 -69.23 0.13 -58.48
CA GLY A 86 -69.58 1.08 -59.55
C GLY A 86 -70.51 2.20 -59.09
N ALA A 87 -70.45 2.58 -57.81
CA ALA A 87 -71.20 3.72 -57.21
C ALA A 87 -70.36 4.40 -56.13
N THR A 88 -70.40 5.74 -56.08
CA THR A 88 -69.64 6.59 -55.12
C THR A 88 -70.42 7.87 -54.78
N SER A 89 -70.66 8.10 -53.48
CA SER A 89 -71.31 9.31 -52.90
C SER A 89 -70.24 10.31 -52.42
N THR A 90 -70.69 11.48 -51.94
CA THR A 90 -69.85 12.55 -51.31
C THR A 90 -70.56 13.04 -50.03
N LEU A 91 -71.23 12.14 -49.30
CA LEU A 91 -71.97 12.47 -48.05
C LEU A 91 -71.00 12.40 -46.86
N LEU A 92 -70.24 11.30 -46.74
CA LEU A 92 -69.28 11.06 -45.63
C LEU A 92 -68.24 12.18 -45.60
N ALA A 93 -67.77 12.63 -46.78
CA ALA A 93 -66.83 13.76 -46.94
C ALA A 93 -67.58 15.08 -46.70
N GLY A 94 -67.66 15.51 -45.43
CA GLY A 94 -68.29 16.76 -44.99
C GLY A 94 -67.67 18.00 -45.63
N ASP A 95 -66.37 17.95 -45.95
CA ASP A 95 -65.59 19.06 -46.55
C ASP A 95 -65.74 19.07 -48.07
N SER A 96 -65.82 17.89 -48.71
CA SER A 96 -65.91 17.71 -50.18
C SER A 96 -67.35 17.93 -50.66
N ASP A 97 -67.52 18.42 -51.89
CA ASP A 97 -68.83 18.71 -52.53
C ASP A 97 -68.98 17.82 -53.78
N SER A 98 -68.04 17.92 -54.72
CA SER A 98 -68.01 17.20 -56.02
C SER A 98 -66.93 16.11 -56.02
N GLN A 99 -67.01 15.19 -57.00
CA GLN A 99 -66.05 14.06 -57.20
C GLN A 99 -64.64 14.61 -57.49
N GLU A 100 -64.55 15.75 -58.17
CA GLU A 100 -63.26 16.46 -58.45
C GLU A 100 -62.65 16.91 -57.12
N GLU A 101 -63.45 17.50 -56.22
CA GLU A 101 -63.03 17.93 -54.87
C GLU A 101 -62.72 16.69 -54.00
N ALA A 102 -63.48 15.60 -54.19
CA ALA A 102 -63.25 14.28 -53.54
C ALA A 102 -61.84 13.77 -53.89
N HIS A 103 -61.50 13.77 -55.19
CA HIS A 103 -60.13 13.44 -55.69
C HIS A 103 -59.11 14.43 -55.10
N GLY A 104 -59.42 15.73 -55.08
CA GLY A 104 -58.58 16.78 -54.48
C GLY A 104 -58.21 16.45 -53.04
N LYS A 105 -59.20 16.04 -52.24
CA LYS A 105 -59.02 15.67 -50.81
C LYS A 105 -58.35 14.30 -50.70
N LEU A 106 -58.60 13.39 -51.65
CA LEU A 106 -57.89 12.07 -51.76
C LEU A 106 -56.39 12.32 -51.90
N VAL A 107 -55.97 13.14 -52.87
CA VAL A 107 -54.54 13.43 -53.15
C VAL A 107 -53.97 14.37 -52.08
N LEU A 108 -54.83 15.12 -51.36
CA LEU A 108 -54.42 15.90 -50.16
C LEU A 108 -53.96 14.91 -49.08
N TRP A 109 -54.83 13.97 -48.68
CA TRP A 109 -54.53 12.95 -47.64
C TRP A 109 -53.51 11.92 -48.15
N SER A 110 -53.29 11.83 -49.46
CA SER A 110 -52.11 11.14 -50.06
C SER A 110 -50.81 11.76 -49.53
N GLY A 111 -50.86 13.02 -49.06
CA GLY A 111 -49.79 13.70 -48.31
C GLY A 111 -49.25 12.89 -47.14
N LEU A 112 -50.04 11.96 -46.59
CA LEU A 112 -49.60 10.99 -45.53
C LEU A 112 -48.89 9.79 -46.17
N ARG A 113 -48.41 9.89 -47.42
CA ARG A 113 -47.73 8.80 -48.17
C ARG A 113 -46.58 8.22 -47.33
N ASN A 114 -45.76 9.10 -46.75
CA ASN A 114 -44.63 8.73 -45.86
C ASN A 114 -45.18 8.31 -44.49
N ALA A 115 -44.40 7.53 -43.73
CA ALA A 115 -44.74 6.99 -42.40
C ALA A 115 -45.92 6.05 -42.53
N PRO A 116 -45.73 4.86 -43.16
CA PRO A 116 -46.85 4.03 -43.62
C PRO A 116 -47.62 3.25 -42.53
N ARG A 117 -47.03 3.05 -41.35
CA ARG A 117 -47.59 2.14 -40.29
C ARG A 117 -49.01 2.59 -39.88
N CYS A 118 -49.36 3.86 -40.11
CA CYS A 118 -50.75 4.39 -39.99
C CYS A 118 -51.36 4.68 -41.38
N TRP A 119 -50.55 5.01 -42.38
CA TRP A 119 -51.02 5.34 -43.75
C TRP A 119 -51.74 4.14 -44.38
N ALA A 120 -51.11 2.96 -44.32
CA ALA A 120 -51.65 1.70 -44.91
C ALA A 120 -52.99 1.31 -44.26
N VAL A 121 -53.19 1.64 -42.98
CA VAL A 121 -54.42 1.29 -42.19
C VAL A 121 -55.44 2.44 -42.25
N ILE A 122 -55.04 3.68 -42.53
CA ILE A 122 -56.02 4.80 -42.77
C ILE A 122 -56.57 4.68 -44.20
N GLN A 123 -55.80 4.14 -45.16
CA GLN A 123 -56.17 4.00 -46.59
C GLN A 123 -57.59 3.43 -46.77
N PRO A 124 -57.98 2.34 -46.07
CA PRO A 124 -59.37 1.88 -46.07
C PRO A 124 -60.34 3.03 -45.76
N LEU A 125 -60.15 3.71 -44.63
CA LEU A 125 -61.00 4.84 -44.18
C LEU A 125 -60.94 5.98 -45.22
N LEU A 126 -59.74 6.28 -45.76
CA LEU A 126 -59.55 7.35 -46.79
C LEU A 126 -60.50 7.09 -47.96
N CYS A 127 -60.33 5.98 -48.68
CA CYS A 127 -61.13 5.64 -49.90
C CYS A 127 -62.44 4.92 -49.53
N ALA A 128 -62.86 4.94 -48.26
CA ALA A 128 -64.21 4.48 -47.81
C ALA A 128 -65.12 5.69 -47.54
N VAL A 129 -64.61 6.77 -46.93
CA VAL A 129 -65.41 8.00 -46.63
C VAL A 129 -65.58 8.82 -47.93
N TYR A 130 -64.50 9.01 -48.69
CA TYR A 130 -64.50 9.83 -49.93
C TYR A 130 -65.17 9.08 -51.08
N MET A 131 -64.86 7.79 -51.24
CA MET A 131 -65.42 6.90 -52.29
C MET A 131 -66.17 5.75 -51.63
N PRO A 132 -67.39 5.98 -51.09
CA PRO A 132 -68.17 4.92 -50.46
C PRO A 132 -68.91 4.06 -51.50
N LYS A 133 -69.77 3.16 -51.04
CA LYS A 133 -70.61 2.28 -51.90
C LYS A 133 -72.10 2.54 -51.60
N CYS A 134 -72.88 2.86 -52.65
CA CYS A 134 -74.37 2.99 -52.61
C CYS A 134 -75.02 1.63 -52.88
N GLU A 135 -76.15 1.37 -52.23
CA GLU A 135 -77.04 0.19 -52.49
C GLU A 135 -78.47 0.67 -52.68
N ASN A 136 -78.80 1.14 -53.90
CA ASN A 136 -80.16 1.57 -54.31
C ASN A 136 -80.60 2.80 -53.50
N ASP A 137 -79.82 3.89 -53.58
CA ASP A 137 -80.02 5.15 -52.81
C ASP A 137 -79.91 4.83 -51.30
N ARG A 138 -78.82 4.18 -50.92
CA ARG A 138 -78.53 3.80 -49.50
C ARG A 138 -77.00 3.74 -49.33
N VAL A 139 -76.40 4.84 -48.87
CA VAL A 139 -74.93 4.98 -48.66
C VAL A 139 -74.51 4.16 -47.43
N GLU A 140 -73.36 3.47 -47.50
CA GLU A 140 -72.79 2.66 -46.39
C GLU A 140 -72.05 3.59 -45.43
N LEU A 141 -72.10 3.29 -44.13
CA LEU A 141 -71.33 4.00 -43.07
C LEU A 141 -70.40 3.00 -42.38
N PRO A 142 -69.09 3.29 -42.25
CA PRO A 142 -68.16 2.38 -41.58
C PRO A 142 -68.43 2.21 -40.07
N SER A 143 -67.93 1.11 -39.50
CA SER A 143 -68.11 0.71 -38.08
C SER A 143 -67.04 1.39 -37.19
N ARG A 144 -67.15 1.18 -35.88
CA ARG A 144 -66.22 1.75 -34.85
C ARG A 144 -64.80 1.21 -35.04
N THR A 145 -64.66 -0.04 -35.48
CA THR A 145 -63.37 -0.77 -35.61
C THR A 145 -62.41 -0.01 -36.54
N LEU A 146 -62.91 0.43 -37.71
CA LEU A 146 -62.09 1.15 -38.73
C LEU A 146 -61.66 2.53 -38.18
N CYS A 147 -62.54 3.23 -37.46
CA CYS A 147 -62.24 4.54 -36.82
C CYS A 147 -61.13 4.34 -35.78
N GLN A 148 -61.41 3.59 -34.71
CA GLN A 148 -60.52 3.41 -33.53
C GLN A 148 -59.17 2.81 -33.92
N ALA A 149 -59.07 2.15 -35.09
CA ALA A 149 -57.81 1.63 -35.67
C ALA A 149 -56.86 2.76 -36.10
N THR A 150 -57.34 4.01 -36.20
CA THR A 150 -56.58 5.17 -36.75
C THR A 150 -56.80 6.46 -35.95
N ARG A 151 -56.98 6.37 -34.62
CA ARG A 151 -57.24 7.55 -33.75
C ARG A 151 -56.08 7.74 -32.76
N GLY A 152 -55.80 6.72 -31.93
CA GLY A 152 -54.76 6.75 -30.89
C GLY A 152 -53.36 6.94 -31.47
N PRO A 153 -52.78 5.91 -32.12
CA PRO A 153 -51.40 5.97 -32.63
C PRO A 153 -51.21 6.81 -33.91
N CYS A 154 -52.31 7.20 -34.58
CA CYS A 154 -52.30 7.91 -35.89
C CYS A 154 -52.80 9.35 -35.72
N ALA A 155 -52.40 10.01 -34.64
CA ALA A 155 -52.85 11.37 -34.25
C ALA A 155 -52.04 12.47 -34.96
N ILE A 156 -51.42 12.16 -36.10
CA ILE A 156 -50.59 13.12 -36.91
C ILE A 156 -51.50 14.23 -37.44
N VAL A 157 -52.70 13.86 -37.88
CA VAL A 157 -53.73 14.80 -38.41
C VAL A 157 -54.15 15.73 -37.25
N GLU A 158 -54.37 15.18 -36.05
CA GLU A 158 -54.76 15.96 -34.83
C GLU A 158 -53.63 16.91 -34.45
N ARG A 159 -52.40 16.38 -34.36
CA ARG A 159 -51.20 17.13 -33.89
C ARG A 159 -50.91 18.31 -34.83
N GLU A 160 -50.96 18.09 -36.14
CA GLU A 160 -50.65 19.14 -37.15
C GLU A 160 -51.92 19.94 -37.47
N ARG A 161 -52.89 19.34 -38.17
CA ARG A 161 -54.02 20.05 -38.85
C ARG A 161 -55.34 19.93 -38.07
N GLY A 162 -55.46 18.94 -37.17
CA GLY A 162 -56.72 18.64 -36.46
C GLY A 162 -57.66 17.80 -37.31
N TRP A 163 -58.28 16.78 -36.71
CA TRP A 163 -59.32 15.94 -37.38
C TRP A 163 -60.53 16.82 -37.66
N PRO A 164 -60.98 16.97 -38.93
CA PRO A 164 -62.21 17.73 -39.22
C PRO A 164 -63.47 17.03 -38.69
N ASP A 165 -64.61 17.69 -38.76
CA ASP A 165 -65.92 17.23 -38.19
C ASP A 165 -66.34 15.89 -38.81
N PHE A 166 -65.96 15.62 -40.06
CA PHE A 166 -66.38 14.42 -40.84
C PHE A 166 -65.67 13.17 -40.34
N LEU A 167 -64.39 13.27 -39.96
CA LEU A 167 -63.54 12.11 -39.55
C LEU A 167 -63.66 11.83 -38.05
N ARG A 168 -64.21 12.76 -37.26
CA ARG A 168 -64.56 12.53 -35.84
C ARG A 168 -65.77 11.58 -35.79
N CYS A 169 -65.51 10.27 -35.68
CA CYS A 169 -66.53 9.20 -35.76
C CYS A 169 -67.52 9.35 -34.60
N THR A 170 -68.71 9.89 -34.92
CA THR A 170 -69.84 10.18 -33.99
C THR A 170 -70.95 9.17 -34.28
N PRO A 171 -71.81 8.80 -33.29
CA PRO A 171 -72.80 7.72 -33.47
C PRO A 171 -73.71 7.82 -34.71
N ASP A 172 -73.96 9.04 -35.23
CA ASP A 172 -74.71 9.26 -36.50
C ASP A 172 -73.78 9.02 -37.69
N ARG A 173 -72.54 9.54 -37.65
CA ARG A 173 -71.54 9.43 -38.75
C ARG A 173 -71.08 7.97 -38.87
N PHE A 174 -70.66 7.38 -37.74
CA PHE A 174 -70.11 6.00 -37.63
C PHE A 174 -70.97 5.17 -36.68
N PRO A 175 -72.05 4.53 -37.18
CA PRO A 175 -72.84 3.59 -36.36
C PRO A 175 -72.07 2.30 -36.03
N GLU A 176 -72.48 1.63 -34.97
CA GLU A 176 -71.78 0.46 -34.36
C GLU A 176 -72.44 -0.85 -34.84
N GLY A 177 -71.62 -1.84 -35.21
CA GLY A 177 -72.05 -3.23 -35.46
C GLY A 177 -72.78 -3.39 -36.77
N CYS A 178 -72.09 -3.17 -37.90
CA CYS A 178 -72.55 -3.52 -39.27
C CYS A 178 -71.33 -3.77 -40.18
N THR A 179 -71.55 -4.43 -41.32
CA THR A 179 -70.50 -4.80 -42.31
C THR A 179 -69.78 -3.53 -42.77
N ASN A 180 -68.45 -3.58 -42.87
CA ASN A 180 -67.58 -2.45 -43.29
C ASN A 180 -67.54 -2.40 -44.82
N GLU A 181 -67.42 -3.57 -45.47
CA GLU A 181 -67.39 -3.79 -46.95
C GLU A 181 -65.98 -3.47 -47.52
N VAL A 182 -65.12 -2.78 -46.76
CA VAL A 182 -63.77 -2.33 -47.21
C VAL A 182 -62.76 -3.48 -47.00
N GLN A 183 -63.16 -4.54 -46.27
CA GLN A 183 -62.32 -5.73 -45.94
C GLN A 183 -61.70 -6.32 -47.20
N ASN A 184 -62.46 -6.37 -48.30
CA ASN A 184 -62.02 -6.90 -49.63
C ASN A 184 -60.91 -6.01 -50.22
N ILE A 185 -60.91 -4.70 -49.90
CA ILE A 185 -59.87 -3.74 -50.39
C ILE A 185 -58.62 -3.91 -49.51
N LYS A 186 -57.73 -4.83 -49.88
CA LYS A 186 -56.47 -5.13 -49.13
C LYS A 186 -55.38 -4.15 -49.59
N PHE A 187 -54.83 -3.37 -48.66
CA PHE A 187 -53.74 -2.38 -48.89
C PHE A 187 -52.40 -3.00 -48.49
N ASN A 188 -51.87 -3.85 -49.37
CA ASN A 188 -50.52 -4.49 -49.24
C ASN A 188 -49.47 -3.60 -49.89
N SER A 189 -49.79 -2.99 -51.05
CA SER A 189 -48.90 -2.09 -51.82
C SER A 189 -48.76 -0.74 -51.09
N SER A 190 -48.00 -0.74 -49.98
CA SER A 190 -47.78 0.43 -49.09
C SER A 190 -46.45 0.29 -48.35
N GLY A 191 -45.76 1.42 -48.11
CA GLY A 191 -44.46 1.46 -47.40
C GLY A 191 -43.50 2.42 -48.07
N GLN A 192 -43.22 3.57 -47.44
CA GLN A 192 -42.27 4.60 -47.95
C GLN A 192 -41.66 5.38 -46.77
N CYS A 193 -40.34 5.57 -46.80
CA CYS A 193 -39.58 6.50 -45.90
C CYS A 193 -38.61 7.33 -46.74
N GLU A 194 -38.63 8.66 -46.55
CA GLU A 194 -37.80 9.64 -47.31
C GLU A 194 -36.37 9.62 -46.74
N VAL A 195 -35.51 10.53 -47.17
CA VAL A 195 -34.06 10.58 -46.80
C VAL A 195 -33.91 10.75 -45.29
N PRO A 196 -34.64 11.69 -44.62
CA PRO A 196 -34.54 11.84 -43.17
C PRO A 196 -35.25 10.74 -42.35
N LEU A 197 -35.88 9.78 -43.02
CA LEU A 197 -36.66 8.68 -42.39
C LEU A 197 -36.09 7.31 -42.82
N VAL A 198 -36.34 6.28 -42.01
CA VAL A 198 -35.91 4.87 -42.23
C VAL A 198 -37.03 3.95 -41.73
N ARG A 199 -37.35 2.91 -42.52
CA ARG A 199 -38.33 1.83 -42.15
C ARG A 199 -37.82 1.10 -40.92
N THR A 200 -38.51 1.27 -39.79
CA THR A 200 -38.26 0.57 -38.50
C THR A 200 -39.55 -0.12 -38.08
N ASP A 201 -39.45 -1.13 -37.20
CA ASP A 201 -40.59 -1.85 -36.57
C ASP A 201 -40.34 -1.92 -35.06
N ASN A 202 -40.02 -0.77 -34.45
CA ASN A 202 -39.68 -0.65 -33.00
C ASN A 202 -40.40 0.57 -32.41
N PRO A 203 -41.47 0.37 -31.60
CA PRO A 203 -42.15 1.49 -30.93
C PRO A 203 -41.27 2.24 -29.91
N LYS A 204 -40.20 1.60 -29.42
CA LYS A 204 -39.15 2.24 -28.58
C LYS A 204 -38.43 3.31 -29.41
N SER A 205 -37.90 2.93 -30.57
CA SER A 205 -37.10 3.80 -31.48
C SER A 205 -37.91 4.09 -32.76
N TRP A 206 -38.80 5.07 -32.69
CA TRP A 206 -39.43 5.74 -33.86
C TRP A 206 -39.25 7.26 -33.72
N TYR A 207 -39.57 8.01 -34.78
CA TYR A 207 -39.59 9.49 -34.74
C TYR A 207 -40.85 9.92 -33.98
N GLU A 208 -40.80 9.77 -32.65
CA GLU A 208 -41.96 9.69 -31.69
C GLU A 208 -43.15 10.53 -32.17
N ASP A 209 -42.90 11.78 -32.58
CA ASP A 209 -43.94 12.73 -33.09
C ASP A 209 -44.67 12.13 -34.30
N VAL A 210 -43.93 11.48 -35.21
CA VAL A 210 -44.46 10.88 -36.47
C VAL A 210 -44.37 9.34 -36.37
N GLU A 211 -45.30 8.66 -37.03
CA GLU A 211 -45.39 7.16 -37.06
C GLU A 211 -44.43 6.60 -38.12
N GLY A 212 -44.54 5.29 -38.36
CA GLY A 212 -43.99 4.57 -39.53
C GLY A 212 -42.48 4.45 -39.45
N CYS A 213 -41.79 5.54 -39.77
CA CYS A 213 -40.31 5.57 -39.95
C CYS A 213 -39.63 6.15 -38.70
N GLY A 214 -38.30 6.12 -38.68
CA GLY A 214 -37.46 6.77 -37.66
C GLY A 214 -36.27 7.47 -38.27
N ILE A 215 -35.74 8.51 -37.61
CA ILE A 215 -34.51 9.25 -38.04
C ILE A 215 -33.37 8.23 -38.19
N GLN A 216 -32.49 8.43 -39.18
CA GLN A 216 -31.31 7.56 -39.44
C GLN A 216 -30.25 7.81 -38.37
N CYS A 217 -29.09 7.15 -38.50
CA CYS A 217 -27.93 7.27 -37.57
C CYS A 217 -27.12 8.54 -37.89
N GLN A 218 -26.87 8.81 -39.17
CA GLN A 218 -26.07 9.97 -39.65
C GLN A 218 -26.91 11.25 -39.54
N ASN A 219 -26.36 12.30 -38.92
CA ASN A 219 -27.03 13.62 -38.72
C ASN A 219 -27.46 14.16 -40.08
N PRO A 220 -28.79 14.41 -40.32
CA PRO A 220 -29.25 14.94 -41.61
C PRO A 220 -29.09 16.45 -41.80
N LEU A 221 -28.57 17.18 -40.79
CA LEU A 221 -28.39 18.66 -40.84
C LEU A 221 -27.10 19.02 -41.61
N PHE A 222 -26.27 18.04 -41.97
CA PHE A 222 -24.94 18.24 -42.62
C PHE A 222 -24.79 17.32 -43.83
N THR A 223 -23.64 17.43 -44.51
CA THR A 223 -23.12 16.48 -45.53
C THR A 223 -21.88 15.80 -44.96
N GLU A 224 -21.38 14.76 -45.64
CA GLU A 224 -20.24 13.90 -45.18
C GLU A 224 -18.94 14.72 -45.16
N ALA A 225 -18.87 15.81 -45.94
CA ALA A 225 -17.78 16.80 -45.94
C ALA A 225 -17.54 17.34 -44.52
N GLU A 226 -18.62 17.76 -43.85
CA GLU A 226 -18.59 18.33 -42.47
C GLU A 226 -18.19 17.24 -41.47
N HIS A 227 -18.67 16.01 -41.66
CA HIS A 227 -18.34 14.82 -40.83
C HIS A 227 -16.83 14.54 -40.95
N GLN A 228 -16.31 14.51 -42.19
CA GLN A 228 -14.85 14.35 -42.47
C GLN A 228 -14.07 15.49 -41.80
N ASP A 229 -14.56 16.73 -41.89
CA ASP A 229 -13.96 17.93 -41.25
C ASP A 229 -13.83 17.70 -39.74
N MET A 230 -14.90 17.22 -39.10
CA MET A 230 -14.93 17.01 -37.62
C MET A 230 -14.02 15.84 -37.26
N HIS A 231 -14.08 14.74 -38.03
CA HIS A 231 -13.16 13.57 -37.90
C HIS A 231 -11.71 14.07 -37.91
N SER A 232 -11.33 14.87 -38.91
CA SER A 232 -9.97 15.47 -39.01
C SER A 232 -9.64 16.31 -37.76
N TYR A 233 -10.61 17.09 -37.27
CA TYR A 233 -10.47 17.98 -36.08
C TYR A 233 -10.18 17.13 -34.84
N ILE A 234 -11.08 16.18 -34.52
CA ILE A 234 -10.95 15.26 -33.34
C ILE A 234 -9.65 14.44 -33.48
N ALA A 235 -9.32 13.97 -34.69
CA ALA A 235 -8.06 13.22 -34.98
C ALA A 235 -6.86 14.04 -34.51
N ALA A 236 -6.72 15.26 -35.05
CA ALA A 236 -5.60 16.20 -34.78
C ALA A 236 -5.43 16.42 -33.26
N PHE A 237 -6.52 16.82 -32.58
CA PHE A 237 -6.52 17.18 -31.14
C PHE A 237 -6.26 15.94 -30.27
N GLY A 238 -6.99 14.84 -30.54
CA GLY A 238 -6.79 13.55 -29.86
C GLY A 238 -5.35 13.07 -29.97
N ALA A 239 -4.77 13.15 -31.17
CA ALA A 239 -3.38 12.76 -31.47
C ALA A 239 -2.42 13.59 -30.59
N VAL A 240 -2.41 14.92 -30.75
CA VAL A 240 -1.46 15.84 -30.05
C VAL A 240 -1.54 15.63 -28.53
N THR A 241 -2.76 15.57 -27.96
CA THR A 241 -2.98 15.44 -26.50
C THR A 241 -2.47 14.07 -26.05
N GLY A 242 -2.82 13.00 -26.78
CA GLY A 242 -2.39 11.62 -26.49
C GLY A 242 -0.88 11.51 -26.41
N LEU A 243 -0.17 12.05 -27.42
CA LEU A 243 1.31 12.03 -27.52
C LEU A 243 1.93 12.79 -26.33
N CYS A 244 1.46 14.01 -26.07
CA CYS A 244 1.94 14.90 -24.98
C CYS A 244 1.69 14.24 -23.61
N THR A 245 0.54 13.60 -23.43
CA THR A 245 0.15 12.93 -22.15
C THR A 245 0.95 11.63 -21.98
N LEU A 246 1.20 10.88 -23.06
CA LEU A 246 2.07 9.67 -23.01
C LEU A 246 3.51 10.11 -22.67
N PHE A 247 3.96 11.25 -23.21
CA PHE A 247 5.30 11.86 -22.92
C PHE A 247 5.45 12.10 -21.42
N THR A 248 4.50 12.81 -20.81
CA THR A 248 4.51 13.10 -19.34
C THR A 248 4.36 11.78 -18.57
N LEU A 249 3.49 10.87 -19.02
CA LEU A 249 3.34 9.52 -18.40
C LEU A 249 4.71 8.83 -18.34
N ALA A 250 5.43 8.79 -19.46
CA ALA A 250 6.79 8.20 -19.59
C ALA A 250 7.76 8.89 -18.62
N THR A 251 7.72 10.22 -18.54
CA THR A 251 8.59 11.05 -17.67
C THR A 251 8.38 10.65 -16.20
N PHE A 252 7.14 10.43 -15.77
CA PHE A 252 6.78 10.07 -14.37
C PHE A 252 7.06 8.59 -14.11
N VAL A 253 6.84 7.71 -15.09
CA VAL A 253 6.98 6.23 -14.89
C VAL A 253 8.45 5.80 -15.01
N ALA A 254 9.26 6.49 -15.83
CA ALA A 254 10.70 6.17 -16.05
C ALA A 254 11.45 6.11 -14.72
N ASP A 255 11.07 6.94 -13.75
CA ASP A 255 11.64 6.98 -12.37
C ASP A 255 10.55 6.70 -11.33
N TRP A 256 9.48 5.96 -11.69
CA TRP A 256 8.30 5.69 -10.82
C TRP A 256 8.74 5.02 -9.52
N ARG A 257 9.77 4.19 -9.57
CA ARG A 257 10.33 3.46 -8.40
C ARG A 257 10.90 4.46 -7.38
N ASN A 258 11.31 5.65 -7.85
CA ASN A 258 11.84 6.76 -7.00
C ASN A 258 10.72 7.77 -6.70
N SER A 259 10.17 8.39 -7.75
CA SER A 259 9.19 9.52 -7.68
C SER A 259 7.84 9.02 -7.15
N ASN A 260 7.76 8.77 -5.84
CA ASN A 260 6.53 8.36 -5.11
C ASN A 260 5.99 9.51 -4.25
N ARG A 261 6.72 10.62 -4.15
CA ARG A 261 6.25 11.92 -3.55
C ARG A 261 4.84 12.22 -4.07
N TYR A 262 3.92 12.55 -3.16
CA TYR A 262 2.45 12.40 -3.41
C TYR A 262 1.91 13.47 -4.35
N PRO A 263 2.18 14.78 -4.14
CA PRO A 263 1.71 15.82 -5.08
C PRO A 263 1.99 15.52 -6.56
N ALA A 264 3.23 15.09 -6.87
CA ALA A 264 3.68 14.66 -8.21
C ALA A 264 2.87 13.44 -8.68
N VAL A 265 2.62 12.49 -7.77
CA VAL A 265 1.79 11.27 -8.04
C VAL A 265 0.36 11.70 -8.42
N ILE A 266 -0.20 12.68 -7.70
CA ILE A 266 -1.56 13.23 -7.98
C ILE A 266 -1.57 13.80 -9.40
N LEU A 267 -0.53 14.58 -9.75
CA LEU A 267 -0.35 15.17 -11.11
C LEU A 267 -0.27 14.04 -12.14
N PHE A 268 0.49 12.97 -11.84
CA PHE A 268 0.60 11.75 -12.68
C PHE A 268 -0.80 11.15 -12.93
N TYR A 269 -1.61 11.03 -11.87
CA TYR A 269 -2.98 10.44 -11.94
C TYR A 269 -3.92 11.31 -12.78
N VAL A 270 -3.83 12.64 -12.64
CA VAL A 270 -4.55 13.62 -13.51
C VAL A 270 -4.21 13.27 -14.97
N ASN A 271 -2.91 13.27 -15.30
CA ASN A 271 -2.38 12.97 -16.66
C ASN A 271 -2.95 11.63 -17.14
N ALA A 272 -2.81 10.57 -16.34
CA ALA A 272 -3.30 9.21 -16.65
C ALA A 272 -4.79 9.26 -17.03
N CYS A 273 -5.62 9.92 -16.21
CA CYS A 273 -7.09 10.07 -16.41
C CYS A 273 -7.39 10.76 -17.75
N PHE A 274 -6.66 11.84 -18.07
CA PHE A 274 -6.84 12.61 -19.34
C PHE A 274 -6.36 11.76 -20.53
N PHE A 275 -5.30 10.96 -20.34
CA PHE A 275 -4.80 10.03 -21.39
C PHE A 275 -5.88 8.98 -21.73
N VAL A 276 -6.49 8.35 -20.72
CA VAL A 276 -7.54 7.30 -20.96
C VAL A 276 -8.78 7.98 -21.56
N GLY A 277 -9.03 9.26 -21.20
CA GLY A 277 -10.04 10.11 -21.86
C GLY A 277 -9.73 10.30 -23.34
N SER A 278 -8.47 10.61 -23.67
CA SER A 278 -7.96 10.77 -25.06
C SER A 278 -8.21 9.48 -25.87
N ILE A 279 -7.78 8.33 -25.34
CA ILE A 279 -7.92 7.00 -26.04
C ILE A 279 -9.41 6.66 -26.15
N GLY A 280 -10.23 7.11 -25.19
CA GLY A 280 -11.70 6.99 -25.25
C GLY A 280 -12.25 7.72 -26.47
N TRP A 281 -11.93 9.02 -26.58
CA TRP A 281 -12.29 9.88 -27.75
C TRP A 281 -11.73 9.29 -29.05
N LEU A 282 -10.53 8.72 -29.01
CA LEU A 282 -9.89 8.03 -30.17
C LEU A 282 -10.24 6.54 -30.14
N ALA A 283 -11.53 6.22 -30.24
CA ALA A 283 -12.07 4.85 -30.42
C ALA A 283 -12.79 4.73 -31.77
N GLN A 284 -12.46 5.62 -32.71
CA GLN A 284 -13.09 5.71 -34.06
C GLN A 284 -11.98 5.79 -35.12
N PHE A 285 -12.34 6.08 -36.38
CA PHE A 285 -11.46 6.11 -37.58
C PHE A 285 -11.14 4.69 -38.07
N MET A 286 -11.73 3.65 -37.45
CA MET A 286 -11.58 2.25 -37.90
C MET A 286 -12.55 2.03 -39.07
N ASP A 287 -12.36 0.96 -39.84
CA ASP A 287 -13.18 0.60 -41.04
C ASP A 287 -14.67 0.58 -40.68
N GLY A 288 -15.03 -0.03 -39.54
CA GLY A 288 -16.42 -0.23 -39.08
C GLY A 288 -16.62 0.19 -37.64
N ALA A 289 -16.19 1.42 -37.30
CA ALA A 289 -16.23 1.98 -35.93
C ALA A 289 -17.55 2.73 -35.69
N ARG A 290 -17.79 3.81 -36.43
CA ARG A 290 -18.94 4.74 -36.18
C ARG A 290 -20.25 3.94 -36.29
N ARG A 291 -20.36 3.01 -37.24
CA ARG A 291 -21.58 2.17 -37.45
C ARG A 291 -21.85 1.32 -36.21
N GLU A 292 -20.83 0.64 -35.67
CA GLU A 292 -20.99 -0.28 -34.50
C GLU A 292 -21.23 0.53 -33.23
N ILE A 293 -20.61 1.72 -33.11
CA ILE A 293 -20.71 2.59 -31.91
C ILE A 293 -22.09 3.28 -31.90
N VAL A 294 -22.31 4.25 -32.80
CA VAL A 294 -23.43 5.24 -32.70
C VAL A 294 -24.67 4.79 -33.50
N CYS A 295 -24.51 3.92 -34.51
CA CYS A 295 -25.65 3.42 -35.34
C CYS A 295 -26.19 2.12 -34.74
N ARG A 296 -27.52 1.93 -34.82
CA ARG A 296 -28.26 0.75 -34.29
C ARG A 296 -28.41 -0.30 -35.39
N ALA A 297 -28.98 -1.47 -35.05
CA ALA A 297 -29.22 -2.62 -35.95
C ALA A 297 -30.20 -2.24 -37.05
N ASP A 298 -31.34 -1.63 -36.68
CA ASP A 298 -32.39 -1.13 -37.60
C ASP A 298 -31.84 -0.07 -38.54
N GLY A 299 -30.88 0.74 -38.07
CA GLY A 299 -30.29 1.88 -38.79
C GLY A 299 -30.84 3.20 -38.28
N THR A 300 -31.08 3.31 -36.97
CA THR A 300 -31.54 4.53 -36.25
C THR A 300 -30.37 5.03 -35.39
N MET A 301 -30.35 6.32 -35.06
CA MET A 301 -29.39 6.89 -34.07
C MET A 301 -29.74 6.35 -32.69
N ARG A 302 -28.76 6.29 -31.79
CA ARG A 302 -28.95 5.89 -30.38
C ARG A 302 -29.86 6.91 -29.70
N LEU A 303 -30.93 6.45 -29.03
CA LEU A 303 -31.85 7.26 -28.19
C LEU A 303 -32.13 6.47 -26.89
N GLY A 304 -32.29 7.17 -25.77
CA GLY A 304 -32.55 6.54 -24.46
C GLY A 304 -31.49 5.51 -24.13
N GLU A 305 -30.22 5.83 -24.41
CA GLU A 305 -29.08 4.94 -24.10
C GLU A 305 -29.21 4.65 -22.59
N PRO A 306 -28.52 3.50 -22.14
CA PRO A 306 -28.51 2.29 -22.98
C PRO A 306 -29.79 1.44 -22.94
N THR A 307 -30.11 0.83 -24.07
CA THR A 307 -31.30 -0.04 -24.20
C THR A 307 -30.94 -1.43 -23.69
N SER A 308 -31.92 -2.11 -23.08
CA SER A 308 -31.79 -3.50 -22.58
C SER A 308 -32.09 -4.52 -23.70
N ASN A 309 -32.21 -4.07 -24.95
CA ASN A 309 -32.59 -4.86 -26.15
C ASN A 309 -31.34 -5.12 -26.99
N GLU A 310 -30.65 -4.06 -27.40
CA GLU A 310 -29.51 -4.08 -28.37
C GLU A 310 -28.18 -4.18 -27.62
N THR A 311 -27.07 -4.13 -28.36
CA THR A 311 -25.67 -4.28 -27.88
C THR A 311 -25.30 -3.14 -26.92
N LEU A 312 -24.35 -3.39 -26.00
CA LEU A 312 -23.78 -2.37 -25.07
C LEU A 312 -22.41 -1.95 -25.60
N SER A 313 -22.36 -1.48 -26.84
CA SER A 313 -21.12 -1.13 -27.59
C SER A 313 -20.62 0.27 -27.18
N CYS A 314 -21.49 1.29 -27.26
CA CYS A 314 -21.12 2.72 -27.06
C CYS A 314 -21.43 3.20 -25.64
N VAL A 315 -22.27 2.47 -24.88
CA VAL A 315 -22.53 2.79 -23.45
C VAL A 315 -21.21 2.71 -22.67
N ILE A 316 -20.33 1.76 -23.04
CA ILE A 316 -19.00 1.60 -22.38
C ILE A 316 -18.07 2.73 -22.86
N ILE A 317 -18.08 3.09 -24.15
CA ILE A 317 -17.21 4.18 -24.69
C ILE A 317 -17.67 5.52 -24.09
N PHE A 318 -18.96 5.63 -23.73
CA PHE A 318 -19.51 6.77 -22.95
C PHE A 318 -18.96 6.76 -21.52
N VAL A 319 -19.14 5.64 -20.80
CA VAL A 319 -18.83 5.56 -19.33
C VAL A 319 -17.33 5.83 -19.11
N ILE A 320 -16.46 5.30 -19.98
CA ILE A 320 -14.97 5.43 -19.81
C ILE A 320 -14.57 6.91 -19.95
N VAL A 321 -15.10 7.61 -20.96
CA VAL A 321 -14.72 9.03 -21.28
C VAL A 321 -15.28 9.96 -20.19
N TYR A 322 -16.51 9.71 -19.73
CA TYR A 322 -17.17 10.49 -18.66
C TYR A 322 -16.42 10.30 -17.34
N TYR A 323 -16.11 9.04 -16.98
CA TYR A 323 -15.32 8.69 -15.77
C TYR A 323 -13.94 9.34 -15.85
N ALA A 324 -13.28 9.23 -17.01
CA ALA A 324 -11.95 9.82 -17.30
C ALA A 324 -11.96 11.31 -16.94
N LEU A 325 -12.89 12.07 -17.52
CA LEU A 325 -12.97 13.56 -17.37
C LEU A 325 -13.31 13.93 -15.92
N MET A 326 -14.34 13.29 -15.34
CA MET A 326 -14.80 13.59 -13.95
C MET A 326 -13.68 13.25 -12.95
N ALA A 327 -13.08 12.06 -13.05
CA ALA A 327 -11.94 11.62 -12.22
C ALA A 327 -10.78 12.63 -12.35
N GLY A 328 -10.42 13.00 -13.59
CA GLY A 328 -9.36 13.97 -13.90
C GLY A 328 -9.56 15.31 -13.19
N VAL A 329 -10.77 15.87 -13.29
CA VAL A 329 -11.12 17.22 -12.74
C VAL A 329 -11.13 17.16 -11.20
N VAL A 330 -11.70 16.10 -10.60
CA VAL A 330 -11.76 15.93 -9.12
C VAL A 330 -10.34 15.68 -8.58
N TRP A 331 -9.52 14.90 -9.31
CA TRP A 331 -8.07 14.75 -9.03
C TRP A 331 -7.40 16.13 -8.99
N PHE A 332 -7.69 16.98 -9.99
CA PHE A 332 -7.12 18.35 -10.11
C PHE A 332 -7.47 19.19 -8.87
N VAL A 333 -8.74 19.20 -8.44
CA VAL A 333 -9.18 20.03 -7.27
C VAL A 333 -8.51 19.51 -6.00
N VAL A 334 -8.39 18.18 -5.86
CA VAL A 334 -7.65 17.51 -4.75
C VAL A 334 -6.18 17.99 -4.78
N LEU A 335 -5.56 18.00 -5.97
CA LEU A 335 -4.17 18.51 -6.17
C LEU A 335 -4.06 19.93 -5.59
N THR A 336 -4.97 20.82 -5.99
CA THR A 336 -5.01 22.25 -5.56
C THR A 336 -5.09 22.33 -4.03
N TYR A 337 -5.99 21.54 -3.42
CA TYR A 337 -6.14 21.45 -1.94
C TYR A 337 -4.82 20.99 -1.31
N ALA A 338 -4.23 19.92 -1.85
CA ALA A 338 -2.94 19.34 -1.38
C ALA A 338 -1.84 20.41 -1.43
N TRP A 339 -1.82 21.22 -2.48
CA TRP A 339 -0.82 22.32 -2.64
C TRP A 339 -1.04 23.39 -1.57
N HIS A 340 -2.27 23.88 -1.40
CA HIS A 340 -2.63 24.89 -0.37
C HIS A 340 -2.17 24.43 1.01
N THR A 341 -2.52 23.20 1.40
CA THR A 341 -2.24 22.63 2.75
C THR A 341 -0.73 22.42 2.92
N SER A 342 -0.02 22.01 1.86
CA SER A 342 1.47 21.90 1.84
C SER A 342 2.09 23.28 2.06
N PHE A 343 1.78 24.23 1.17
CA PHE A 343 2.34 25.62 1.16
C PHE A 343 2.04 26.35 2.47
N LYS A 344 0.94 26.02 3.16
CA LYS A 344 0.64 26.48 4.54
C LYS A 344 1.85 26.18 5.44
N ALA A 345 2.33 24.94 5.40
CA ALA A 345 3.46 24.43 6.22
C ALA A 345 4.72 24.31 5.36
N LEU A 346 5.01 25.31 4.53
CA LEU A 346 6.28 25.39 3.76
C LEU A 346 7.40 25.76 4.74
N GLY A 347 8.45 24.93 4.80
CA GLY A 347 9.46 24.97 5.89
C GLY A 347 8.91 24.33 7.15
N THR A 348 9.76 24.19 8.18
CA THR A 348 9.43 23.61 9.51
C THR A 348 9.17 22.10 9.42
N THR A 349 9.45 21.46 8.27
CA THR A 349 9.35 20.00 7.99
C THR A 349 8.10 19.37 8.62
N TYR A 350 6.97 20.10 8.60
CA TYR A 350 5.61 19.60 8.99
C TYR A 350 4.79 19.44 7.71
N GLN A 351 4.17 18.27 7.51
CA GLN A 351 3.43 17.94 6.27
C GLN A 351 2.03 17.41 6.64
N PRO A 352 0.96 18.17 6.34
CA PRO A 352 -0.41 17.74 6.60
C PRO A 352 -0.90 16.59 5.71
N LEU A 353 -0.63 16.69 4.40
CA LEU A 353 -1.07 15.77 3.30
C LEU A 353 -0.77 14.29 3.60
N SER A 354 0.41 13.96 4.12
CA SER A 354 0.92 12.56 4.30
C SER A 354 0.01 11.75 5.23
N GLY A 355 -0.58 12.38 6.25
CA GLY A 355 -1.39 11.72 7.29
C GLY A 355 -2.70 11.15 6.75
N LYS A 356 -3.45 11.93 5.97
CA LYS A 356 -4.85 11.65 5.55
C LYS A 356 -4.94 11.19 4.09
N THR A 357 -3.81 10.92 3.44
CA THR A 357 -3.69 10.62 1.97
C THR A 357 -4.73 9.58 1.51
N SER A 358 -4.87 8.45 2.24
CA SER A 358 -5.70 7.28 1.86
C SER A 358 -7.17 7.68 1.67
N TYR A 359 -7.73 8.46 2.60
CA TYR A 359 -9.16 8.88 2.64
C TYR A 359 -9.48 9.76 1.43
N PHE A 360 -8.63 10.74 1.14
CA PHE A 360 -8.84 11.70 0.02
C PHE A 360 -8.68 10.93 -1.31
N HIS A 361 -7.73 10.00 -1.39
CA HIS A 361 -7.50 9.12 -2.57
C HIS A 361 -8.76 8.29 -2.85
N LEU A 362 -9.35 7.70 -1.80
CA LEU A 362 -10.64 6.96 -1.90
C LEU A 362 -11.72 7.93 -2.42
N LEU A 363 -11.83 9.11 -1.81
CA LEU A 363 -12.90 10.11 -2.12
C LEU A 363 -12.89 10.42 -3.62
N THR A 364 -11.72 10.80 -4.17
CA THR A 364 -11.58 11.27 -5.59
C THR A 364 -12.09 10.20 -6.57
N TRP A 365 -11.80 8.92 -6.29
CA TRP A 365 -12.12 7.77 -7.19
C TRP A 365 -13.63 7.52 -7.25
N SER A 366 -14.33 7.69 -6.11
CA SER A 366 -15.75 7.28 -5.93
C SER A 366 -16.71 8.27 -6.62
N LEU A 367 -16.45 9.58 -6.51
CA LEU A 367 -17.38 10.67 -6.92
C LEU A 367 -17.78 10.54 -8.39
N PRO A 368 -16.84 10.34 -9.35
CA PRO A 368 -17.22 10.09 -10.75
C PRO A 368 -18.09 8.84 -10.94
N PHE A 369 -17.77 7.75 -10.22
CA PHE A 369 -18.51 6.45 -10.29
C PHE A 369 -19.94 6.64 -9.79
N VAL A 370 -20.15 7.37 -8.69
CA VAL A 370 -21.51 7.61 -8.11
C VAL A 370 -22.29 8.55 -9.04
N LEU A 371 -21.60 9.48 -9.72
CA LEU A 371 -22.24 10.41 -10.69
C LEU A 371 -22.66 9.63 -11.94
N THR A 372 -21.79 8.76 -12.48
CA THR A 372 -22.07 7.98 -13.72
C THR A 372 -23.17 6.94 -13.48
N VAL A 373 -23.27 6.36 -12.28
CA VAL A 373 -24.39 5.42 -11.93
C VAL A 373 -25.68 6.22 -11.73
N ALA A 374 -25.58 7.43 -11.14
CA ALA A 374 -26.71 8.39 -11.04
C ALA A 374 -27.18 8.80 -12.43
N ILE A 375 -26.26 8.87 -13.41
CA ILE A 375 -26.58 9.02 -14.86
C ILE A 375 -27.36 7.77 -15.32
N LEU A 376 -26.75 6.57 -15.18
CA LEU A 376 -27.30 5.30 -15.74
C LEU A 376 -28.66 4.95 -15.13
N ALA A 377 -28.97 5.45 -13.93
CA ALA A 377 -30.27 5.25 -13.24
C ALA A 377 -31.43 5.76 -14.11
N VAL A 378 -31.50 7.07 -14.35
CA VAL A 378 -32.41 7.71 -15.35
C VAL A 378 -31.50 8.35 -16.42
N ALA A 379 -31.23 7.61 -17.49
CA ALA A 379 -30.19 7.91 -18.51
C ALA A 379 -30.86 8.36 -19.81
N GLN A 380 -30.59 9.61 -20.23
CA GLN A 380 -30.94 10.17 -21.55
C GLN A 380 -29.66 10.33 -22.39
N VAL A 381 -28.57 9.66 -22.00
CA VAL A 381 -27.34 9.53 -22.84
C VAL A 381 -27.75 8.90 -24.17
N ASP A 382 -27.04 9.25 -25.25
CA ASP A 382 -27.36 8.78 -26.63
C ASP A 382 -26.13 9.04 -27.53
N GLY A 383 -26.31 8.81 -28.84
CA GLY A 383 -25.24 8.80 -29.85
C GLY A 383 -25.09 10.14 -30.54
N ASP A 384 -24.01 10.28 -31.30
CA ASP A 384 -23.67 11.52 -32.06
C ASP A 384 -22.81 11.14 -33.27
N SER A 385 -23.23 11.54 -34.47
CA SER A 385 -22.54 11.26 -35.76
C SER A 385 -21.57 12.40 -36.13
N VAL A 386 -21.82 13.63 -35.67
CA VAL A 386 -21.01 14.83 -36.00
C VAL A 386 -19.72 14.82 -35.19
N SER A 387 -19.79 14.37 -33.92
CA SER A 387 -18.64 14.24 -32.98
C SER A 387 -18.08 12.81 -33.03
N GLY A 388 -18.96 11.80 -33.08
CA GLY A 388 -18.59 10.38 -33.18
C GLY A 388 -18.33 9.76 -31.81
N ILE A 389 -19.28 9.91 -30.89
CA ILE A 389 -19.23 9.34 -29.51
C ILE A 389 -20.64 9.34 -28.93
N CYS A 390 -21.05 8.24 -28.28
CA CYS A 390 -22.24 8.20 -27.38
C CYS A 390 -21.89 9.01 -26.13
N PHE A 391 -22.56 10.14 -25.90
CA PHE A 391 -22.34 11.01 -24.71
C PHE A 391 -23.71 11.55 -24.25
N VAL A 392 -23.76 12.09 -23.04
CA VAL A 392 -25.04 12.31 -22.27
C VAL A 392 -25.74 13.60 -22.72
N GLY A 393 -27.07 13.52 -22.84
CA GLY A 393 -28.02 14.65 -22.81
C GLY A 393 -28.17 15.38 -24.14
N TYR A 394 -27.76 14.77 -25.25
CA TYR A 394 -27.96 15.31 -26.63
C TYR A 394 -29.45 15.39 -26.94
N LYS A 395 -30.24 14.44 -26.43
CA LYS A 395 -31.72 14.40 -26.62
C LYS A 395 -32.36 15.53 -25.80
N ASN A 396 -32.00 15.64 -24.51
CA ASN A 396 -32.64 16.57 -23.54
C ASN A 396 -31.58 17.51 -22.94
N TYR A 397 -31.66 18.79 -23.30
CA TYR A 397 -30.73 19.90 -22.93
C TYR A 397 -30.59 20.00 -21.39
N ARG A 398 -31.71 19.92 -20.66
CA ARG A 398 -31.82 20.21 -19.21
C ARG A 398 -30.83 19.35 -18.40
N TYR A 399 -30.84 18.03 -18.60
CA TYR A 399 -30.08 17.04 -17.80
C TYR A 399 -28.57 17.25 -18.02
N ARG A 400 -28.13 17.28 -19.29
CA ARG A 400 -26.72 17.58 -19.66
C ARG A 400 -26.32 18.93 -19.09
N ALA A 401 -27.17 19.96 -19.23
CA ALA A 401 -26.94 21.31 -18.67
C ALA A 401 -26.56 21.16 -17.20
N GLY A 402 -27.47 20.60 -16.39
CA GLY A 402 -27.27 20.35 -14.95
C GLY A 402 -25.99 19.57 -14.67
N PHE A 403 -25.81 18.42 -15.35
CA PHE A 403 -24.75 17.42 -15.05
C PHE A 403 -23.37 17.89 -15.52
N VAL A 404 -23.29 18.81 -16.49
CA VAL A 404 -22.00 19.45 -16.90
C VAL A 404 -21.77 20.69 -16.04
N LEU A 405 -22.78 21.56 -15.89
CA LEU A 405 -22.62 22.88 -15.20
C LEU A 405 -22.26 22.68 -13.72
N ALA A 406 -22.96 21.79 -13.00
CA ALA A 406 -22.92 21.69 -11.52
C ALA A 406 -21.53 21.27 -11.03
N PRO A 407 -20.91 20.17 -11.53
CA PRO A 407 -19.54 19.82 -11.14
C PRO A 407 -18.50 20.91 -11.46
N ILE A 408 -18.59 21.50 -12.65
CA ILE A 408 -17.62 22.53 -13.16
C ILE A 408 -17.74 23.81 -12.32
N GLY A 409 -18.97 24.23 -12.03
CA GLY A 409 -19.28 25.36 -11.12
C GLY A 409 -18.67 25.12 -9.75
N LEU A 410 -18.99 23.96 -9.15
CA LEU A 410 -18.39 23.50 -7.87
C LEU A 410 -16.86 23.61 -7.96
N VAL A 411 -16.26 22.94 -8.95
CA VAL A 411 -14.77 22.82 -9.09
C VAL A 411 -14.14 24.21 -9.26
N LEU A 412 -14.75 25.11 -10.05
CA LEU A 412 -14.19 26.47 -10.24
C LEU A 412 -14.21 27.20 -8.88
N ILE A 413 -15.37 27.23 -8.21
CA ILE A 413 -15.58 27.99 -6.94
C ILE A 413 -14.58 27.52 -5.88
N VAL A 414 -14.36 26.20 -5.74
CA VAL A 414 -13.52 25.61 -4.66
C VAL A 414 -12.04 25.62 -5.07
N GLY A 415 -11.73 25.21 -6.31
CA GLY A 415 -10.36 25.19 -6.86
C GLY A 415 -9.75 26.58 -6.87
N GLY A 416 -10.47 27.54 -7.45
CA GLY A 416 -10.11 28.98 -7.44
C GLY A 416 -9.75 29.44 -6.03
N TYR A 417 -10.65 29.22 -5.07
CA TYR A 417 -10.51 29.62 -3.65
C TYR A 417 -9.20 29.05 -3.07
N PHE A 418 -9.04 27.72 -3.13
CA PHE A 418 -7.86 27.00 -2.59
C PHE A 418 -6.58 27.50 -3.27
N LEU A 419 -6.61 27.67 -4.60
CA LEU A 419 -5.44 28.19 -5.37
C LEU A 419 -5.09 29.61 -4.91
N ILE A 420 -6.09 30.47 -4.70
CA ILE A 420 -5.90 31.87 -4.22
C ILE A 420 -5.31 31.86 -2.80
N ARG A 421 -5.81 30.98 -1.92
CA ARG A 421 -5.27 30.85 -0.53
C ARG A 421 -3.82 30.35 -0.59
N GLY A 422 -3.55 29.35 -1.44
CA GLY A 422 -2.20 28.81 -1.69
C GLY A 422 -1.22 29.88 -2.14
N VAL A 423 -1.59 30.67 -3.15
CA VAL A 423 -0.70 31.74 -3.72
C VAL A 423 -0.51 32.86 -2.69
N MET A 424 -1.57 33.24 -1.96
CA MET A 424 -1.53 34.28 -0.89
C MET A 424 -0.60 33.83 0.24
N THR A 425 -0.67 32.55 0.64
CA THR A 425 0.26 31.92 1.63
C THR A 425 1.69 32.09 1.11
N LEU A 426 2.04 31.41 0.00
CA LEU A 426 3.44 31.34 -0.50
C LEU A 426 3.95 32.70 -1.01
N PHE A 427 3.06 33.71 -1.17
CA PHE A 427 3.46 35.13 -1.33
C PHE A 427 3.93 35.69 0.02
N SER A 428 3.13 35.53 1.08
CA SER A 428 3.38 36.07 2.44
C SER A 428 4.63 35.43 3.05
N ILE A 429 4.94 34.18 2.72
CA ILE A 429 6.11 33.42 3.25
C ILE A 429 7.41 34.12 2.84
N LYS A 430 7.47 34.72 1.64
CA LYS A 430 8.63 35.53 1.18
C LYS A 430 8.88 36.69 2.15
N SER A 431 7.81 37.36 2.61
CA SER A 431 7.86 38.57 3.44
C SER A 431 8.19 38.23 4.90
N ASN A 432 7.38 37.38 5.53
CA ASN A 432 7.24 37.30 7.02
C ASN A 432 8.02 36.13 7.63
N HIS A 433 8.72 35.29 6.84
CA HIS A 433 9.48 34.12 7.36
C HIS A 433 10.61 34.62 8.25
N PRO A 434 10.76 34.11 9.50
CA PRO A 434 11.76 34.65 10.44
C PRO A 434 13.20 34.53 9.93
N GLY A 435 13.58 33.34 9.45
CA GLY A 435 14.85 33.11 8.74
C GLY A 435 14.88 33.87 7.42
N LEU A 436 15.92 34.68 7.19
CA LEU A 436 16.08 35.45 5.93
C LEU A 436 16.25 34.46 4.77
N LEU A 437 15.25 34.37 3.88
CA LEU A 437 15.25 33.45 2.72
C LEU A 437 16.36 33.89 1.75
N SER A 438 17.27 32.98 1.41
CA SER A 438 18.36 33.22 0.42
C SER A 438 17.75 33.48 -0.97
N GLU A 439 18.48 34.19 -1.83
CA GLU A 439 18.09 34.54 -3.23
C GLU A 439 17.71 33.27 -4.01
N LYS A 440 18.39 32.14 -3.78
CA LYS A 440 18.17 30.86 -4.51
C LYS A 440 16.75 30.34 -4.25
N ALA A 441 16.26 30.47 -3.00
CA ALA A 441 14.90 30.04 -2.58
C ALA A 441 13.86 31.08 -3.05
N ALA A 442 14.14 32.37 -2.89
CA ALA A 442 13.25 33.50 -3.26
C ALA A 442 12.96 33.47 -4.77
N SER A 443 13.97 33.18 -5.59
CA SER A 443 13.87 33.03 -7.07
C SER A 443 12.84 31.94 -7.43
N LYS A 444 12.99 30.75 -6.84
CA LYS A 444 12.13 29.57 -7.10
C LYS A 444 10.70 29.83 -6.60
N ILE A 445 10.53 30.41 -5.42
CA ILE A 445 9.18 30.67 -4.81
C ILE A 445 8.46 31.76 -5.63
N ASN A 446 9.19 32.74 -6.16
CA ASN A 446 8.61 33.81 -7.03
C ASN A 446 8.20 33.20 -8.38
N GLU A 447 9.04 32.32 -8.95
CA GLU A 447 8.77 31.59 -10.22
C GLU A 447 7.47 30.77 -10.06
N THR A 448 7.38 29.96 -8.99
CA THR A 448 6.22 29.07 -8.72
C THR A 448 4.95 29.92 -8.50
N MET A 449 5.08 31.05 -7.78
CA MET A 449 3.95 32.01 -7.53
C MET A 449 3.38 32.48 -8.87
N LEU A 450 4.21 33.11 -9.71
CA LEU A 450 3.85 33.59 -11.07
C LEU A 450 3.18 32.45 -11.84
N ARG A 451 3.82 31.27 -11.83
CA ARG A 451 3.44 30.07 -12.62
C ARG A 451 2.07 29.55 -12.21
N LEU A 452 1.81 29.42 -10.89
CA LEU A 452 0.48 29.00 -10.37
C LEU A 452 -0.60 30.02 -10.75
N GLY A 453 -0.25 31.31 -10.73
CA GLY A 453 -1.13 32.42 -11.18
C GLY A 453 -1.58 32.21 -12.62
N ILE A 454 -0.63 31.92 -13.52
CA ILE A 454 -0.87 31.68 -14.98
C ILE A 454 -1.73 30.42 -15.17
N PHE A 455 -1.40 29.33 -14.45
CA PHE A 455 -2.14 28.04 -14.55
C PHE A 455 -3.60 28.23 -14.11
N GLY A 456 -3.82 28.94 -12.99
CA GLY A 456 -5.16 29.33 -12.50
C GLY A 456 -5.92 30.16 -13.53
N PHE A 457 -5.22 31.09 -14.19
CA PHE A 457 -5.77 31.96 -15.26
C PHE A 457 -6.28 31.09 -16.43
N LEU A 458 -5.49 30.11 -16.87
CA LEU A 458 -5.85 29.19 -17.99
C LEU A 458 -7.07 28.35 -17.60
N ALA A 459 -7.09 27.81 -16.37
CA ALA A 459 -8.22 27.03 -15.82
C ALA A 459 -9.50 27.88 -15.90
N PHE A 460 -9.46 29.11 -15.39
CA PHE A 460 -10.58 30.09 -15.42
C PHE A 460 -11.07 30.29 -16.86
N GLY A 461 -10.15 30.55 -17.79
CA GLY A 461 -10.43 30.74 -19.22
C GLY A 461 -11.21 29.58 -19.82
N PHE A 462 -10.78 28.34 -19.53
CA PHE A 462 -11.40 27.09 -20.03
C PHE A 462 -12.81 26.90 -19.45
N VAL A 463 -13.00 27.22 -18.17
CA VAL A 463 -14.34 27.11 -17.49
C VAL A 463 -15.29 28.13 -18.13
N LEU A 464 -14.82 29.35 -18.41
CA LEU A 464 -15.65 30.42 -19.04
C LEU A 464 -16.09 29.96 -20.44
N ILE A 465 -15.15 29.53 -21.30
CA ILE A 465 -15.42 29.18 -22.72
C ILE A 465 -16.42 28.02 -22.79
N THR A 466 -16.25 26.99 -21.96
CA THR A 466 -17.15 25.79 -21.94
C THR A 466 -18.55 26.24 -21.49
N PHE A 467 -18.64 27.04 -20.43
CA PHE A 467 -19.94 27.51 -19.84
C PHE A 467 -20.74 28.29 -20.89
N SER A 468 -20.09 29.28 -21.54
CA SER A 468 -20.69 30.16 -22.57
C SER A 468 -21.20 29.31 -23.74
N CYS A 469 -20.37 28.42 -24.26
CA CYS A 469 -20.68 27.50 -25.40
C CYS A 469 -21.87 26.59 -25.04
N HIS A 470 -21.89 26.07 -23.81
CA HIS A 470 -22.99 25.21 -23.29
C HIS A 470 -24.32 25.96 -23.37
N PHE A 471 -24.41 27.16 -22.77
CA PHE A 471 -25.64 27.99 -22.76
C PHE A 471 -26.10 28.26 -24.20
N TYR A 472 -25.18 28.68 -25.07
CA TYR A 472 -25.43 28.94 -26.51
C TYR A 472 -26.07 27.70 -27.14
N ASP A 473 -25.46 26.53 -26.92
CA ASP A 473 -25.97 25.22 -27.44
C ASP A 473 -27.38 24.96 -26.90
N PHE A 474 -27.63 25.22 -25.61
CA PHE A 474 -28.94 24.94 -24.95
C PHE A 474 -30.07 25.69 -25.68
N PHE A 475 -29.89 26.99 -25.90
CA PHE A 475 -30.89 27.86 -26.57
C PHE A 475 -31.05 27.46 -28.04
N ASN A 476 -29.93 27.22 -28.73
CA ASN A 476 -29.93 26.94 -30.20
C ASN A 476 -30.57 25.56 -30.44
N GLN A 477 -30.29 24.57 -29.59
CA GLN A 477 -30.93 23.22 -29.62
C GLN A 477 -32.45 23.35 -29.40
N ALA A 478 -32.85 24.17 -28.43
CA ALA A 478 -34.28 24.46 -28.12
C ALA A 478 -35.00 24.96 -29.37
N GLU A 479 -34.32 25.75 -30.20
CA GLU A 479 -34.87 26.24 -31.51
C GLU A 479 -34.76 25.14 -32.58
N TRP A 480 -33.62 24.44 -32.67
CA TRP A 480 -33.30 23.45 -33.74
C TRP A 480 -34.38 22.35 -33.80
N GLU A 481 -34.88 21.92 -32.63
CA GLU A 481 -35.95 20.89 -32.51
C GLU A 481 -37.16 21.30 -33.38
N ARG A 482 -37.65 22.52 -33.19
CA ARG A 482 -38.83 23.09 -33.91
C ARG A 482 -38.50 23.28 -35.40
N SER A 483 -37.31 23.81 -35.69
CA SER A 483 -36.78 24.02 -37.07
C SER A 483 -36.81 22.69 -37.85
N PHE A 484 -36.29 21.62 -37.24
CA PHE A 484 -36.25 20.26 -37.84
C PHE A 484 -37.67 19.73 -38.06
N ARG A 485 -38.57 19.92 -37.09
CA ARG A 485 -40.00 19.49 -37.19
C ARG A 485 -40.65 20.16 -38.41
N ASP A 486 -40.40 21.47 -38.60
CA ASP A 486 -40.91 22.25 -39.76
C ASP A 486 -40.32 21.69 -41.06
N TYR A 487 -39.03 21.31 -41.04
CA TYR A 487 -38.31 20.74 -42.20
C TYR A 487 -38.98 19.42 -42.63
N VAL A 488 -39.16 18.47 -41.70
CA VAL A 488 -39.71 17.11 -41.99
C VAL A 488 -41.17 17.25 -42.45
N LEU A 489 -41.92 18.19 -41.87
CA LEU A 489 -43.29 18.58 -42.33
C LEU A 489 -43.20 18.97 -43.81
N CYS A 490 -42.29 19.91 -44.13
CA CYS A 490 -42.02 20.38 -45.52
C CYS A 490 -41.71 19.19 -46.42
N GLN A 491 -40.82 18.28 -45.98
CA GLN A 491 -40.41 17.06 -46.73
C GLN A 491 -41.62 16.15 -46.99
N ALA A 492 -42.60 16.12 -46.09
CA ALA A 492 -43.88 15.40 -46.27
C ALA A 492 -44.79 16.17 -47.24
N ASN A 493 -44.65 17.49 -47.33
CA ASN A 493 -45.53 18.41 -48.10
C ASN A 493 -44.99 18.65 -49.52
N VAL A 494 -43.84 18.07 -49.89
CA VAL A 494 -43.20 18.28 -51.23
C VAL A 494 -44.11 17.72 -52.32
N THR A 495 -44.76 16.58 -52.07
CA THR A 495 -45.69 15.88 -53.01
C THR A 495 -46.96 16.72 -53.21
N ILE A 496 -47.49 17.32 -52.14
CA ILE A 496 -48.81 18.03 -52.15
C ILE A 496 -48.61 19.36 -52.89
N GLY A 497 -49.08 19.45 -54.14
CA GLY A 497 -48.94 20.64 -55.00
C GLY A 497 -47.52 20.77 -55.54
N ASP A 506 -35.44 21.75 -52.86
CA ASP A 506 -36.27 20.84 -52.02
C ASP A 506 -37.09 21.70 -51.04
N CYS A 507 -36.46 22.20 -49.98
CA CYS A 507 -37.06 23.05 -48.92
C CYS A 507 -35.94 23.61 -48.05
N GLU A 508 -35.93 24.93 -47.82
CA GLU A 508 -34.84 25.64 -47.08
C GLU A 508 -34.86 25.20 -45.60
N ILE A 509 -33.67 25.02 -45.03
CA ILE A 509 -33.44 24.74 -43.58
C ILE A 509 -33.18 26.08 -42.89
N LYS A 510 -34.06 26.47 -41.96
CA LYS A 510 -34.07 27.81 -41.30
C LYS A 510 -32.70 28.08 -40.67
N ASN A 511 -32.35 27.33 -39.62
CA ASN A 511 -31.07 27.45 -38.88
C ASN A 511 -30.46 26.06 -38.70
N ARG A 512 -29.12 25.99 -38.68
CA ARG A 512 -28.33 24.74 -38.58
C ARG A 512 -27.41 24.83 -37.37
N PRO A 513 -26.87 23.70 -36.86
CA PRO A 513 -25.77 23.76 -35.89
C PRO A 513 -24.53 24.38 -36.53
N SER A 514 -24.24 25.64 -36.17
CA SER A 514 -22.94 26.30 -36.42
C SER A 514 -21.85 25.40 -35.83
N LEU A 515 -21.11 24.71 -36.69
CA LEU A 515 -20.26 23.54 -36.31
C LEU A 515 -18.99 24.02 -35.60
N LEU A 516 -18.54 25.23 -35.92
CA LEU A 516 -17.33 25.91 -35.32
C LEU A 516 -17.45 25.98 -33.79
N VAL A 517 -18.67 26.09 -33.25
CA VAL A 517 -18.91 26.23 -31.78
C VAL A 517 -18.65 24.88 -31.08
N GLU A 518 -18.96 23.76 -31.72
CA GLU A 518 -18.66 22.39 -31.22
C GLU A 518 -17.16 22.13 -31.38
N LYS A 519 -16.55 22.68 -32.43
CA LYS A 519 -15.07 22.72 -32.63
C LYS A 519 -14.45 23.46 -31.44
N ILE A 520 -15.00 24.62 -31.07
CA ILE A 520 -14.58 25.41 -29.86
C ILE A 520 -14.60 24.49 -28.63
N ASN A 521 -15.73 23.81 -28.40
CA ASN A 521 -15.95 22.88 -27.26
C ASN A 521 -14.85 21.82 -27.22
N LEU A 522 -14.57 21.17 -28.36
CA LEU A 522 -13.52 20.12 -28.48
C LEU A 522 -12.15 20.73 -28.18
N PHE A 523 -11.85 21.91 -28.74
CA PHE A 523 -10.61 22.68 -28.45
C PHE A 523 -10.49 22.92 -26.94
N ALA A 524 -11.58 23.31 -26.28
CA ALA A 524 -11.63 23.59 -24.81
C ALA A 524 -11.25 22.32 -24.04
N MET A 525 -11.86 21.18 -24.39
CA MET A 525 -11.63 19.84 -23.77
C MET A 525 -10.14 19.47 -23.83
N PHE A 526 -9.57 19.51 -25.05
CA PHE A 526 -8.18 19.05 -25.33
C PHE A 526 -7.16 20.08 -24.84
N GLY A 527 -7.53 21.36 -24.81
CA GLY A 527 -6.76 22.45 -24.16
C GLY A 527 -6.60 22.20 -22.68
N THR A 528 -7.69 21.84 -21.99
CA THR A 528 -7.67 21.41 -20.56
C THR A 528 -6.78 20.18 -20.44
N GLY A 529 -6.91 19.23 -21.37
CA GLY A 529 -6.06 18.02 -21.46
C GLY A 529 -4.58 18.36 -21.54
N ILE A 530 -4.21 19.33 -22.37
CA ILE A 530 -2.79 19.74 -22.59
C ILE A 530 -2.30 20.61 -21.42
N ALA A 531 -3.19 21.39 -20.77
CA ALA A 531 -2.86 22.30 -19.66
C ALA A 531 -2.20 21.57 -18.48
N MET A 532 -2.61 20.31 -18.23
CA MET A 532 -2.13 19.50 -17.08
C MET A 532 -0.81 18.78 -17.41
N SER A 533 -0.11 19.17 -18.49
CA SER A 533 1.18 18.58 -18.94
C SER A 533 2.29 19.63 -19.05
N THR A 534 2.05 20.89 -18.70
CA THR A 534 3.06 21.99 -18.68
C THR A 534 4.07 21.78 -17.53
N TRP A 535 3.78 20.85 -16.60
CA TRP A 535 4.52 20.68 -15.32
C TRP A 535 5.80 19.88 -15.52
N VAL A 536 5.96 19.24 -16.69
CA VAL A 536 7.19 18.51 -17.10
C VAL A 536 8.00 19.37 -18.11
N TRP A 537 7.37 20.35 -18.76
CA TRP A 537 8.06 21.34 -19.64
C TRP A 537 8.82 22.36 -18.78
N THR A 538 9.99 21.96 -18.29
CA THR A 538 10.90 22.78 -17.44
C THR A 538 12.08 23.27 -18.29
N LEU B 5 -11.60 -16.44 10.03
CA LEU B 5 -10.76 -16.19 11.25
C LEU B 5 -11.21 -17.13 12.38
N SER B 6 -10.78 -16.85 13.62
CA SER B 6 -11.18 -17.57 14.86
C SER B 6 -11.46 -16.55 15.98
N ALA B 7 -11.58 -17.00 17.23
CA ALA B 7 -11.95 -16.14 18.40
C ALA B 7 -10.77 -15.25 18.80
N GLU B 8 -9.65 -15.84 19.22
CA GLU B 8 -8.49 -15.12 19.84
C GLU B 8 -7.55 -14.56 18.75
N ASP B 9 -7.52 -15.16 17.55
CA ASP B 9 -6.77 -14.62 16.39
C ASP B 9 -7.39 -13.27 15.99
N LYS B 10 -8.72 -13.14 16.11
CA LYS B 10 -9.46 -11.85 15.91
C LYS B 10 -8.88 -10.77 16.83
N ALA B 11 -8.62 -11.12 18.10
CA ALA B 11 -7.99 -10.23 19.11
C ALA B 11 -6.51 -10.00 18.75
N ALA B 12 -5.81 -11.06 18.30
CA ALA B 12 -4.41 -10.97 17.81
C ALA B 12 -4.29 -9.89 16.72
N VAL B 13 -5.25 -9.85 15.77
CA VAL B 13 -5.30 -8.85 14.67
C VAL B 13 -5.55 -7.45 15.27
N GLU B 14 -6.43 -7.33 16.28
CA GLU B 14 -6.71 -6.06 17.01
C GLU B 14 -5.39 -5.52 17.58
N ARG B 15 -4.65 -6.39 18.30
CA ARG B 15 -3.32 -6.07 18.88
C ARG B 15 -2.39 -5.58 17.76
N SER B 16 -2.30 -6.33 16.66
CA SER B 16 -1.45 -6.01 15.47
C SER B 16 -1.74 -4.59 14.99
N LYS B 17 -3.02 -4.28 14.71
CA LYS B 17 -3.48 -2.94 14.26
C LYS B 17 -3.13 -1.86 15.29
N MET B 18 -3.38 -2.15 16.58
CA MET B 18 -3.17 -1.18 17.69
C MET B 18 -1.69 -0.77 17.79
N ILE B 19 -0.76 -1.74 17.73
CA ILE B 19 0.70 -1.45 17.85
C ILE B 19 1.20 -0.82 16.54
N ASP B 20 0.61 -1.19 15.40
CA ASP B 20 0.87 -0.57 14.07
C ASP B 20 0.50 0.92 14.15
N ARG B 21 -0.64 1.24 14.77
CA ARG B 21 -1.10 2.65 15.00
C ARG B 21 -0.07 3.39 15.86
N ASN B 22 0.32 2.80 17.00
CA ASN B 22 1.34 3.38 17.92
C ASN B 22 2.67 3.59 17.17
N LEU B 23 3.06 2.64 16.30
CA LEU B 23 4.32 2.72 15.52
C LEU B 23 4.25 3.87 14.50
N ARG B 24 3.14 3.98 13.77
CA ARG B 24 2.90 5.09 12.79
C ARG B 24 2.97 6.44 13.50
N GLU B 25 2.31 6.56 14.67
CA GLU B 25 2.25 7.81 15.48
C GLU B 25 3.67 8.20 15.94
N ASP B 26 4.44 7.24 16.48
CA ASP B 26 5.82 7.47 16.99
C ASP B 26 6.73 7.87 15.82
N GLY B 27 6.59 7.18 14.68
CA GLY B 27 7.33 7.49 13.44
C GLY B 27 7.07 8.90 12.95
N GLU B 28 5.79 9.28 12.86
CA GLU B 28 5.33 10.65 12.50
C GLU B 28 5.99 11.66 13.45
N LYS B 29 5.95 11.40 14.77
CA LYS B 29 6.49 12.31 15.81
C LYS B 29 8.01 12.47 15.65
N ALA B 30 8.72 11.37 15.39
CA ALA B 30 10.21 11.33 15.26
C ALA B 30 10.65 12.02 13.97
N ALA B 31 9.91 11.82 12.86
CA ALA B 31 10.27 12.31 11.50
C ALA B 31 10.17 13.85 11.41
N ARG B 32 9.39 14.49 12.30
CA ARG B 32 9.21 15.97 12.34
C ARG B 32 10.48 16.66 12.88
N GLU B 33 11.36 15.90 13.55
CA GLU B 33 12.69 16.38 14.00
C GLU B 33 13.62 16.43 12.78
N VAL B 34 14.67 17.24 12.85
CA VAL B 34 15.74 17.31 11.79
C VAL B 34 17.04 16.81 12.41
N LYS B 35 17.79 16.01 11.64
CA LYS B 35 19.05 15.36 12.06
C LYS B 35 20.21 16.00 11.29
N LEU B 36 21.28 16.38 12.00
CA LEU B 36 22.51 16.98 11.41
C LEU B 36 23.71 16.09 11.76
N LEU B 37 24.29 15.43 10.76
CA LEU B 37 25.54 14.65 10.92
C LEU B 37 26.69 15.66 11.08
N LEU B 38 27.44 15.55 12.18
CA LEU B 38 28.52 16.52 12.53
C LEU B 38 29.88 15.81 12.38
N LEU B 39 30.52 16.00 11.22
CA LEU B 39 31.88 15.47 10.94
C LEU B 39 32.93 16.41 11.57
N GLY B 40 34.20 16.11 11.35
CA GLY B 40 35.34 16.95 11.76
C GLY B 40 36.58 16.11 11.95
N ALA B 41 37.73 16.58 11.46
CA ALA B 41 39.03 15.91 11.68
C ALA B 41 39.39 16.06 13.15
N GLY B 42 40.22 15.17 13.69
CA GLY B 42 40.62 15.22 15.10
C GLY B 42 41.28 16.55 15.44
N GLU B 43 40.79 17.22 16.48
CA GLU B 43 41.29 18.50 17.07
C GLU B 43 41.04 19.69 16.14
N SER B 44 40.09 19.57 15.21
CA SER B 44 39.72 20.67 14.27
C SER B 44 39.01 21.80 15.01
N GLY B 45 38.12 21.45 15.93
CA GLY B 45 37.29 22.42 16.69
C GLY B 45 35.90 21.90 16.99
N LYS B 46 35.69 20.59 16.91
CA LYS B 46 34.37 19.91 17.00
C LYS B 46 33.78 20.12 18.40
N SER B 47 34.64 20.26 19.42
CA SER B 47 34.25 20.43 20.85
C SER B 47 33.74 21.85 21.14
N THR B 48 33.96 22.82 20.25
CA THR B 48 33.57 24.25 20.44
C THR B 48 32.08 24.43 20.11
N ILE B 49 31.72 24.21 18.84
CA ILE B 49 30.40 24.59 18.25
C ILE B 49 29.28 23.75 18.92
N VAL B 50 29.57 22.49 19.27
CA VAL B 50 28.63 21.55 19.97
C VAL B 50 28.04 22.24 21.21
N LYS B 51 28.86 22.95 21.99
CA LYS B 51 28.45 23.63 23.25
C LYS B 51 28.03 25.08 22.98
N GLN B 52 28.68 25.77 22.04
CA GLN B 52 28.47 27.21 21.76
C GLN B 52 27.02 27.46 21.30
N MET B 53 26.44 26.54 20.53
CA MET B 53 25.08 26.67 19.93
C MET B 53 24.01 26.08 20.87
N LYS B 54 24.38 25.58 22.05
CA LYS B 54 23.43 25.00 23.03
C LYS B 54 22.65 26.13 23.72
N GLY B 183 30.86 5.53 22.25
CA GLY B 183 30.74 5.44 20.77
C GLY B 183 30.11 6.69 20.18
N ILE B 184 28.88 6.59 19.67
CA ILE B 184 28.10 7.74 19.14
C ILE B 184 27.56 8.55 20.33
N VAL B 185 27.44 9.87 20.16
CA VAL B 185 26.87 10.80 21.17
C VAL B 185 25.76 11.63 20.49
N GLU B 186 24.52 11.17 20.60
CA GLU B 186 23.31 11.91 20.17
C GLU B 186 23.11 13.10 21.10
N THR B 187 23.32 14.33 20.60
CA THR B 187 23.11 15.60 21.34
C THR B 187 22.08 16.44 20.56
N HIS B 188 20.93 16.71 21.17
CA HIS B 188 19.81 17.48 20.55
C HIS B 188 19.63 18.81 21.28
N PHE B 189 19.22 19.84 20.53
CA PHE B 189 18.79 21.16 21.05
C PHE B 189 17.58 21.64 20.23
N THR B 190 17.02 22.78 20.63
CA THR B 190 15.82 23.40 20.01
C THR B 190 16.03 24.92 19.90
N PHE B 191 15.87 25.47 18.69
CA PHE B 191 15.95 26.93 18.40
C PHE B 191 14.86 27.31 17.39
N LYS B 192 13.98 28.23 17.78
CA LYS B 192 12.87 28.79 16.96
C LYS B 192 12.04 27.64 16.38
N ASP B 193 11.46 26.83 17.27
CA ASP B 193 10.41 25.83 16.97
C ASP B 193 10.91 24.82 15.93
N LEU B 194 12.13 24.28 16.14
CA LEU B 194 12.67 23.13 15.38
C LEU B 194 13.51 22.25 16.31
N HIS B 195 13.34 20.93 16.20
CA HIS B 195 14.03 19.90 17.01
C HIS B 195 15.29 19.42 16.27
N PHE B 196 16.43 20.04 16.59
CA PHE B 196 17.76 19.76 15.96
C PHE B 196 18.46 18.64 16.73
N LYS B 197 18.94 17.62 16.02
CA LYS B 197 19.69 16.47 16.59
C LYS B 197 21.05 16.37 15.92
N MET B 198 22.11 16.79 16.61
CA MET B 198 23.53 16.64 16.17
C MET B 198 24.01 15.23 16.52
N PHE B 199 24.41 14.45 15.52
CA PHE B 199 25.15 13.17 15.69
C PHE B 199 26.63 13.41 15.38
N ASP B 200 27.48 13.37 16.40
CA ASP B 200 28.95 13.48 16.26
C ASP B 200 29.55 12.07 16.28
N VAL B 201 30.21 11.68 15.18
CA VAL B 201 30.83 10.33 15.00
C VAL B 201 32.35 10.40 15.24
N GLY B 202 32.93 11.61 15.31
CA GLY B 202 34.38 11.85 15.49
C GLY B 202 34.98 11.06 16.65
N GLY B 203 34.19 10.80 17.70
CA GLY B 203 34.58 9.97 18.86
C GLY B 203 34.30 8.49 18.64
N GLN B 204 34.74 7.94 17.50
CA GLN B 204 34.67 6.49 17.17
C GLN B 204 35.82 6.13 16.22
N ARG B 205 36.53 5.03 16.52
CA ARG B 205 37.68 4.52 15.74
C ARG B 205 37.27 3.25 14.99
N SER B 206 36.87 3.41 13.73
CA SER B 206 36.52 2.30 12.79
C SER B 206 36.65 2.77 11.34
N GLU B 207 36.52 1.85 10.38
CA GLU B 207 36.53 2.17 8.93
C GLU B 207 35.27 2.97 8.59
N ARG B 208 35.46 4.17 8.01
CA ARG B 208 34.39 5.16 7.74
C ARG B 208 33.34 4.56 6.79
N LYS B 209 33.79 3.95 5.69
CA LYS B 209 32.95 3.39 4.60
C LYS B 209 31.93 2.36 5.14
N LYS B 210 32.25 1.67 6.24
CA LYS B 210 31.44 0.55 6.79
C LYS B 210 30.16 1.07 7.47
N TRP B 211 30.25 2.15 8.25
CA TRP B 211 29.11 2.72 9.04
C TRP B 211 28.57 4.01 8.41
N ILE B 212 29.26 4.61 7.42
CA ILE B 212 28.85 5.93 6.83
C ILE B 212 27.51 5.79 6.10
N HIS B 213 27.26 4.62 5.48
CA HIS B 213 26.03 4.32 4.69
C HIS B 213 24.78 4.39 5.59
N CYS B 214 24.95 4.17 6.90
CA CYS B 214 23.87 4.24 7.93
C CYS B 214 23.24 5.64 7.99
N PHE B 215 24.02 6.69 7.73
CA PHE B 215 23.61 8.11 7.91
C PHE B 215 23.01 8.73 6.63
N GLU B 216 22.73 7.94 5.59
CA GLU B 216 22.04 8.44 4.37
C GLU B 216 20.64 8.92 4.76
N GLY B 217 20.16 10.00 4.13
CA GLY B 217 18.86 10.63 4.43
C GLY B 217 18.93 11.65 5.55
N VAL B 218 20.11 11.89 6.13
CA VAL B 218 20.35 13.00 7.09
C VAL B 218 20.23 14.32 6.31
N THR B 219 19.72 15.38 6.95
CA THR B 219 19.44 16.70 6.32
C THR B 219 20.76 17.36 5.91
N ALA B 220 21.55 17.79 6.89
CA ALA B 220 22.80 18.57 6.70
C ALA B 220 24.00 17.83 7.29
N ILE B 221 25.20 18.17 6.81
CA ILE B 221 26.51 17.64 7.29
C ILE B 221 27.34 18.82 7.79
N ILE B 222 27.30 19.09 9.11
CA ILE B 222 28.16 20.14 9.74
C ILE B 222 29.60 19.63 9.70
N PHE B 223 30.41 20.21 8.82
CA PHE B 223 31.83 19.82 8.59
C PHE B 223 32.74 20.91 9.17
N CYS B 224 32.96 20.87 10.49
CA CYS B 224 33.91 21.75 11.21
C CYS B 224 35.33 21.52 10.67
N VAL B 225 36.07 22.60 10.40
CA VAL B 225 37.48 22.56 9.90
C VAL B 225 38.33 23.52 10.75
N ALA B 226 39.43 23.03 11.33
CA ALA B 226 40.46 23.86 11.99
C ALA B 226 41.15 24.72 10.94
N LEU B 227 41.13 26.04 11.12
CA LEU B 227 41.79 27.01 10.22
C LEU B 227 43.21 27.30 10.71
N SER B 228 43.38 27.46 12.03
CA SER B 228 44.66 27.79 12.71
C SER B 228 45.71 26.69 12.48
N ASP B 229 45.28 25.45 12.24
CA ASP B 229 46.17 24.25 12.09
C ASP B 229 46.75 24.15 10.67
N TYR B 230 46.68 25.23 9.86
CA TYR B 230 47.26 25.29 8.49
C TYR B 230 48.75 24.95 8.54
N ASP B 231 49.45 25.41 9.58
CA ASP B 231 50.92 25.24 9.78
C ASP B 231 51.21 24.04 10.70
N LEU B 232 50.35 23.77 11.68
CA LEU B 232 50.53 22.66 12.66
C LEU B 232 50.63 21.32 11.92
N VAL B 233 51.35 20.36 12.53
CA VAL B 233 51.63 19.00 11.98
C VAL B 233 51.47 17.98 13.11
N ASN B 241 50.20 20.55 7.45
CA ASN B 241 49.81 19.21 6.95
C ASN B 241 48.37 18.87 7.38
N ARG B 242 48.00 19.22 8.62
CA ARG B 242 46.63 19.02 9.20
C ARG B 242 45.56 19.58 8.26
N MET B 243 45.81 20.73 7.64
CA MET B 243 44.89 21.39 6.66
C MET B 243 44.67 20.44 5.47
N HIS B 244 45.76 19.92 4.90
CA HIS B 244 45.75 18.96 3.76
C HIS B 244 44.98 17.69 4.16
N GLU B 245 45.16 17.20 5.41
CA GLU B 245 44.46 16.02 5.95
C GLU B 245 42.96 16.28 6.00
N SER B 246 42.55 17.44 6.55
CA SER B 246 41.14 17.91 6.59
C SER B 246 40.58 18.02 5.16
N MET B 247 41.39 18.57 4.25
CA MET B 247 41.03 18.73 2.80
C MET B 247 40.77 17.35 2.17
N LYS B 248 41.66 16.38 2.43
CA LYS B 248 41.52 14.97 1.96
C LYS B 248 40.19 14.38 2.46
N LEU B 249 39.91 14.49 3.76
CA LEU B 249 38.66 14.00 4.39
C LEU B 249 37.45 14.67 3.74
N PHE B 250 37.51 16.00 3.55
CA PHE B 250 36.41 16.78 2.91
C PHE B 250 36.15 16.22 1.50
N ASP B 251 37.19 16.10 0.68
CA ASP B 251 37.13 15.54 -0.70
C ASP B 251 36.51 14.14 -0.66
N SER B 252 36.94 13.31 0.30
CA SER B 252 36.46 11.91 0.49
C SER B 252 34.95 11.90 0.74
N ILE B 253 34.46 12.69 1.71
CA ILE B 253 33.04 12.62 2.18
C ILE B 253 32.11 13.45 1.29
N CYS B 254 32.62 14.49 0.62
CA CYS B 254 31.81 15.40 -0.25
C CYS B 254 31.32 14.63 -1.48
N ASN B 255 32.21 13.90 -2.16
CA ASN B 255 31.91 13.15 -3.42
C ASN B 255 31.58 11.69 -3.13
N ASN B 256 31.25 11.33 -1.87
CA ASN B 256 30.90 9.94 -1.49
C ASN B 256 29.55 9.58 -2.12
N LYS B 257 29.40 8.31 -2.51
CA LYS B 257 28.27 7.80 -3.35
C LYS B 257 26.93 8.06 -2.65
N TRP B 258 26.91 7.99 -1.31
CA TRP B 258 25.70 8.09 -0.46
C TRP B 258 25.24 9.56 -0.36
N PHE B 259 26.19 10.50 -0.24
CA PHE B 259 25.92 11.94 0.04
C PHE B 259 26.06 12.78 -1.25
N THR B 260 25.44 12.33 -2.34
CA THR B 260 25.38 13.08 -3.63
C THR B 260 24.36 14.24 -3.50
N ASP B 261 23.32 14.05 -2.69
CA ASP B 261 22.10 14.91 -2.65
C ASP B 261 22.20 15.98 -1.54
N THR B 262 22.73 15.62 -0.37
CA THR B 262 22.65 16.43 0.88
C THR B 262 23.58 17.64 0.79
N SER B 263 23.16 18.77 1.36
CA SER B 263 23.94 20.03 1.45
C SER B 263 25.09 19.88 2.46
N ILE B 264 26.06 20.79 2.43
CA ILE B 264 27.22 20.83 3.37
C ILE B 264 27.34 22.23 3.97
N ILE B 265 27.22 22.32 5.30
CA ILE B 265 27.55 23.51 6.12
C ILE B 265 28.92 23.25 6.76
N LEU B 266 29.90 24.13 6.53
CA LEU B 266 31.23 24.04 7.16
C LEU B 266 31.53 25.35 7.90
N PHE B 267 32.02 25.24 9.15
CA PHE B 267 32.44 26.37 10.00
C PHE B 267 33.97 26.45 10.03
N LEU B 268 34.53 27.40 9.28
CA LEU B 268 35.97 27.75 9.34
C LEU B 268 36.22 28.49 10.67
N ASN B 269 36.55 27.72 11.71
CA ASN B 269 36.55 28.17 13.13
C ASN B 269 37.98 28.55 13.55
N LYS B 270 38.13 29.05 14.79
CA LYS B 270 39.41 29.47 15.41
C LYS B 270 40.06 30.58 14.56
N LYS B 271 39.25 31.48 14.01
CA LYS B 271 39.74 32.65 13.21
C LYS B 271 40.47 33.64 14.13
N ASP B 272 40.03 33.74 15.39
CA ASP B 272 40.54 34.69 16.42
C ASP B 272 42.06 34.53 16.62
N LEU B 273 42.57 33.28 16.65
CA LEU B 273 44.02 32.99 16.77
C LEU B 273 44.68 33.01 15.39
N PHE B 274 43.94 32.63 14.34
CA PHE B 274 44.43 32.55 12.93
C PHE B 274 44.81 33.94 12.41
N GLU B 275 43.97 34.95 12.67
CA GLU B 275 44.11 36.34 12.14
C GLU B 275 45.53 36.88 12.39
N GLU B 276 46.11 36.60 13.57
CA GLU B 276 47.43 37.13 14.00
C GLU B 276 48.58 36.19 13.62
N LYS B 277 48.28 34.92 13.29
CA LYS B 277 49.28 33.85 13.03
C LYS B 277 50.05 34.14 11.73
N ILE B 278 49.48 34.92 10.80
CA ILE B 278 50.04 35.14 9.43
C ILE B 278 50.93 36.39 9.40
N LYS B 279 50.99 37.16 10.50
CA LYS B 279 51.95 38.31 10.63
C LYS B 279 53.39 37.81 10.45
N LYS B 280 53.72 36.64 11.01
CA LYS B 280 55.09 36.04 10.99
C LYS B 280 55.17 34.93 9.94
N SER B 281 54.22 33.98 9.96
CA SER B 281 54.20 32.76 9.11
C SER B 281 53.22 32.94 7.96
N PRO B 282 53.66 33.27 6.72
CA PRO B 282 52.74 33.45 5.60
C PRO B 282 52.04 32.14 5.21
N LEU B 283 50.90 32.25 4.51
CA LEU B 283 50.04 31.10 4.09
C LEU B 283 50.81 30.21 3.08
N THR B 284 51.78 30.77 2.37
CA THR B 284 52.61 30.09 1.34
C THR B 284 53.29 28.83 1.89
N ILE B 285 53.48 28.74 3.21
CA ILE B 285 54.09 27.56 3.91
C ILE B 285 53.19 26.33 3.67
N CYS B 286 51.86 26.52 3.73
CA CYS B 286 50.84 25.44 3.55
C CYS B 286 50.49 25.25 2.08
N TYR B 287 50.30 26.35 1.34
CA TYR B 287 49.84 26.37 -0.08
C TYR B 287 50.95 26.92 -0.99
N PRO B 288 51.60 26.07 -1.83
CA PRO B 288 52.61 26.54 -2.77
C PRO B 288 52.07 27.42 -3.92
N GLU B 289 50.84 27.13 -4.39
CA GLU B 289 50.24 27.75 -5.60
C GLU B 289 49.41 29.00 -5.26
N TYR B 290 49.59 29.57 -4.06
CA TYR B 290 48.96 30.86 -3.64
C TYR B 290 49.97 32.00 -3.79
N ALA B 291 49.51 33.14 -4.32
CA ALA B 291 50.28 34.41 -4.44
C ALA B 291 49.34 35.60 -4.21
N GLY B 292 49.50 36.28 -3.08
CA GLY B 292 48.69 37.46 -2.71
C GLY B 292 49.09 38.06 -1.37
N SER B 293 48.21 38.88 -0.79
CA SER B 293 48.41 39.58 0.51
C SER B 293 48.16 38.60 1.67
N ASN B 294 48.78 38.87 2.82
CA ASN B 294 48.70 38.02 4.05
C ASN B 294 47.68 38.62 5.02
N THR B 295 46.63 39.27 4.50
CA THR B 295 45.55 39.93 5.27
C THR B 295 44.42 38.91 5.48
N TYR B 296 43.96 38.76 6.74
CA TYR B 296 42.86 37.83 7.15
C TYR B 296 41.71 37.92 6.14
N GLU B 297 41.32 39.15 5.77
CA GLU B 297 40.15 39.47 4.89
C GLU B 297 40.31 38.74 3.54
N GLU B 298 41.55 38.57 3.06
CA GLU B 298 41.87 37.92 1.76
C GLU B 298 42.18 36.42 1.99
N ALA B 299 43.03 36.12 2.99
CA ALA B 299 43.50 34.75 3.31
C ALA B 299 42.31 33.82 3.59
N ALA B 300 41.39 34.27 4.46
CA ALA B 300 40.14 33.55 4.82
C ALA B 300 39.31 33.26 3.57
N ALA B 301 39.08 34.30 2.75
CA ALA B 301 38.31 34.26 1.48
C ALA B 301 38.93 33.22 0.53
N TYR B 302 40.26 33.22 0.39
CA TYR B 302 41.00 32.30 -0.52
C TYR B 302 40.85 30.85 -0.04
N ILE B 303 41.06 30.61 1.26
CA ILE B 303 40.92 29.26 1.89
C ILE B 303 39.48 28.77 1.71
N GLN B 304 38.50 29.66 1.94
CA GLN B 304 37.04 29.36 1.76
C GLN B 304 36.80 28.90 0.32
N CYS B 305 37.27 29.69 -0.66
CA CYS B 305 37.21 29.38 -2.11
C CYS B 305 37.87 28.03 -2.40
N GLN B 306 39.06 27.81 -1.85
CA GLN B 306 39.87 26.56 -2.04
C GLN B 306 39.06 25.34 -1.60
N PHE B 307 38.40 25.42 -0.43
CA PHE B 307 37.58 24.30 0.12
C PHE B 307 36.30 24.11 -0.68
N GLU B 308 35.61 25.21 -1.03
CA GLU B 308 34.29 25.13 -1.75
C GLU B 308 34.49 24.71 -3.21
N ASP B 309 35.72 24.70 -3.73
CA ASP B 309 36.03 24.23 -5.11
C ASP B 309 35.91 22.70 -5.22
N LEU B 310 36.06 21.95 -4.12
CA LEU B 310 36.26 20.47 -4.13
C LEU B 310 35.03 19.75 -4.71
N ASN B 311 33.82 20.16 -4.32
CA ASN B 311 32.56 19.46 -4.69
C ASN B 311 32.50 19.32 -6.22
N LYS B 312 32.44 18.08 -6.72
CA LYS B 312 32.41 17.77 -8.17
C LYS B 312 30.99 18.02 -8.70
N ARG B 313 29.97 17.79 -7.87
CA ARG B 313 28.54 18.01 -8.21
C ARG B 313 28.12 19.40 -7.73
N LYS B 314 28.09 20.38 -8.64
CA LYS B 314 27.83 21.81 -8.36
C LYS B 314 26.33 22.13 -8.47
N ASP B 315 25.56 21.28 -9.15
CA ASP B 315 24.18 21.59 -9.63
C ASP B 315 23.10 21.08 -8.65
N THR B 316 23.44 20.19 -7.72
CA THR B 316 22.48 19.56 -6.77
C THR B 316 22.73 20.05 -5.34
N LYS B 317 23.91 19.76 -4.78
CA LYS B 317 24.26 20.03 -3.36
C LYS B 317 24.89 21.42 -3.24
N GLU B 318 24.29 22.30 -2.44
CA GLU B 318 24.84 23.64 -2.10
C GLU B 318 25.93 23.47 -1.03
N ILE B 319 26.86 24.42 -0.98
CA ILE B 319 27.87 24.56 0.12
C ILE B 319 27.65 25.92 0.77
N TYR B 320 27.38 25.93 2.08
CA TYR B 320 27.29 27.14 2.93
C TYR B 320 28.60 27.28 3.71
N THR B 321 28.92 28.50 4.13
CA THR B 321 30.15 28.80 4.91
C THR B 321 29.88 29.93 5.91
N HIS B 322 30.51 29.83 7.08
CA HIS B 322 30.49 30.86 8.14
C HIS B 322 31.82 30.84 8.91
N PHE B 323 32.13 31.95 9.57
CA PHE B 323 33.24 32.09 10.55
C PHE B 323 32.63 32.25 11.94
N THR B 324 32.68 31.20 12.77
CA THR B 324 32.12 31.17 14.15
C THR B 324 32.63 32.40 14.92
N CYS B 325 31.70 33.18 15.50
CA CYS B 325 31.99 34.36 16.35
C CYS B 325 31.58 34.04 17.79
N ALA B 326 32.51 34.20 18.74
CA ALA B 326 32.34 33.87 20.18
C ALA B 326 31.13 34.62 20.76
N THR B 327 31.09 35.94 20.60
CA THR B 327 30.04 36.83 21.16
C THR B 327 28.85 36.89 20.19
N ASP B 328 27.94 35.92 20.32
CA ASP B 328 26.54 35.96 19.79
C ASP B 328 25.86 34.61 20.08
N THR B 329 24.62 34.45 19.59
CA THR B 329 23.92 33.14 19.39
C THR B 329 23.67 33.02 17.87
N LYS B 330 24.54 33.62 17.07
CA LYS B 330 24.36 33.80 15.61
C LYS B 330 24.74 32.51 14.88
N ASN B 331 25.54 31.66 15.51
CA ASN B 331 26.01 30.37 14.94
C ASN B 331 24.80 29.45 14.70
N VAL B 332 23.97 29.25 15.74
CA VAL B 332 22.70 28.47 15.65
C VAL B 332 21.73 29.17 14.67
N GLN B 333 21.75 30.51 14.62
CA GLN B 333 20.94 31.33 13.67
C GLN B 333 21.32 30.96 12.24
N PHE B 334 22.63 30.92 11.95
CA PHE B 334 23.20 30.54 10.63
C PHE B 334 22.76 29.10 10.31
N VAL B 335 22.93 28.17 11.26
CA VAL B 335 22.54 26.73 11.11
C VAL B 335 21.04 26.69 10.73
N PHE B 336 20.20 27.42 11.47
CA PHE B 336 18.74 27.52 11.23
C PHE B 336 18.48 27.99 9.79
N ASP B 337 19.15 29.09 9.37
CA ASP B 337 18.98 29.73 8.04
C ASP B 337 19.31 28.74 6.92
N ALA B 338 20.44 28.04 7.02
CA ALA B 338 20.90 27.04 6.03
C ALA B 338 19.93 25.84 6.01
N VAL B 339 19.51 25.36 7.18
CA VAL B 339 18.61 24.17 7.33
C VAL B 339 17.22 24.50 6.74
N THR B 340 16.67 25.69 7.06
CA THR B 340 15.33 26.13 6.54
C THR B 340 15.43 26.29 5.02
N ASP B 341 16.54 26.81 4.50
CA ASP B 341 16.80 26.96 3.04
C ASP B 341 16.72 25.59 2.36
N VAL B 342 17.53 24.62 2.80
CA VAL B 342 17.57 23.23 2.22
C VAL B 342 16.20 22.56 2.40
N ILE B 343 15.54 22.76 3.55
CA ILE B 343 14.17 22.19 3.81
C ILE B 343 13.18 22.76 2.79
N ILE B 344 13.15 24.09 2.61
CA ILE B 344 12.24 24.77 1.62
C ILE B 344 12.47 24.15 0.24
N LYS B 345 13.74 24.10 -0.20
CA LYS B 345 14.15 23.57 -1.53
C LYS B 345 13.66 22.12 -1.69
N ASN B 346 13.89 21.27 -0.68
CA ASN B 346 13.48 19.84 -0.68
C ASN B 346 11.96 19.73 -0.71
N ASN B 347 11.25 20.58 0.05
CA ASN B 347 9.76 20.56 0.17
C ASN B 347 9.15 20.92 -1.19
N LEU B 348 9.67 21.95 -1.87
CA LEU B 348 9.20 22.39 -3.21
C LEU B 348 9.52 21.32 -4.26
N LYS B 349 10.67 20.64 -4.15
CA LYS B 349 11.03 19.48 -5.02
C LYS B 349 10.00 18.35 -4.79
N ASP B 350 9.62 18.10 -3.53
CA ASP B 350 8.60 17.10 -3.15
C ASP B 350 7.20 17.56 -3.60
N CYS B 351 6.99 18.87 -3.77
CA CYS B 351 5.71 19.52 -4.16
C CYS B 351 5.46 19.47 -5.68
N GLY B 352 6.35 18.84 -6.47
CA GLY B 352 6.16 18.62 -7.93
C GLY B 352 6.38 19.88 -8.76
N LEU B 353 7.00 20.91 -8.17
CA LEU B 353 7.28 22.24 -8.81
C LEU B 353 8.78 22.53 -8.74
N PHE B 354 9.35 22.52 -7.52
CA PHE B 354 10.78 22.77 -7.19
C PHE B 354 11.10 24.27 -7.37
N ASP C 9 64.17 -9.89 15.97
CA ASP C 9 63.85 -8.84 14.93
C ASP C 9 63.51 -9.49 13.58
N GLN C 10 64.22 -10.55 13.17
CA GLN C 10 64.06 -11.23 11.86
C GLN C 10 63.08 -12.41 11.94
N LEU C 11 62.49 -12.70 13.12
CA LEU C 11 61.59 -13.88 13.34
C LEU C 11 60.35 -13.83 12.42
N ARG C 12 59.98 -12.63 11.93
CA ARG C 12 58.91 -12.46 10.91
C ARG C 12 59.26 -13.24 9.63
N GLN C 13 60.55 -13.34 9.28
CA GLN C 13 61.03 -14.12 8.11
C GLN C 13 60.77 -15.62 8.36
N GLU C 14 61.02 -16.09 9.59
CA GLU C 14 60.73 -17.49 10.02
C GLU C 14 59.22 -17.74 10.02
N ALA C 15 58.43 -16.74 10.43
CA ALA C 15 56.94 -16.78 10.37
C ALA C 15 56.48 -16.97 8.91
N GLU C 16 57.04 -16.18 7.99
CA GLU C 16 56.70 -16.25 6.53
C GLU C 16 57.25 -17.54 5.92
N GLN C 17 58.36 -18.07 6.43
CA GLN C 17 58.89 -19.42 6.08
C GLN C 17 57.79 -20.46 6.39
N LEU C 18 57.25 -20.43 7.62
CA LEU C 18 56.15 -21.33 8.06
C LEU C 18 54.88 -21.08 7.23
N LYS C 19 54.60 -19.81 6.91
CA LYS C 19 53.44 -19.43 6.04
C LYS C 19 53.55 -20.14 4.69
N ASN C 20 54.72 -20.09 4.05
CA ASN C 20 54.97 -20.73 2.72
C ASN C 20 54.91 -22.26 2.89
N GLN C 21 55.49 -22.79 3.98
CA GLN C 21 55.45 -24.23 4.35
C GLN C 21 53.98 -24.69 4.40
N ILE C 22 53.12 -23.99 5.14
CA ILE C 22 51.69 -24.40 5.32
C ILE C 22 50.95 -24.29 3.98
N ARG C 23 51.26 -23.28 3.17
CA ARG C 23 50.66 -23.08 1.82
C ARG C 23 51.05 -24.25 0.92
N ASP C 24 52.35 -24.62 0.89
CA ASP C 24 52.87 -25.78 0.12
C ASP C 24 52.18 -27.06 0.59
N ALA C 25 52.05 -27.25 1.91
CA ALA C 25 51.41 -28.43 2.54
C ALA C 25 49.95 -28.57 2.09
N ARG C 26 49.15 -27.51 2.24
CA ARG C 26 47.70 -27.53 1.90
C ARG C 26 47.50 -27.71 0.38
N LYS C 27 48.42 -27.21 -0.45
CA LYS C 27 48.36 -27.33 -1.93
C LYS C 27 48.80 -28.74 -2.37
N ALA C 28 49.87 -29.28 -1.79
CA ALA C 28 50.48 -30.57 -2.18
C ALA C 28 49.48 -31.73 -2.05
N CYS C 29 48.55 -31.64 -1.09
CA CYS C 29 47.46 -32.64 -0.85
C CYS C 29 46.12 -32.09 -1.36
N ALA C 30 46.12 -31.39 -2.49
CA ALA C 30 44.92 -30.79 -3.13
C ALA C 30 44.86 -31.19 -4.61
N ASP C 31 44.23 -32.34 -4.88
CA ASP C 31 43.85 -32.81 -6.24
C ASP C 31 42.33 -32.61 -6.40
N ALA C 32 41.80 -31.53 -5.83
CA ALA C 32 40.35 -31.28 -5.62
C ALA C 32 39.63 -31.26 -6.97
N THR C 33 39.78 -30.17 -7.74
CA THR C 33 39.08 -29.92 -9.02
C THR C 33 37.59 -30.22 -8.84
N LEU C 34 36.98 -29.69 -7.77
CA LEU C 34 35.63 -30.10 -7.27
C LEU C 34 34.64 -30.25 -8.44
N SER C 35 34.60 -29.27 -9.34
CA SER C 35 33.74 -29.26 -10.57
C SER C 35 33.89 -30.57 -11.35
N GLN C 36 35.12 -31.08 -11.50
CA GLN C 36 35.43 -32.32 -12.28
C GLN C 36 34.86 -33.57 -11.59
N ILE C 37 34.26 -33.45 -10.40
CA ILE C 37 33.49 -34.55 -9.72
C ILE C 37 31.99 -34.35 -9.92
N THR C 38 31.50 -33.10 -9.91
CA THR C 38 30.03 -32.78 -9.88
C THR C 38 29.36 -33.09 -11.23
N ASN C 39 30.13 -33.25 -12.32
CA ASN C 39 29.61 -33.51 -13.70
C ASN C 39 28.63 -34.69 -13.72
N ASN C 40 28.86 -35.72 -12.90
CA ASN C 40 27.99 -36.92 -12.79
C ASN C 40 26.61 -36.55 -12.22
N ILE C 41 26.55 -35.56 -11.31
CA ILE C 41 25.27 -35.10 -10.67
C ILE C 41 24.39 -34.48 -11.76
N ASP C 42 23.08 -34.69 -11.66
CA ASP C 42 22.05 -34.11 -12.58
C ASP C 42 21.76 -32.68 -12.14
N PRO C 43 21.66 -31.69 -13.07
CA PRO C 43 21.49 -30.29 -12.69
C PRO C 43 20.10 -30.01 -12.09
N VAL C 44 20.00 -28.98 -11.26
CA VAL C 44 18.74 -28.55 -10.58
C VAL C 44 17.82 -27.84 -11.59
N GLY C 45 18.32 -27.55 -12.80
CA GLY C 45 17.55 -26.94 -13.90
C GLY C 45 17.38 -25.45 -13.67
N ARG C 46 16.15 -25.00 -13.40
CA ARG C 46 15.81 -23.60 -13.06
C ARG C 46 14.67 -23.59 -12.03
N ILE C 47 14.93 -23.05 -10.84
CA ILE C 47 13.92 -22.89 -9.74
C ILE C 47 13.51 -21.42 -9.70
N GLN C 48 12.20 -21.16 -9.78
CA GLN C 48 11.59 -19.82 -9.59
C GLN C 48 10.84 -19.82 -8.25
N MET C 49 10.79 -18.65 -7.59
CA MET C 49 10.11 -18.44 -6.29
C MET C 49 9.25 -17.18 -6.37
N ARG C 50 8.10 -17.21 -5.70
CA ARG C 50 7.12 -16.10 -5.64
C ARG C 50 7.03 -15.57 -4.21
N THR C 51 6.71 -14.28 -4.07
CA THR C 51 6.60 -13.57 -2.76
C THR C 51 5.31 -14.04 -2.08
N ARG C 52 5.39 -15.06 -1.21
CA ARG C 52 4.21 -15.71 -0.57
C ARG C 52 3.49 -14.69 0.32
N ARG C 53 4.26 -13.92 1.11
CA ARG C 53 3.73 -12.83 1.96
C ARG C 53 4.75 -11.68 2.00
N THR C 54 4.24 -10.46 2.20
CA THR C 54 5.04 -9.22 2.39
C THR C 54 4.74 -8.67 3.79
N LEU C 55 5.78 -8.47 4.61
CA LEU C 55 5.68 -7.88 5.97
C LEU C 55 6.11 -6.42 5.89
N ARG C 56 5.15 -5.50 6.08
CA ARG C 56 5.31 -4.03 5.89
C ARG C 56 4.79 -3.32 7.15
N GLY C 57 5.71 -2.93 8.03
CA GLY C 57 5.42 -2.17 9.28
C GLY C 57 6.41 -1.04 9.55
N HIS C 58 7.64 -1.13 9.00
CA HIS C 58 8.76 -0.21 9.28
C HIS C 58 8.58 1.11 8.51
N LEU C 59 9.31 2.15 8.93
CA LEU C 59 9.30 3.51 8.31
C LEU C 59 10.72 3.94 7.91
N ALA C 60 11.64 2.98 7.76
CA ALA C 60 13.05 3.23 7.40
C ALA C 60 13.69 1.91 6.91
N LYS C 61 14.99 1.92 6.61
CA LYS C 61 15.75 0.72 6.18
C LYS C 61 15.82 -0.26 7.36
N ILE C 62 15.75 -1.56 7.05
CA ILE C 62 15.93 -2.68 8.02
C ILE C 62 17.32 -3.29 7.78
N TYR C 63 17.97 -3.78 8.83
CA TYR C 63 19.41 -4.18 8.81
C TYR C 63 19.65 -5.65 9.15
N ALA C 64 18.68 -6.33 9.78
CA ALA C 64 18.87 -7.72 10.28
C ALA C 64 17.53 -8.46 10.30
N MET C 65 17.61 -9.78 10.12
CA MET C 65 16.51 -10.75 10.27
C MET C 65 17.05 -11.96 11.02
N HIS C 66 16.21 -12.64 11.80
CA HIS C 66 16.54 -13.95 12.41
C HIS C 66 15.25 -14.75 12.65
N TRP C 67 15.20 -15.95 12.08
CA TRP C 67 14.10 -16.93 12.29
C TRP C 67 14.28 -17.60 13.65
N GLY C 68 13.23 -17.61 14.47
CA GLY C 68 13.17 -18.42 15.71
C GLY C 68 13.23 -19.90 15.39
N THR C 69 13.45 -20.73 16.42
CA THR C 69 13.50 -22.21 16.32
C THR C 69 12.12 -22.76 15.90
N ASP C 70 11.05 -22.03 16.26
CA ASP C 70 9.64 -22.32 15.87
C ASP C 70 9.49 -22.35 14.34
N SER C 71 10.34 -21.61 13.62
CA SER C 71 10.28 -21.41 12.14
C SER C 71 8.99 -20.66 11.78
N ARG C 72 8.47 -19.86 12.72
CA ARG C 72 7.24 -19.03 12.57
C ARG C 72 7.58 -17.58 12.94
N LEU C 73 8.04 -17.35 14.17
CA LEU C 73 8.40 -16.01 14.68
C LEU C 73 9.79 -15.63 14.17
N LEU C 74 9.84 -14.67 13.25
CA LEU C 74 11.09 -13.98 12.84
C LEU C 74 11.15 -12.61 13.52
N VAL C 75 12.32 -12.28 14.09
CA VAL C 75 12.65 -10.93 14.62
C VAL C 75 13.38 -10.17 13.51
N SER C 76 13.03 -8.89 13.33
CA SER C 76 13.63 -7.98 12.31
C SER C 76 14.08 -6.69 13.00
N ALA C 77 15.30 -6.23 12.68
CA ALA C 77 15.87 -4.93 13.11
C ALA C 77 15.21 -3.81 12.28
N SER C 78 15.59 -2.56 12.57
CA SER C 78 15.12 -1.34 11.86
C SER C 78 16.12 -0.20 12.07
N GLN C 79 15.85 0.97 11.46
CA GLN C 79 16.69 2.20 11.60
C GLN C 79 15.99 3.26 12.46
N ASP C 80 14.66 3.24 12.56
CA ASP C 80 13.89 4.15 13.44
C ASP C 80 14.18 3.85 14.91
N GLY C 81 14.57 2.61 15.23
CA GLY C 81 14.90 2.13 16.58
C GLY C 81 13.73 1.42 17.23
N LYS C 82 13.00 0.62 16.44
CA LYS C 82 11.80 -0.15 16.85
C LYS C 82 11.89 -1.54 16.24
N LEU C 83 12.56 -2.51 16.92
CA LEU C 83 12.57 -3.92 16.44
C LEU C 83 11.19 -4.51 16.75
N ILE C 84 10.53 -5.03 15.72
CA ILE C 84 9.14 -5.59 15.77
C ILE C 84 9.24 -7.10 15.45
N ILE C 85 8.75 -7.94 16.35
CA ILE C 85 8.78 -9.42 16.19
C ILE C 85 7.58 -9.80 15.32
N TRP C 86 7.83 -10.15 14.06
CA TRP C 86 6.77 -10.54 13.09
C TRP C 86 6.29 -11.96 13.40
N ASP C 87 5.08 -12.27 12.92
CA ASP C 87 4.49 -13.63 12.85
C ASP C 87 4.34 -13.97 11.36
N SER C 88 5.22 -14.82 10.83
CA SER C 88 5.45 -15.03 9.37
C SER C 88 4.23 -15.67 8.68
N TYR C 89 3.30 -16.25 9.45
CA TYR C 89 2.15 -17.03 8.93
C TYR C 89 0.99 -16.11 8.57
N THR C 90 0.54 -15.26 9.50
CA THR C 90 -0.69 -14.43 9.35
C THR C 90 -0.32 -12.93 9.23
N THR C 91 0.96 -12.60 9.02
CA THR C 91 1.46 -11.20 8.84
C THR C 91 1.16 -10.37 10.09
N ASN C 92 0.89 -11.02 11.23
CA ASN C 92 0.53 -10.34 12.50
C ASN C 92 1.82 -9.92 13.20
N LYS C 93 1.77 -8.84 13.98
CA LYS C 93 2.85 -8.44 14.91
C LYS C 93 2.46 -8.92 16.31
N VAL C 94 3.45 -9.19 17.16
CA VAL C 94 3.26 -9.66 18.57
C VAL C 94 3.84 -8.64 19.56
N HIS C 95 5.03 -8.11 19.26
CA HIS C 95 5.73 -7.07 20.08
C HIS C 95 6.40 -6.05 19.16
N ALA C 96 6.37 -4.78 19.55
CA ALA C 96 7.10 -3.66 18.91
C ALA C 96 8.05 -3.04 19.95
N ILE C 97 9.21 -3.67 20.15
CA ILE C 97 10.21 -3.28 21.20
C ILE C 97 10.86 -1.96 20.76
N PRO C 98 10.63 -0.84 21.48
CA PRO C 98 11.30 0.43 21.19
C PRO C 98 12.65 0.54 21.91
N LEU C 99 13.73 0.25 21.18
CA LEU C 99 15.12 0.27 21.73
C LEU C 99 15.60 1.72 21.81
N ARG C 100 16.53 1.99 22.73
CA ARG C 100 17.02 3.36 23.08
C ARG C 100 17.92 3.88 21.96
N SER C 101 19.07 3.23 21.75
CA SER C 101 20.09 3.63 20.75
C SER C 101 19.55 3.36 19.34
N SER C 102 18.95 4.38 18.71
CA SER C 102 18.17 4.30 17.45
C SER C 102 18.96 3.65 16.30
N TRP C 103 20.29 3.56 16.41
CA TRP C 103 21.19 2.91 15.42
C TRP C 103 21.33 1.42 15.75
N VAL C 104 20.84 0.56 14.85
CA VAL C 104 20.84 -0.94 14.96
C VAL C 104 21.58 -1.50 13.75
N MET C 105 22.30 -2.61 13.93
CA MET C 105 23.05 -3.29 12.83
C MET C 105 23.01 -4.82 12.95
N THR C 106 22.24 -5.39 13.89
CA THR C 106 22.11 -6.86 14.08
C THR C 106 20.93 -7.19 15.00
N CYS C 107 20.42 -8.42 14.88
CA CYS C 107 19.43 -9.02 15.80
C CYS C 107 19.67 -10.54 15.91
N ALA C 108 19.44 -11.08 17.10
CA ALA C 108 19.49 -12.53 17.41
C ALA C 108 18.14 -12.96 17.97
N TYR C 109 17.95 -14.27 18.14
CA TYR C 109 16.73 -14.90 18.72
C TYR C 109 17.12 -16.20 19.41
N ALA C 110 16.72 -16.35 20.67
CA ALA C 110 17.11 -17.48 21.56
C ALA C 110 16.59 -18.80 20.99
N PRO C 111 17.40 -19.87 20.97
CA PRO C 111 16.94 -21.20 20.52
C PRO C 111 15.71 -21.72 21.28
N SER C 112 15.56 -21.35 22.55
CA SER C 112 14.35 -21.61 23.39
C SER C 112 13.20 -20.70 22.94
N GLY C 113 13.51 -19.47 22.50
CA GLY C 113 12.54 -18.49 21.97
C GLY C 113 12.07 -17.53 23.05
N ASN C 114 12.92 -17.25 24.05
CA ASN C 114 12.63 -16.34 25.20
C ASN C 114 13.21 -14.96 24.91
N TYR C 115 14.54 -14.87 24.81
CA TYR C 115 15.28 -13.58 24.76
C TYR C 115 15.53 -13.16 23.31
N VAL C 116 15.40 -11.85 23.05
CA VAL C 116 15.80 -11.17 21.79
C VAL C 116 17.03 -10.32 22.10
N ALA C 117 18.15 -10.58 21.42
CA ALA C 117 19.44 -9.85 21.59
C ALA C 117 19.62 -8.88 20.41
N CYS C 118 19.56 -7.57 20.70
CA CYS C 118 19.79 -6.47 19.74
C CYS C 118 21.10 -5.75 20.13
N GLY C 119 21.39 -4.61 19.49
CA GLY C 119 22.57 -3.77 19.76
C GLY C 119 23.30 -3.40 18.48
N GLY C 120 23.42 -2.10 18.19
CA GLY C 120 23.90 -1.57 16.90
C GLY C 120 25.23 -0.83 17.01
N LEU C 121 25.19 0.50 16.91
CA LEU C 121 26.38 1.35 16.58
C LEU C 121 26.88 2.12 17.82
N ASP C 122 26.59 1.64 19.04
CA ASP C 122 27.06 2.31 20.29
C ASP C 122 27.52 1.29 21.33
N ASN C 123 28.07 0.16 20.90
CA ASN C 123 28.89 -0.77 21.71
C ASN C 123 28.09 -1.34 22.90
N ILE C 124 26.80 -1.61 22.70
CA ILE C 124 25.91 -2.20 23.76
C ILE C 124 25.00 -3.26 23.12
N CYS C 125 25.37 -4.54 23.26
CA CYS C 125 24.46 -5.68 22.95
C CYS C 125 23.45 -5.78 24.11
N SER C 126 22.29 -5.16 23.93
CA SER C 126 21.19 -5.07 24.94
C SER C 126 20.21 -6.22 24.71
N ILE C 127 20.19 -7.20 25.62
CA ILE C 127 19.29 -8.38 25.54
C ILE C 127 17.95 -8.02 26.20
N TYR C 128 16.85 -8.48 25.60
CA TYR C 128 15.46 -8.24 26.07
C TYR C 128 14.86 -9.54 26.61
N ASN C 129 13.67 -9.44 27.20
CA ASN C 129 12.91 -10.58 27.81
C ASN C 129 11.48 -10.53 27.30
N LEU C 130 11.06 -11.53 26.51
CA LEU C 130 9.69 -11.61 25.92
C LEU C 130 8.76 -12.37 26.87
N LYS C 131 9.06 -13.65 27.13
CA LYS C 131 8.19 -14.55 27.95
C LYS C 131 8.35 -14.18 29.42
N THR C 132 7.74 -13.06 29.81
CA THR C 132 7.68 -12.52 31.18
C THR C 132 6.21 -12.26 31.54
N ARG C 133 5.85 -12.42 32.81
CA ARG C 133 4.59 -11.91 33.40
C ARG C 133 4.73 -10.38 33.55
N GLU C 134 3.65 -9.71 33.95
CA GLU C 134 3.58 -8.23 34.10
C GLU C 134 3.58 -7.56 32.71
N GLY C 135 3.15 -8.27 31.67
CA GLY C 135 2.85 -7.72 30.33
C GLY C 135 4.07 -7.43 29.50
N ASN C 136 4.44 -6.14 29.41
CA ASN C 136 5.39 -5.59 28.39
C ASN C 136 6.78 -6.20 28.54
N VAL C 137 7.59 -6.09 27.48
CA VAL C 137 9.03 -6.51 27.46
C VAL C 137 9.84 -5.54 28.32
N ARG C 138 11.05 -5.96 28.72
CA ARG C 138 11.99 -5.15 29.55
C ARG C 138 13.43 -5.40 29.08
N VAL C 139 14.27 -4.37 29.15
CA VAL C 139 15.75 -4.47 28.93
C VAL C 139 16.34 -5.24 30.12
N SER C 140 16.69 -6.51 29.91
CA SER C 140 17.19 -7.43 30.97
C SER C 140 18.61 -6.99 31.37
N ARG C 141 19.54 -6.96 30.39
CA ARG C 141 20.94 -6.51 30.57
C ARG C 141 21.43 -5.78 29.32
N GLU C 142 22.35 -4.82 29.51
CA GLU C 142 23.07 -4.11 28.43
C GLU C 142 24.56 -4.51 28.47
N LEU C 143 24.94 -5.54 27.71
CA LEU C 143 26.34 -6.02 27.63
C LEU C 143 27.20 -4.95 26.93
N ALA C 144 28.07 -4.28 27.70
CA ALA C 144 29.00 -3.22 27.24
C ALA C 144 30.44 -3.60 27.61
N GLY C 145 31.41 -3.04 26.89
CA GLY C 145 32.85 -3.36 27.03
C GLY C 145 33.62 -3.20 25.73
N HIS C 146 32.96 -3.40 24.58
CA HIS C 146 33.54 -3.22 23.22
C HIS C 146 33.89 -1.75 22.98
N THR C 147 34.91 -1.50 22.15
CA THR C 147 35.51 -0.17 21.87
C THR C 147 35.15 0.31 20.45
N GLY C 148 34.79 -0.61 19.54
CA GLY C 148 34.47 -0.32 18.14
C GLY C 148 32.98 -0.09 17.93
N TYR C 149 32.28 -1.07 17.34
CA TYR C 149 30.81 -1.09 17.17
C TYR C 149 30.33 -2.54 16.96
N LEU C 150 29.24 -2.94 17.63
CA LEU C 150 28.68 -4.32 17.54
C LEU C 150 28.24 -4.61 16.11
N SER C 151 28.70 -5.75 15.56
CA SER C 151 28.48 -6.18 14.16
C SER C 151 27.48 -7.33 14.09
N CYS C 152 27.65 -8.35 14.93
CA CYS C 152 26.76 -9.56 14.99
C CYS C 152 26.75 -10.16 16.39
N CYS C 153 25.62 -10.02 17.10
CA CYS C 153 25.26 -10.75 18.34
C CYS C 153 24.59 -12.07 17.95
N ARG C 154 25.02 -13.20 18.52
CA ARG C 154 24.42 -14.54 18.28
C ARG C 154 24.35 -15.31 19.61
N PHE C 155 23.21 -15.98 19.85
CA PHE C 155 22.95 -16.78 21.07
C PHE C 155 23.40 -18.23 20.85
N LEU C 156 24.01 -18.81 21.89
CA LEU C 156 24.34 -20.26 22.00
C LEU C 156 23.24 -20.95 22.82
N ASP C 157 23.06 -20.50 24.06
CA ASP C 157 21.98 -20.95 24.99
C ASP C 157 21.16 -19.70 25.40
N ASP C 158 20.35 -19.82 26.45
CA ASP C 158 19.61 -18.69 27.07
C ASP C 158 20.53 -17.88 27.99
N ASN C 159 21.80 -18.29 28.18
CA ASN C 159 22.75 -17.67 29.14
C ASN C 159 24.03 -17.16 28.44
N GLN C 160 24.44 -17.76 27.33
CA GLN C 160 25.73 -17.45 26.65
C GLN C 160 25.46 -16.82 25.27
N ILE C 161 26.00 -15.61 25.07
CA ILE C 161 25.95 -14.84 23.78
C ILE C 161 27.39 -14.65 23.29
N VAL C 162 27.60 -14.80 21.99
CA VAL C 162 28.88 -14.49 21.29
C VAL C 162 28.62 -13.27 20.39
N THR C 163 29.48 -12.25 20.48
CA THR C 163 29.32 -10.97 19.76
C THR C 163 30.59 -10.68 18.95
N SER C 164 30.42 -10.56 17.62
CA SER C 164 31.43 -9.98 16.69
C SER C 164 31.33 -8.46 16.77
N SER C 165 32.33 -7.81 17.35
CA SER C 165 32.46 -6.34 17.49
C SER C 165 33.19 -5.76 16.27
N GLY C 166 33.39 -4.44 16.26
CA GLY C 166 34.05 -3.71 15.16
C GLY C 166 35.49 -3.36 15.47
N ASP C 167 36.00 -3.76 16.65
CA ASP C 167 37.36 -3.41 17.14
C ASP C 167 38.31 -4.62 17.02
N THR C 168 38.10 -5.47 16.01
CA THR C 168 38.98 -6.61 15.62
C THR C 168 38.95 -7.74 16.67
N THR C 169 37.93 -7.79 17.54
CA THR C 169 37.81 -8.79 18.64
C THR C 169 36.42 -9.44 18.59
N CYS C 170 36.34 -10.70 19.03
CA CYS C 170 35.08 -11.46 19.25
C CYS C 170 34.98 -11.85 20.73
N ALA C 171 33.87 -11.51 21.38
CA ALA C 171 33.64 -11.69 22.83
C ALA C 171 32.55 -12.74 23.05
N LEU C 172 32.85 -13.77 23.85
CA LEU C 172 31.84 -14.69 24.46
C LEU C 172 31.52 -14.15 25.85
N TRP C 173 30.26 -13.75 26.07
CA TRP C 173 29.78 -13.14 27.34
C TRP C 173 29.08 -14.22 28.19
N ASP C 174 28.79 -13.88 29.44
CA ASP C 174 27.90 -14.65 30.35
C ASP C 174 26.82 -13.69 30.85
N ILE C 175 25.56 -13.89 30.42
CA ILE C 175 24.41 -12.97 30.68
C ILE C 175 24.23 -12.77 32.18
N GLU C 176 24.30 -13.84 32.97
CA GLU C 176 24.05 -13.82 34.45
C GLU C 176 25.05 -12.88 35.15
N THR C 177 26.29 -12.80 34.66
CA THR C 177 27.41 -12.00 35.27
C THR C 177 27.57 -10.67 34.51
N GLY C 178 27.14 -10.60 33.25
CA GLY C 178 27.19 -9.38 32.40
C GLY C 178 28.61 -8.88 32.18
N GLN C 179 29.54 -9.79 31.88
CA GLN C 179 30.97 -9.48 31.57
C GLN C 179 31.51 -10.47 30.54
N GLN C 180 32.59 -10.07 29.85
CA GLN C 180 33.25 -10.86 28.78
C GLN C 180 34.02 -12.02 29.44
N THR C 181 33.40 -13.20 29.54
CA THR C 181 34.00 -14.39 30.19
C THR C 181 35.18 -14.90 29.36
N THR C 182 35.10 -14.77 28.02
CA THR C 182 36.17 -15.15 27.07
C THR C 182 36.25 -14.14 25.92
N THR C 183 37.47 -13.79 25.52
CA THR C 183 37.80 -12.89 24.37
C THR C 183 38.68 -13.66 23.37
N PHE C 184 38.41 -13.47 22.08
CA PHE C 184 39.22 -13.98 20.94
C PHE C 184 39.71 -12.78 20.12
N THR C 185 41.03 -12.67 19.92
CA THR C 185 41.70 -11.55 19.22
C THR C 185 42.87 -12.08 18.39
N GLY C 186 42.60 -12.39 17.12
CA GLY C 186 43.61 -12.73 16.10
C GLY C 186 43.58 -11.83 14.88
N HIS C 187 42.48 -11.09 14.66
CA HIS C 187 42.21 -10.30 13.43
C HIS C 187 42.95 -8.96 13.48
N THR C 188 43.23 -8.39 12.30
CA THR C 188 43.84 -7.05 12.10
C THR C 188 42.77 -6.05 11.65
N GLY C 189 41.73 -6.52 10.93
CA GLY C 189 40.62 -5.69 10.41
C GLY C 189 39.31 -5.97 11.15
N ASP C 190 38.32 -5.08 10.98
CA ASP C 190 36.98 -5.14 11.63
C ASP C 190 36.33 -6.50 11.36
N VAL C 191 35.89 -7.20 12.41
CA VAL C 191 35.24 -8.54 12.32
C VAL C 191 33.75 -8.31 12.03
N MET C 192 33.35 -8.49 10.77
CA MET C 192 32.06 -7.94 10.23
C MET C 192 30.93 -8.98 10.30
N SER C 193 31.23 -10.27 10.44
CA SER C 193 30.21 -11.35 10.47
C SER C 193 30.63 -12.51 11.37
N LEU C 194 29.65 -13.14 12.02
CA LEU C 194 29.80 -14.35 12.86
C LEU C 194 28.78 -15.39 12.42
N SER C 195 29.13 -16.68 12.54
CA SER C 195 28.23 -17.83 12.26
C SER C 195 28.55 -18.99 13.20
N LEU C 196 27.55 -19.44 13.97
CA LEU C 196 27.65 -20.61 14.89
C LEU C 196 27.56 -21.91 14.10
N ALA C 197 27.77 -23.03 14.80
CA ALA C 197 27.70 -24.41 14.25
C ALA C 197 26.40 -25.09 14.67
N PRO C 198 25.85 -26.00 13.83
CA PRO C 198 24.73 -26.85 14.22
C PRO C 198 24.93 -27.55 15.57
N ASP C 199 26.14 -28.07 15.83
CA ASP C 199 26.53 -28.73 17.10
C ASP C 199 26.91 -27.68 18.16
N THR C 200 27.03 -26.39 17.79
CA THR C 200 27.26 -25.23 18.68
C THR C 200 28.60 -25.35 19.42
N ARG C 201 29.58 -26.03 18.81
CA ARG C 201 30.89 -26.37 19.44
C ARG C 201 31.97 -25.36 19.05
N LEU C 202 31.93 -24.85 17.82
CA LEU C 202 32.97 -23.95 17.25
C LEU C 202 32.34 -23.06 16.17
N PHE C 203 32.58 -21.75 16.24
CA PHE C 203 31.99 -20.73 15.33
C PHE C 203 33.07 -20.20 14.38
N VAL C 204 32.62 -19.52 13.32
CA VAL C 204 33.48 -18.96 12.24
C VAL C 204 33.27 -17.44 12.22
N SER C 205 34.37 -16.67 12.21
CA SER C 205 34.39 -15.19 12.13
C SER C 205 34.85 -14.74 10.74
N GLY C 206 34.07 -13.86 10.12
CA GLY C 206 34.43 -13.17 8.86
C GLY C 206 34.82 -11.72 9.14
N ALA C 207 36.10 -11.38 8.91
CA ALA C 207 36.73 -10.08 9.25
C ALA C 207 36.97 -9.24 7.99
N CYS C 208 37.45 -8.00 8.17
CA CYS C 208 37.75 -7.02 7.08
C CYS C 208 39.20 -7.15 6.61
N ASP C 209 39.95 -8.17 7.05
CA ASP C 209 41.34 -8.44 6.61
C ASP C 209 41.35 -9.39 5.41
N ALA C 210 40.21 -9.56 4.72
CA ALA C 210 40.02 -10.47 3.57
C ALA C 210 40.42 -11.90 3.96
N SER C 211 40.12 -12.30 5.20
CA SER C 211 40.52 -13.59 5.80
C SER C 211 39.46 -14.06 6.81
N ALA C 212 38.89 -15.25 6.59
CA ALA C 212 37.94 -15.91 7.50
C ALA C 212 38.71 -16.81 8.47
N LYS C 213 38.34 -16.80 9.75
CA LYS C 213 39.00 -17.59 10.83
C LYS C 213 37.96 -18.50 11.52
N LEU C 214 38.39 -19.73 11.84
CA LEU C 214 37.64 -20.68 12.69
C LEU C 214 38.15 -20.55 14.13
N TRP C 215 37.25 -20.17 15.04
CA TRP C 215 37.51 -20.05 16.50
C TRP C 215 37.07 -21.34 17.20
N ASP C 216 37.29 -21.41 18.52
CA ASP C 216 36.76 -22.48 19.41
C ASP C 216 36.01 -21.81 20.56
N VAL C 217 34.72 -22.15 20.72
CA VAL C 217 33.82 -21.63 21.79
C VAL C 217 34.40 -22.02 23.15
N ARG C 218 34.70 -23.31 23.34
CA ARG C 218 35.13 -23.92 24.63
C ARG C 218 36.52 -23.39 25.01
N GLU C 219 37.54 -23.71 24.20
CA GLU C 219 38.97 -23.43 24.51
C GLU C 219 39.24 -21.93 24.35
N GLY C 220 39.30 -21.43 23.11
CA GLY C 220 39.51 -20.00 22.77
C GLY C 220 40.62 -19.76 21.75
N MET C 221 41.31 -20.80 21.27
CA MET C 221 42.46 -20.68 20.34
C MET C 221 42.01 -21.05 18.92
N CYS C 222 42.24 -20.16 17.95
CA CYS C 222 41.90 -20.33 16.51
C CYS C 222 42.65 -21.55 15.96
N ARG C 223 41.96 -22.39 15.18
CA ARG C 223 42.49 -23.68 14.65
C ARG C 223 42.74 -23.60 13.14
N GLN C 224 41.94 -22.81 12.41
CA GLN C 224 42.09 -22.63 10.94
C GLN C 224 41.94 -21.15 10.58
N THR C 225 42.75 -20.69 9.62
CA THR C 225 42.79 -19.30 9.09
C THR C 225 42.80 -19.34 7.56
N PHE C 226 41.62 -19.19 6.93
CA PHE C 226 41.44 -19.28 5.46
C PHE C 226 41.49 -17.88 4.84
N THR C 227 42.47 -17.69 3.95
CA THR C 227 42.64 -16.49 3.09
C THR C 227 42.21 -16.86 1.66
N GLY C 228 42.38 -15.94 0.71
CA GLY C 228 42.06 -16.17 -0.72
C GLY C 228 41.25 -15.04 -1.34
N HIS C 229 40.60 -14.21 -0.52
CA HIS C 229 39.80 -13.05 -0.97
C HIS C 229 40.69 -11.82 -1.22
N GLU C 230 40.24 -10.94 -2.12
CA GLU C 230 40.93 -9.67 -2.50
C GLU C 230 40.39 -8.49 -1.68
N SER C 231 39.15 -8.57 -1.19
CA SER C 231 38.39 -7.46 -0.53
C SER C 231 37.73 -7.95 0.76
N ASP C 232 36.94 -7.07 1.40
CA ASP C 232 36.17 -7.35 2.65
C ASP C 232 35.18 -8.51 2.42
N ILE C 233 34.97 -9.32 3.46
CA ILE C 233 33.97 -10.43 3.50
C ILE C 233 32.86 -10.03 4.48
N ASN C 234 31.59 -10.13 4.06
CA ASN C 234 30.44 -9.44 4.71
C ASN C 234 29.45 -10.43 5.32
N ALA C 235 29.59 -11.74 5.09
CA ALA C 235 28.65 -12.77 5.61
C ALA C 235 29.28 -14.17 5.56
N ILE C 236 29.08 -14.94 6.62
CA ILE C 236 29.48 -16.37 6.73
C ILE C 236 28.23 -17.17 7.11
N CYS C 237 28.17 -18.44 6.68
CA CYS C 237 27.11 -19.41 7.04
C CYS C 237 27.65 -20.84 6.87
N PHE C 238 27.52 -21.66 7.91
CA PHE C 238 28.02 -23.06 7.92
C PHE C 238 27.14 -23.93 7.02
N PHE C 239 27.80 -24.81 6.27
CA PHE C 239 27.19 -26.01 5.62
C PHE C 239 26.55 -26.83 6.74
N PRO C 240 25.23 -27.15 6.68
CA PRO C 240 24.55 -27.86 7.76
C PRO C 240 25.24 -29.12 8.32
N ASN C 241 26.13 -29.75 7.52
CA ASN C 241 27.01 -30.87 7.94
C ASN C 241 28.00 -30.39 9.01
N GLY C 242 28.47 -29.14 8.92
CA GLY C 242 29.43 -28.53 9.87
C GLY C 242 30.87 -28.86 9.52
N ASN C 243 31.16 -29.09 8.23
CA ASN C 243 32.52 -29.41 7.71
C ASN C 243 32.92 -28.45 6.59
N ALA C 244 32.09 -27.46 6.26
CA ALA C 244 32.34 -26.45 5.20
C ALA C 244 31.47 -25.21 5.45
N PHE C 245 31.77 -24.11 4.76
CA PHE C 245 31.00 -22.84 4.88
C PHE C 245 31.25 -21.93 3.67
N ALA C 246 30.20 -21.20 3.30
CA ALA C 246 30.20 -20.16 2.24
C ALA C 246 30.72 -18.84 2.83
N THR C 247 31.36 -18.03 1.99
CA THR C 247 31.84 -16.65 2.34
C THR C 247 31.51 -15.70 1.19
N GLY C 248 30.58 -14.76 1.44
CA GLY C 248 30.25 -13.64 0.55
C GLY C 248 31.16 -12.44 0.81
N SER C 249 31.62 -11.78 -0.25
CA SER C 249 32.66 -10.71 -0.21
C SER C 249 32.22 -9.48 -1.01
N ASP C 250 33.05 -8.43 -1.02
CA ASP C 250 32.83 -7.20 -1.84
C ASP C 250 33.35 -7.42 -3.27
N ASP C 251 34.07 -8.52 -3.54
CA ASP C 251 34.60 -8.87 -4.88
C ASP C 251 33.53 -9.61 -5.71
N ALA C 252 32.31 -9.78 -5.19
CA ALA C 252 31.15 -10.44 -5.86
C ALA C 252 31.46 -11.91 -6.12
N THR C 253 32.29 -12.53 -5.27
CA THR C 253 32.76 -13.93 -5.43
C THR C 253 32.50 -14.70 -4.12
N CYS C 254 31.28 -15.16 -3.90
CA CYS C 254 30.94 -16.13 -2.82
C CYS C 254 31.76 -17.41 -3.05
N ARG C 255 32.51 -17.87 -2.05
CA ARG C 255 33.33 -19.11 -2.16
C ARG C 255 33.09 -20.00 -0.94
N LEU C 256 33.04 -21.31 -1.19
CA LEU C 256 32.84 -22.38 -0.19
C LEU C 256 34.20 -22.91 0.25
N PHE C 257 34.55 -22.75 1.53
CA PHE C 257 35.78 -23.30 2.15
C PHE C 257 35.43 -24.59 2.90
N ASP C 258 36.40 -25.50 3.01
CA ASP C 258 36.30 -26.81 3.70
C ASP C 258 37.04 -26.71 5.03
N LEU C 259 36.40 -27.14 6.13
CA LEU C 259 36.96 -27.10 7.50
C LEU C 259 37.97 -28.24 7.71
N ARG C 260 37.90 -29.29 6.89
CA ARG C 260 38.71 -30.53 7.03
C ARG C 260 39.97 -30.43 6.18
N ALA C 261 39.83 -30.03 4.91
CA ALA C 261 40.92 -29.97 3.89
C ALA C 261 41.86 -28.79 4.18
N ASP C 262 41.33 -27.69 4.73
CA ASP C 262 42.10 -26.49 5.17
C ASP C 262 42.51 -25.64 3.95
N GLN C 263 41.64 -25.55 2.93
CA GLN C 263 41.77 -24.55 1.83
C GLN C 263 40.42 -24.33 1.16
N GLU C 264 40.39 -23.37 0.21
CA GLU C 264 39.21 -23.08 -0.64
C GLU C 264 38.89 -24.31 -1.51
N LEU C 265 37.61 -24.67 -1.60
CA LEU C 265 37.15 -25.89 -2.33
C LEU C 265 36.77 -25.51 -3.76
N MET C 266 35.85 -24.58 -3.93
CA MET C 266 35.47 -24.01 -5.26
C MET C 266 35.09 -22.53 -5.11
N THR C 267 34.96 -21.86 -6.26
CA THR C 267 34.62 -20.42 -6.39
C THR C 267 33.27 -20.28 -7.11
N TYR C 268 32.50 -19.27 -6.74
CA TYR C 268 31.29 -18.79 -7.48
C TYR C 268 31.58 -17.38 -7.98
N SER C 269 31.38 -17.15 -9.28
CA SER C 269 31.63 -15.84 -9.95
C SER C 269 30.86 -15.77 -11.27
N HIS C 270 30.21 -14.63 -11.53
CA HIS C 270 29.54 -14.30 -12.81
C HIS C 270 30.04 -12.93 -13.29
N ASP C 271 30.45 -12.85 -14.56
CA ASP C 271 31.30 -11.76 -15.14
C ASP C 271 30.61 -10.39 -15.02
N ASN C 272 29.30 -10.31 -15.28
CA ASN C 272 28.57 -9.02 -15.46
C ASN C 272 28.27 -8.36 -14.10
N ILE C 273 28.46 -9.07 -12.98
CA ILE C 273 28.22 -8.55 -11.61
C ILE C 273 29.49 -7.82 -11.14
N ILE C 274 29.35 -6.60 -10.62
CA ILE C 274 30.46 -5.82 -9.98
C ILE C 274 30.07 -5.35 -8.57
N CYS C 275 28.88 -5.72 -8.09
CA CYS C 275 28.34 -5.28 -6.77
C CYS C 275 28.99 -6.09 -5.63
N GLY C 276 28.62 -5.81 -4.38
CA GLY C 276 29.10 -6.54 -3.19
C GLY C 276 28.07 -7.53 -2.68
N ILE C 277 28.52 -8.63 -2.06
CA ILE C 277 27.65 -9.63 -1.38
C ILE C 277 27.34 -9.08 0.02
N THR C 278 26.11 -9.27 0.49
CA THR C 278 25.62 -8.79 1.81
C THR C 278 25.46 -9.97 2.77
N SER C 279 24.62 -10.95 2.39
CA SER C 279 24.27 -12.14 3.20
C SER C 279 24.28 -13.40 2.32
N VAL C 280 24.83 -14.49 2.85
CA VAL C 280 24.81 -15.85 2.24
C VAL C 280 24.20 -16.82 3.27
N SER C 281 23.46 -17.82 2.80
CA SER C 281 22.85 -18.88 3.64
C SER C 281 22.44 -20.08 2.79
N PHE C 282 22.49 -21.27 3.40
CA PHE C 282 22.14 -22.57 2.76
C PHE C 282 20.70 -22.95 3.12
N SER C 283 20.06 -23.69 2.21
CA SER C 283 18.78 -24.41 2.43
C SER C 283 19.04 -25.63 3.32
N LYS C 284 18.01 -26.10 4.04
CA LYS C 284 18.10 -27.18 5.07
C LYS C 284 18.96 -28.35 4.56
N SER C 285 18.69 -28.84 3.36
CA SER C 285 19.43 -29.94 2.70
C SER C 285 20.89 -29.54 2.48
N GLY C 286 21.11 -28.30 2.04
CA GLY C 286 22.44 -27.74 1.72
C GLY C 286 22.85 -28.07 0.30
N ARG C 287 21.94 -27.87 -0.66
CA ARG C 287 22.18 -28.07 -2.11
C ARG C 287 22.40 -26.71 -2.77
N LEU C 288 21.44 -25.79 -2.62
CA LEU C 288 21.49 -24.42 -3.23
C LEU C 288 21.89 -23.41 -2.16
N LEU C 289 22.60 -22.35 -2.60
CA LEU C 289 23.11 -21.22 -1.77
C LEU C 289 22.30 -19.97 -2.12
N LEU C 290 21.62 -19.39 -1.12
CA LEU C 290 20.98 -18.04 -1.24
C LEU C 290 22.07 -16.98 -1.00
N ALA C 291 22.18 -16.00 -1.90
CA ALA C 291 23.14 -14.87 -1.80
C ALA C 291 22.43 -13.55 -2.13
N GLY C 292 22.55 -12.57 -1.22
CA GLY C 292 21.96 -11.22 -1.34
C GLY C 292 22.96 -10.22 -1.88
N TYR C 293 22.77 -9.77 -3.13
CA TYR C 293 23.67 -8.84 -3.86
C TYR C 293 23.21 -7.39 -3.62
N ASP C 294 23.90 -6.43 -4.25
CA ASP C 294 23.54 -4.98 -4.25
C ASP C 294 22.84 -4.60 -5.56
N ASP C 295 22.42 -5.58 -6.38
CA ASP C 295 21.64 -5.37 -7.62
C ASP C 295 20.13 -5.33 -7.31
N PHE C 296 19.75 -5.16 -6.03
CA PHE C 296 18.35 -5.11 -5.53
C PHE C 296 17.65 -6.45 -5.79
N ASN C 297 18.42 -7.54 -5.77
CA ASN C 297 17.94 -8.92 -6.07
C ASN C 297 18.79 -9.91 -5.25
N CYS C 298 18.24 -11.10 -4.98
CA CYS C 298 18.98 -12.24 -4.37
C CYS C 298 19.09 -13.37 -5.39
N ASN C 299 20.30 -13.92 -5.54
CA ASN C 299 20.63 -14.99 -6.52
C ASN C 299 20.67 -16.33 -5.78
N VAL C 300 19.94 -17.32 -6.29
CA VAL C 300 19.99 -18.73 -5.82
C VAL C 300 21.00 -19.47 -6.70
N TRP C 301 22.17 -19.80 -6.14
CA TRP C 301 23.28 -20.50 -6.83
C TRP C 301 23.19 -22.00 -6.53
N ASP C 302 23.49 -22.85 -7.51
CA ASP C 302 23.76 -24.30 -7.30
C ASP C 302 25.11 -24.40 -6.59
N ALA C 303 25.12 -24.78 -5.31
CA ALA C 303 26.33 -24.80 -4.45
C ALA C 303 27.19 -26.04 -4.72
N LEU C 304 26.87 -26.84 -5.75
CA LEU C 304 27.68 -28.02 -6.16
C LEU C 304 28.21 -27.89 -7.60
N LYS C 305 27.68 -26.99 -8.43
CA LYS C 305 28.07 -26.86 -9.86
C LYS C 305 28.51 -25.43 -10.24
N ALA C 306 28.28 -24.43 -9.39
CA ALA C 306 28.59 -22.99 -9.60
C ALA C 306 27.69 -22.36 -10.67
N ASP C 307 26.77 -23.11 -11.28
CA ASP C 307 25.82 -22.60 -12.31
C ASP C 307 24.70 -21.86 -11.60
N ARG C 308 24.39 -20.63 -12.03
CA ARG C 308 23.25 -19.82 -11.51
C ARG C 308 21.96 -20.62 -11.73
N ALA C 309 21.11 -20.68 -10.69
CA ALA C 309 19.84 -21.46 -10.69
C ALA C 309 18.62 -20.52 -10.78
N GLY C 310 18.58 -19.46 -9.97
CA GLY C 310 17.40 -18.58 -9.87
C GLY C 310 17.74 -17.15 -9.46
N VAL C 311 16.87 -16.20 -9.80
CA VAL C 311 16.99 -14.74 -9.47
C VAL C 311 15.68 -14.29 -8.84
N LEU C 312 15.69 -14.03 -7.52
CA LEU C 312 14.55 -13.40 -6.79
C LEU C 312 14.77 -11.88 -6.80
N ALA C 313 14.32 -11.23 -7.88
CA ALA C 313 14.42 -9.76 -8.10
C ALA C 313 13.04 -9.12 -7.83
N GLY C 314 12.76 -8.82 -6.56
CA GLY C 314 11.49 -8.20 -6.11
C GLY C 314 11.73 -7.16 -5.03
N HIS C 315 12.77 -6.33 -5.21
CA HIS C 315 13.14 -5.21 -4.29
C HIS C 315 13.55 -3.99 -5.10
N ASP C 316 13.25 -2.79 -4.57
CA ASP C 316 13.58 -1.47 -5.17
C ASP C 316 14.94 -0.97 -4.64
N ASN C 317 15.53 -1.65 -3.65
CA ASN C 317 16.85 -1.29 -3.06
C ASN C 317 17.57 -2.57 -2.61
N ARG C 318 18.85 -2.46 -2.27
CA ARG C 318 19.76 -3.58 -1.91
C ARG C 318 19.19 -4.39 -0.73
N VAL C 319 19.47 -5.70 -0.74
CA VAL C 319 19.04 -6.68 0.31
C VAL C 319 20.12 -6.73 1.40
N SER C 320 19.77 -6.33 2.62
CA SER C 320 20.71 -6.09 3.74
C SER C 320 20.85 -7.32 4.65
N CYS C 321 19.90 -8.25 4.59
CA CYS C 321 19.82 -9.44 5.48
C CYS C 321 18.96 -10.53 4.84
N LEU C 322 19.32 -11.79 5.07
CA LEU C 322 18.72 -12.98 4.43
C LEU C 322 18.68 -14.14 5.42
N GLY C 323 17.48 -14.58 5.79
CA GLY C 323 17.24 -15.68 6.75
C GLY C 323 16.58 -16.88 6.08
N VAL C 324 17.17 -18.06 6.24
CA VAL C 324 16.54 -19.37 5.89
C VAL C 324 16.09 -20.02 7.20
N THR C 325 14.88 -20.61 7.20
CA THR C 325 14.24 -21.25 8.38
C THR C 325 15.05 -22.50 8.75
N ASP C 326 14.92 -22.97 10.00
CA ASP C 326 15.63 -24.17 10.53
C ASP C 326 14.86 -25.45 10.15
N ASP C 327 13.88 -25.37 9.23
CA ASP C 327 13.18 -26.54 8.62
C ASP C 327 13.10 -26.41 7.09
N GLY C 328 13.63 -25.33 6.48
CA GLY C 328 13.74 -25.16 5.02
C GLY C 328 12.40 -24.94 4.34
N MET C 329 11.45 -24.28 5.00
CA MET C 329 10.06 -24.07 4.50
C MET C 329 9.98 -22.81 3.63
N ALA C 330 10.79 -21.79 3.92
CA ALA C 330 10.80 -20.50 3.20
C ALA C 330 12.12 -19.75 3.45
N VAL C 331 12.44 -18.80 2.57
CA VAL C 331 13.54 -17.80 2.74
C VAL C 331 12.89 -16.44 2.99
N ALA C 332 13.55 -15.57 3.76
CA ALA C 332 13.08 -14.18 4.04
C ALA C 332 14.23 -13.20 3.81
N THR C 333 14.08 -12.34 2.80
CA THR C 333 15.06 -11.28 2.42
C THR C 333 14.55 -9.93 2.94
N GLY C 334 15.41 -9.18 3.62
CA GLY C 334 15.12 -7.85 4.17
C GLY C 334 15.85 -6.75 3.41
N SER C 335 15.11 -6.00 2.57
CA SER C 335 15.66 -4.93 1.70
C SER C 335 15.79 -3.60 2.46
N TRP C 336 16.11 -2.52 1.75
CA TRP C 336 16.10 -1.12 2.25
C TRP C 336 14.86 -0.37 1.76
N ASP C 337 13.81 -1.10 1.33
CA ASP C 337 12.51 -0.53 0.89
C ASP C 337 11.56 -0.39 2.09
N SER C 338 12.03 -0.71 3.31
CA SER C 338 11.25 -0.73 4.57
C SER C 338 10.25 -1.91 4.57
N PHE C 339 10.34 -2.79 3.57
CA PHE C 339 9.60 -4.08 3.49
C PHE C 339 10.62 -5.22 3.60
N LEU C 340 10.17 -6.38 4.08
CA LEU C 340 10.93 -7.66 4.01
C LEU C 340 9.99 -8.73 3.44
N LYS C 341 10.46 -9.43 2.40
CA LYS C 341 9.64 -10.39 1.61
C LYS C 341 9.96 -11.82 2.06
N ILE C 342 8.94 -12.66 2.17
CA ILE C 342 9.05 -14.12 2.49
C ILE C 342 8.81 -14.89 1.19
N TRP C 343 9.88 -15.40 0.59
CA TRP C 343 9.85 -16.21 -0.67
C TRP C 343 9.81 -17.69 -0.32
N ASN C 344 9.35 -18.52 -1.25
CA ASN C 344 9.22 -20.00 -1.08
C ASN C 344 9.36 -20.68 -2.45
N ILE D 9 57.14 -5.91 19.70
CA ILE D 9 57.41 -7.15 18.87
C ILE D 9 56.64 -8.38 19.42
N ALA D 10 56.21 -8.36 20.69
CA ALA D 10 55.43 -9.43 21.37
C ALA D 10 54.23 -9.88 20.52
N GLN D 11 53.69 -9.00 19.69
CA GLN D 11 52.61 -9.29 18.71
C GLN D 11 53.10 -10.34 17.71
N ALA D 12 54.29 -10.10 17.13
CA ALA D 12 54.99 -11.02 16.18
C ALA D 12 55.32 -12.35 16.88
N ARG D 13 55.72 -12.29 18.17
CA ARG D 13 56.01 -13.49 18.99
C ARG D 13 54.74 -14.34 19.13
N LYS D 14 53.62 -13.72 19.52
CA LYS D 14 52.29 -14.39 19.61
C LYS D 14 51.93 -14.95 18.23
N LEU D 15 52.17 -14.18 17.16
CA LEU D 15 51.82 -14.60 15.77
C LEU D 15 52.57 -15.89 15.41
N VAL D 16 53.90 -15.92 15.59
CA VAL D 16 54.75 -17.10 15.25
C VAL D 16 54.35 -18.30 16.14
N GLU D 17 53.99 -18.06 17.40
CA GLU D 17 53.49 -19.09 18.35
C GLU D 17 52.21 -19.73 17.80
N GLN D 18 51.24 -18.90 17.38
CA GLN D 18 49.93 -19.35 16.80
C GLN D 18 50.19 -20.13 15.50
N LEU D 19 51.09 -19.63 14.64
CA LEU D 19 51.44 -20.27 13.34
C LEU D 19 52.04 -21.66 13.60
N LYS D 20 53.00 -21.77 14.54
CA LYS D 20 53.62 -23.06 14.94
C LYS D 20 52.53 -23.99 15.48
N MET D 21 51.65 -23.50 16.36
CA MET D 21 50.54 -24.30 16.96
C MET D 21 49.59 -24.79 15.87
N GLU D 22 49.33 -23.96 14.84
CA GLU D 22 48.34 -24.27 13.75
C GLU D 22 48.97 -25.13 12.66
N ALA D 23 50.30 -25.09 12.48
CA ALA D 23 51.00 -25.73 11.34
C ALA D 23 50.80 -27.26 11.35
N ASN D 24 50.80 -27.88 12.52
CA ASN D 24 50.74 -29.37 12.71
C ASN D 24 49.28 -29.80 12.86
N ILE D 25 48.55 -29.87 11.74
CA ILE D 25 47.16 -30.41 11.66
C ILE D 25 47.13 -31.52 10.60
N ASP D 26 46.48 -32.64 10.92
CA ASP D 26 46.33 -33.82 10.02
C ASP D 26 45.34 -33.46 8.91
N ARG D 27 45.86 -33.12 7.71
CA ARG D 27 45.04 -32.80 6.52
C ARG D 27 44.32 -34.06 6.04
N ILE D 28 43.26 -33.86 5.24
CA ILE D 28 42.50 -34.94 4.55
C ILE D 28 42.50 -34.62 3.05
N LYS D 29 42.75 -35.63 2.21
CA LYS D 29 42.72 -35.49 0.73
C LYS D 29 41.29 -35.15 0.30
N VAL D 30 41.15 -34.15 -0.57
CA VAL D 30 39.85 -33.55 -0.98
C VAL D 30 38.99 -34.63 -1.65
N SER D 31 39.65 -35.62 -2.28
CA SER D 31 39.06 -36.87 -2.82
C SER D 31 37.94 -37.40 -1.91
N LYS D 32 38.19 -37.43 -0.59
CA LYS D 32 37.22 -37.92 0.43
C LYS D 32 36.30 -36.77 0.89
N ALA D 33 36.83 -35.55 1.01
CA ALA D 33 36.10 -34.35 1.48
C ALA D 33 34.90 -34.07 0.57
N ALA D 34 35.14 -33.89 -0.73
CA ALA D 34 34.11 -33.63 -1.76
C ALA D 34 33.11 -34.79 -1.81
N ALA D 35 33.62 -36.03 -1.67
CA ALA D 35 32.81 -37.28 -1.62
C ALA D 35 31.80 -37.20 -0.47
N ASP D 36 32.27 -36.82 0.73
CA ASP D 36 31.42 -36.64 1.95
C ASP D 36 30.39 -35.52 1.70
N LEU D 37 30.81 -34.40 1.12
CA LEU D 37 29.94 -33.25 0.76
C LEU D 37 28.82 -33.72 -0.19
N MET D 38 29.18 -34.41 -1.27
CA MET D 38 28.22 -34.95 -2.27
C MET D 38 27.27 -35.95 -1.59
N ALA D 39 27.82 -36.87 -0.79
CA ALA D 39 27.07 -37.92 -0.05
C ALA D 39 25.98 -37.28 0.82
N TYR D 40 26.36 -36.30 1.66
CA TYR D 40 25.45 -35.59 2.59
C TYR D 40 24.36 -34.85 1.79
N CYS D 41 24.78 -34.06 0.79
CA CYS D 41 23.89 -33.22 -0.06
C CYS D 41 22.89 -34.09 -0.82
N GLU D 42 23.31 -35.29 -1.26
CA GLU D 42 22.45 -36.22 -2.05
C GLU D 42 21.47 -36.96 -1.13
N ALA D 43 21.92 -37.41 0.05
CA ALA D 43 21.14 -38.22 1.02
C ALA D 43 19.90 -37.47 1.53
N HIS D 44 19.94 -36.14 1.57
CA HIS D 44 18.88 -35.25 2.12
C HIS D 44 18.13 -34.50 1.00
N ALA D 45 17.96 -35.13 -0.17
CA ALA D 45 17.28 -34.53 -1.35
C ALA D 45 15.75 -34.52 -1.16
N LYS D 46 15.22 -35.37 -0.27
CA LYS D 46 13.77 -35.60 -0.08
C LYS D 46 13.18 -34.55 0.88
N GLU D 47 13.91 -34.18 1.94
CA GLU D 47 13.43 -33.31 3.04
C GLU D 47 13.78 -31.84 2.78
N ASP D 48 13.78 -31.40 1.51
CA ASP D 48 14.09 -30.01 1.10
C ASP D 48 12.89 -29.43 0.35
N PRO D 49 11.99 -28.70 1.04
CA PRO D 49 10.87 -28.03 0.38
C PRO D 49 11.22 -26.94 -0.66
N LEU D 50 12.52 -26.68 -0.91
CA LEU D 50 12.99 -25.69 -1.91
C LEU D 50 13.36 -26.37 -3.23
N LEU D 51 14.01 -27.54 -3.20
CA LEU D 51 14.46 -28.25 -4.44
C LEU D 51 13.22 -28.81 -5.16
N THR D 52 12.54 -29.76 -4.52
CA THR D 52 11.26 -30.37 -5.00
C THR D 52 10.11 -29.66 -4.30
N PRO D 53 9.42 -28.68 -4.94
CA PRO D 53 8.38 -27.91 -4.27
C PRO D 53 7.20 -28.80 -3.86
N VAL D 54 7.09 -29.09 -2.56
CA VAL D 54 5.94 -29.82 -1.93
C VAL D 54 4.64 -29.23 -2.45
N PRO D 55 3.62 -30.04 -2.83
CA PRO D 55 2.32 -29.51 -3.20
C PRO D 55 1.68 -28.69 -2.07
N ALA D 56 0.68 -27.86 -2.40
CA ALA D 56 0.05 -26.86 -1.49
C ALA D 56 -0.73 -27.55 -0.35
N SER D 57 -0.74 -28.88 -0.27
CA SER D 57 -1.39 -29.67 0.81
C SER D 57 -0.72 -29.40 2.16
N GLU D 58 0.60 -29.64 2.27
CA GLU D 58 1.37 -29.55 3.53
C GLU D 58 1.94 -28.14 3.73
N ASN D 59 2.41 -27.50 2.65
CA ASN D 59 3.05 -26.15 2.66
C ASN D 59 2.09 -25.15 3.31
N PRO D 60 2.41 -24.62 4.52
CA PRO D 60 1.50 -23.73 5.23
C PRO D 60 1.51 -22.29 4.70
N PHE D 61 2.51 -21.92 3.89
CA PHE D 61 2.61 -20.60 3.23
C PHE D 61 1.65 -20.54 2.04
N ASP E 1 4.28 -8.21 42.68
CA ASP E 1 3.77 -8.85 41.42
C ASP E 1 2.44 -8.18 41.01
N VAL E 2 1.68 -8.81 40.12
CA VAL E 2 0.33 -8.36 39.68
C VAL E 2 -0.59 -8.31 40.90
N GLN E 3 -1.35 -7.22 41.06
CA GLN E 3 -2.26 -7.00 42.20
C GLN E 3 -3.61 -6.51 41.66
N LEU E 4 -4.51 -7.46 41.38
CA LEU E 4 -5.95 -7.22 41.07
C LEU E 4 -6.70 -7.23 42.40
N VAL E 5 -7.37 -6.12 42.73
CA VAL E 5 -8.32 -6.04 43.88
C VAL E 5 -9.56 -5.27 43.41
N GLU E 6 -10.74 -5.71 43.85
CA GLU E 6 -12.05 -5.14 43.44
C GLU E 6 -12.81 -4.65 44.66
N SER E 7 -13.72 -3.69 44.47
CA SER E 7 -14.53 -3.05 45.55
C SER E 7 -15.87 -2.56 45.01
N GLY E 8 -16.81 -2.28 45.92
CA GLY E 8 -18.16 -1.78 45.64
C GLY E 8 -19.23 -2.84 45.77
N GLY E 9 -19.02 -3.85 46.63
CA GLY E 9 -19.94 -4.98 46.83
C GLY E 9 -21.02 -4.68 47.85
N GLY E 10 -21.51 -5.71 48.56
CA GLY E 10 -22.53 -5.60 49.61
C GLY E 10 -23.88 -6.11 49.15
N LEU E 11 -24.97 -5.50 49.63
CA LEU E 11 -26.37 -5.88 49.32
C LEU E 11 -27.09 -4.69 48.68
N VAL E 12 -27.93 -4.95 47.67
CA VAL E 12 -28.71 -3.92 46.90
C VAL E 12 -30.17 -4.38 46.83
N GLN E 13 -31.11 -3.43 46.83
CA GLN E 13 -32.57 -3.70 46.69
C GLN E 13 -32.86 -4.05 45.23
N PRO E 14 -33.81 -4.97 44.94
CA PRO E 14 -34.09 -5.39 43.56
C PRO E 14 -34.59 -4.21 42.71
N GLY E 15 -34.04 -4.06 41.50
CA GLY E 15 -34.27 -2.89 40.64
C GLY E 15 -33.34 -1.72 40.97
N GLY E 16 -32.29 -1.96 41.77
CA GLY E 16 -31.35 -0.94 42.24
C GLY E 16 -30.24 -0.66 41.23
N SER E 17 -29.20 0.06 41.67
CA SER E 17 -27.99 0.42 40.86
C SER E 17 -26.73 0.25 41.70
N ARG E 18 -25.66 -0.27 41.10
CA ARG E 18 -24.32 -0.42 41.74
C ARG E 18 -23.23 -0.36 40.67
N LYS E 19 -22.05 0.12 41.06
CA LYS E 19 -20.80 0.05 40.25
C LYS E 19 -19.78 -0.83 40.97
N LEU E 20 -19.04 -1.64 40.21
CA LEU E 20 -17.93 -2.50 40.72
C LEU E 20 -16.62 -2.04 40.10
N SER E 21 -15.68 -1.64 40.97
CA SER E 21 -14.33 -1.12 40.62
C SER E 21 -13.30 -2.24 40.81
N CYS E 22 -12.76 -2.75 39.70
CA CYS E 22 -11.56 -3.64 39.65
C CYS E 22 -10.33 -2.77 39.42
N SER E 23 -9.55 -2.53 40.47
CA SER E 23 -8.28 -1.76 40.45
C SER E 23 -7.11 -2.73 40.23
N ALA E 24 -6.41 -2.58 39.10
CA ALA E 24 -5.20 -3.36 38.74
C ALA E 24 -3.96 -2.52 39.06
N SER E 25 -2.99 -3.10 39.77
CA SER E 25 -1.70 -2.45 40.12
C SER E 25 -0.55 -3.43 39.95
N GLY E 26 0.52 -3.02 39.26
CA GLY E 26 1.80 -3.76 39.12
C GLY E 26 1.93 -4.49 37.80
N PHE E 27 1.38 -3.95 36.72
CA PHE E 27 1.61 -4.40 35.32
C PHE E 27 1.07 -3.35 34.32
N ALA E 28 1.47 -3.48 33.05
CA ALA E 28 1.03 -2.61 31.94
C ALA E 28 -0.44 -2.92 31.61
N PHE E 29 -1.37 -2.23 32.29
CA PHE E 29 -2.84 -2.47 32.20
C PHE E 29 -3.39 -2.01 30.84
N SER E 30 -2.72 -1.06 30.18
CA SER E 30 -3.18 -0.41 28.91
C SER E 30 -3.10 -1.36 27.71
N SER E 31 -2.58 -2.58 27.87
CA SER E 31 -2.34 -3.57 26.78
C SER E 31 -3.03 -4.91 27.05
N PHE E 32 -3.91 -4.99 28.06
CA PHE E 32 -4.54 -6.26 28.55
C PHE E 32 -6.06 -6.21 28.38
N GLY E 33 -6.61 -7.19 27.66
CA GLY E 33 -8.06 -7.47 27.61
C GLY E 33 -8.54 -7.96 28.96
N MET E 34 -9.68 -7.45 29.43
CA MET E 34 -10.22 -7.74 30.79
C MET E 34 -11.58 -8.43 30.66
N HIS E 35 -11.71 -9.60 31.28
CA HIS E 35 -12.97 -10.38 31.38
C HIS E 35 -13.60 -10.15 32.76
N TRP E 36 -14.93 -10.05 32.80
CA TRP E 36 -15.74 -10.11 34.04
C TRP E 36 -16.49 -11.44 34.06
N VAL E 37 -16.22 -12.28 35.06
CA VAL E 37 -16.89 -13.59 35.28
C VAL E 37 -17.38 -13.65 36.73
N ARG E 38 -18.56 -14.23 36.94
CA ARG E 38 -19.21 -14.34 38.26
C ARG E 38 -19.34 -15.81 38.67
N GLN E 39 -19.78 -16.04 39.90
CA GLN E 39 -20.04 -17.40 40.47
C GLN E 39 -21.15 -17.29 41.52
N ALA E 40 -22.25 -18.03 41.30
CA ALA E 40 -23.37 -18.16 42.26
C ALA E 40 -22.86 -18.81 43.54
N PRO E 41 -23.51 -18.57 44.71
CA PRO E 41 -23.07 -19.17 45.98
C PRO E 41 -22.75 -20.67 45.97
N GLU E 42 -23.49 -21.48 45.20
CA GLU E 42 -23.38 -22.97 45.21
C GLU E 42 -23.57 -23.58 43.82
N LYS E 43 -23.30 -22.83 42.75
CA LYS E 43 -23.35 -23.33 41.34
C LYS E 43 -22.00 -23.05 40.67
N GLY E 44 -21.83 -23.56 39.44
CA GLY E 44 -20.61 -23.40 38.63
C GLY E 44 -20.42 -21.96 38.16
N LEU E 45 -19.33 -21.70 37.43
CA LEU E 45 -19.02 -20.34 36.89
C LEU E 45 -19.94 -20.02 35.72
N GLU E 46 -19.93 -18.75 35.30
CA GLU E 46 -20.69 -18.23 34.14
C GLU E 46 -20.02 -16.95 33.65
N TRP E 47 -19.98 -16.76 32.34
CA TRP E 47 -19.37 -15.57 31.68
C TRP E 47 -20.35 -14.39 31.76
N VAL E 48 -19.83 -13.17 31.96
CA VAL E 48 -20.64 -11.93 32.14
C VAL E 48 -20.28 -10.92 31.04
N ALA E 49 -19.04 -10.42 31.04
CA ALA E 49 -18.61 -9.31 30.17
C ALA E 49 -17.15 -9.47 29.72
N TYR E 50 -16.79 -8.85 28.61
CA TYR E 50 -15.40 -8.72 28.11
C TYR E 50 -15.19 -7.32 27.51
N ILE E 51 -14.02 -6.75 27.78
CA ILE E 51 -13.49 -5.51 27.14
C ILE E 51 -12.09 -5.83 26.59
N SER E 52 -11.82 -5.40 25.35
CA SER E 52 -10.54 -5.61 24.63
C SER E 52 -9.55 -4.50 25.02
N SER E 53 -8.31 -4.60 24.52
CA SER E 53 -7.21 -3.63 24.79
C SER E 53 -7.46 -2.33 24.01
N GLY E 54 -7.74 -1.24 24.73
CA GLY E 54 -7.92 0.12 24.17
C GLY E 54 -9.36 0.43 23.82
N SER E 55 -10.32 -0.26 24.44
CA SER E 55 -11.80 -0.08 24.27
C SER E 55 -12.20 -0.24 22.80
N GLY E 56 -11.49 -1.09 22.04
CA GLY E 56 -11.69 -1.29 20.60
C GLY E 56 -12.92 -2.14 20.33
N THR E 57 -13.16 -3.16 21.15
CA THR E 57 -14.30 -4.12 21.03
C THR E 57 -14.84 -4.45 22.43
N ILE E 58 -16.16 -4.68 22.52
CA ILE E 58 -16.88 -5.07 23.76
C ILE E 58 -17.75 -6.30 23.45
N TYR E 59 -17.93 -7.19 24.42
CA TYR E 59 -18.87 -8.35 24.33
C TYR E 59 -19.56 -8.57 25.67
N TYR E 60 -20.85 -8.93 25.62
CA TYR E 60 -21.71 -9.26 26.78
C TYR E 60 -22.32 -10.65 26.58
N ALA E 61 -22.81 -11.24 27.67
CA ALA E 61 -23.54 -12.52 27.70
C ALA E 61 -25.02 -12.27 27.38
N ASP E 62 -25.70 -13.30 26.85
CA ASP E 62 -27.13 -13.25 26.43
C ASP E 62 -28.01 -12.80 27.60
N THR E 63 -27.72 -13.30 28.81
CA THR E 63 -28.52 -13.09 30.05
C THR E 63 -28.49 -11.61 30.46
N VAL E 64 -27.35 -10.92 30.30
CA VAL E 64 -27.10 -9.56 30.89
C VAL E 64 -26.87 -8.53 29.77
N LYS E 65 -27.29 -8.81 28.53
CA LYS E 65 -27.11 -7.89 27.37
C LYS E 65 -28.07 -6.69 27.50
N GLY E 66 -27.54 -5.47 27.35
CA GLY E 66 -28.31 -4.21 27.31
C GLY E 66 -28.51 -3.60 28.70
N ARG E 67 -28.29 -4.36 29.77
CA ARG E 67 -28.52 -3.93 31.18
C ARG E 67 -27.20 -3.44 31.79
N PHE E 68 -26.14 -4.25 31.67
CA PHE E 68 -24.80 -3.99 32.26
C PHE E 68 -23.99 -3.12 31.31
N THR E 69 -23.08 -2.30 31.86
CA THR E 69 -22.10 -1.48 31.11
C THR E 69 -20.71 -1.65 31.73
N ILE E 70 -19.71 -1.86 30.87
CA ILE E 70 -18.28 -2.08 31.23
C ILE E 70 -17.46 -0.94 30.61
N SER E 71 -16.59 -0.32 31.41
CA SER E 71 -15.67 0.76 30.97
C SER E 71 -14.31 0.60 31.65
N ARG E 72 -13.25 1.11 31.01
CA ARG E 72 -11.85 1.06 31.52
C ARG E 72 -11.25 2.47 31.51
N ASP E 73 -10.42 2.77 32.52
CA ASP E 73 -9.64 4.04 32.61
C ASP E 73 -8.15 3.68 32.65
N ASP E 74 -7.41 4.04 31.60
CA ASP E 74 -5.99 3.64 31.38
C ASP E 74 -5.07 4.46 32.29
N PRO E 75 -5.15 5.82 32.33
CA PRO E 75 -4.24 6.60 33.18
C PRO E 75 -4.40 6.39 34.69
N LYS E 76 -5.57 5.94 35.17
CA LYS E 76 -5.82 5.60 36.59
C LYS E 76 -5.72 4.09 36.82
N ASN E 77 -5.73 3.27 35.75
CA ASN E 77 -5.63 1.79 35.81
C ASN E 77 -6.81 1.24 36.63
N THR E 78 -8.03 1.42 36.12
CA THR E 78 -9.29 0.98 36.77
C THR E 78 -10.26 0.40 35.74
N LEU E 79 -11.03 -0.62 36.15
CA LEU E 79 -12.10 -1.25 35.36
C LEU E 79 -13.43 -1.12 36.11
N PHE E 80 -14.39 -0.41 35.51
CA PHE E 80 -15.74 -0.13 36.07
C PHE E 80 -16.77 -1.04 35.37
N LEU E 81 -17.49 -1.83 36.17
CA LEU E 81 -18.71 -2.57 35.73
C LEU E 81 -19.92 -1.98 36.48
N GLN E 82 -20.72 -1.16 35.77
CA GLN E 82 -21.95 -0.53 36.34
C GLN E 82 -23.15 -1.42 35.94
N MET E 83 -23.89 -1.94 36.92
CA MET E 83 -25.14 -2.70 36.71
C MET E 83 -26.32 -1.90 37.31
N THR E 84 -27.47 -1.96 36.64
CA THR E 84 -28.76 -1.35 37.08
C THR E 84 -29.88 -2.39 36.96
N SER E 85 -30.97 -2.16 37.67
CA SER E 85 -32.21 -2.99 37.67
C SER E 85 -31.86 -4.46 37.98
N LEU E 86 -31.28 -4.70 39.16
CA LEU E 86 -30.76 -6.03 39.59
C LEU E 86 -31.91 -7.03 39.71
N ARG E 87 -31.70 -8.25 39.22
CA ARG E 87 -32.61 -9.42 39.38
C ARG E 87 -32.08 -10.30 40.52
N SER E 88 -32.92 -11.22 41.02
CA SER E 88 -32.60 -12.21 42.08
C SER E 88 -31.53 -13.22 41.64
N GLU E 89 -31.21 -13.32 40.35
CA GLU E 89 -30.24 -14.30 39.79
C GLU E 89 -28.84 -13.69 39.62
N ASP E 90 -28.58 -12.52 40.23
CA ASP E 90 -27.28 -11.78 40.12
C ASP E 90 -26.50 -11.84 41.44
N THR E 91 -27.12 -12.27 42.55
CA THR E 91 -26.44 -12.52 43.85
C THR E 91 -25.29 -13.50 43.61
N ALA E 92 -24.04 -13.03 43.64
CA ALA E 92 -22.86 -13.83 43.25
C ALA E 92 -21.56 -13.16 43.70
N MET E 93 -20.47 -13.93 43.66
CA MET E 93 -19.07 -13.41 43.70
C MET E 93 -18.67 -13.03 42.28
N TYR E 94 -17.91 -11.94 42.13
CA TYR E 94 -17.53 -11.31 40.84
C TYR E 94 -16.01 -11.16 40.75
N TYR E 95 -15.38 -11.84 39.78
CA TYR E 95 -13.92 -11.77 39.51
C TYR E 95 -13.67 -11.00 38.21
N CYS E 96 -12.74 -10.03 38.25
CA CYS E 96 -12.12 -9.41 37.05
C CYS E 96 -10.85 -10.20 36.71
N VAL E 97 -10.72 -10.62 35.45
CA VAL E 97 -9.71 -11.61 34.97
C VAL E 97 -8.87 -10.96 33.86
N ARG E 98 -7.55 -11.01 34.02
CA ARG E 98 -6.54 -10.62 33.00
C ARG E 98 -6.66 -11.53 31.77
N SER E 99 -6.38 -10.99 30.59
CA SER E 99 -6.16 -11.77 29.34
C SER E 99 -5.35 -10.94 28.35
N ILE E 100 -4.44 -11.60 27.62
CA ILE E 100 -3.65 -11.00 26.51
C ILE E 100 -3.61 -12.01 25.36
N TYR E 101 -4.06 -11.61 24.18
CA TYR E 101 -4.22 -12.45 22.97
C TYR E 101 -3.16 -12.10 21.93
N TYR E 102 -2.04 -12.83 21.96
CA TYR E 102 -1.03 -12.91 20.86
C TYR E 102 -0.55 -14.36 20.75
N TYR E 103 0.24 -14.65 19.70
CA TYR E 103 0.73 -16.02 19.39
C TYR E 103 1.54 -16.55 20.57
N GLY E 104 1.20 -17.76 21.03
CA GLY E 104 1.87 -18.46 22.14
C GLY E 104 1.75 -17.69 23.46
N SER E 105 0.64 -16.95 23.65
CA SER E 105 0.29 -16.27 24.92
C SER E 105 -0.49 -17.24 25.82
N SER E 106 -0.75 -16.83 27.05
CA SER E 106 -1.49 -17.61 28.09
C SER E 106 -2.62 -16.75 28.66
N PRO E 107 -3.76 -16.62 27.96
CA PRO E 107 -4.88 -15.81 28.47
C PRO E 107 -5.56 -16.45 29.69
N PHE E 108 -6.28 -15.64 30.48
CA PHE E 108 -6.99 -16.03 31.73
C PHE E 108 -5.97 -16.54 32.77
N ASP E 109 -4.81 -15.88 32.89
CA ASP E 109 -3.70 -16.33 33.76
C ASP E 109 -4.03 -15.99 35.22
N PHE E 110 -4.13 -14.71 35.56
CA PHE E 110 -4.30 -14.21 36.94
C PHE E 110 -5.75 -13.78 37.18
N TRP E 111 -6.36 -14.32 38.24
CA TRP E 111 -7.75 -14.04 38.68
C TRP E 111 -7.73 -13.25 39.99
N GLY E 112 -8.37 -12.09 40.02
CA GLY E 112 -8.54 -11.25 41.22
C GLY E 112 -9.37 -11.95 42.28
N GLN E 113 -9.22 -11.56 43.55
CA GLN E 113 -9.95 -12.12 44.73
C GLN E 113 -11.46 -12.07 44.47
N GLY E 114 -11.96 -10.91 44.04
CA GLY E 114 -13.37 -10.68 43.68
C GLY E 114 -14.19 -10.18 44.85
N THR E 115 -15.43 -9.77 44.58
CA THR E 115 -16.35 -9.17 45.58
C THR E 115 -17.70 -9.90 45.58
N THR E 116 -18.39 -9.84 46.71
CA THR E 116 -19.77 -10.37 46.92
C THR E 116 -20.79 -9.25 46.67
N LEU E 117 -21.61 -9.41 45.63
CA LEU E 117 -22.80 -8.55 45.35
C LEU E 117 -24.04 -9.43 45.50
N THR E 118 -24.91 -9.11 46.46
CA THR E 118 -26.17 -9.84 46.78
C THR E 118 -27.37 -8.89 46.65
N VAL E 119 -28.57 -9.46 46.58
CA VAL E 119 -29.87 -8.74 46.53
C VAL E 119 -30.80 -9.32 47.62
N SER E 120 -31.78 -8.54 48.07
CA SER E 120 -32.78 -8.95 49.09
C SER E 120 -33.85 -9.83 48.45
N SER E 136 -28.16 -22.23 21.18
CA SER E 136 -27.34 -22.12 19.94
C SER E 136 -25.84 -22.30 20.24
N ASP E 137 -25.34 -21.67 21.31
CA ASP E 137 -23.90 -21.67 21.72
C ASP E 137 -23.44 -23.08 22.11
N ILE E 138 -22.13 -23.22 22.41
CA ILE E 138 -21.49 -24.49 22.88
C ILE E 138 -21.91 -24.72 24.33
N VAL E 139 -22.15 -25.98 24.71
CA VAL E 139 -22.47 -26.42 26.09
C VAL E 139 -21.41 -27.44 26.51
N MET E 140 -20.38 -26.98 27.24
CA MET E 140 -19.27 -27.83 27.75
C MET E 140 -19.79 -28.66 28.93
N THR E 141 -20.59 -29.69 28.61
CA THR E 141 -21.28 -30.59 29.59
C THR E 141 -20.22 -31.49 30.23
N GLN E 142 -19.61 -31.03 31.33
CA GLN E 142 -18.64 -31.81 32.14
C GLN E 142 -19.40 -32.96 32.81
N ALA E 143 -19.18 -34.19 32.33
CA ALA E 143 -19.94 -35.41 32.68
C ALA E 143 -19.85 -35.69 34.19
N THR E 144 -18.63 -35.89 34.70
CA THR E 144 -18.36 -36.23 36.12
C THR E 144 -18.64 -35.00 37.00
N SER E 145 -19.26 -35.23 38.16
CA SER E 145 -19.69 -34.18 39.14
C SER E 145 -18.88 -34.30 40.45
N SER E 146 -18.79 -35.51 41.01
CA SER E 146 -18.09 -35.80 42.29
C SER E 146 -17.37 -37.16 42.19
N VAL E 147 -16.16 -37.24 42.76
CA VAL E 147 -15.36 -38.50 42.89
C VAL E 147 -14.34 -38.32 44.01
N PRO E 148 -14.29 -39.23 45.03
CA PRO E 148 -13.25 -39.18 46.05
C PRO E 148 -11.96 -39.87 45.58
N VAL E 149 -10.83 -39.45 46.13
CA VAL E 149 -9.46 -39.93 45.76
C VAL E 149 -8.67 -40.17 47.05
N THR E 150 -7.58 -40.94 46.95
CA THR E 150 -6.55 -41.09 48.01
C THR E 150 -5.25 -40.46 47.49
N PRO E 151 -4.45 -39.78 48.34
CA PRO E 151 -3.15 -39.23 47.91
C PRO E 151 -2.18 -40.32 47.43
N GLY E 152 -1.41 -40.02 46.37
CA GLY E 152 -0.36 -40.90 45.80
C GLY E 152 -0.74 -41.47 44.44
N GLU E 153 -2.03 -41.67 44.18
CA GLU E 153 -2.56 -42.23 42.91
C GLU E 153 -2.56 -41.15 41.82
N SER E 154 -2.62 -41.58 40.55
CA SER E 154 -2.89 -40.73 39.36
C SER E 154 -4.35 -40.92 38.93
N VAL E 155 -5.06 -39.83 38.63
CA VAL E 155 -6.49 -39.86 38.20
C VAL E 155 -6.67 -38.95 36.98
N SER E 156 -7.49 -39.40 36.03
CA SER E 156 -7.95 -38.66 34.83
C SER E 156 -9.34 -38.08 35.09
N ILE E 157 -9.56 -36.82 34.70
CA ILE E 157 -10.91 -36.19 34.67
C ILE E 157 -11.20 -35.71 33.24
N SER E 158 -12.36 -36.11 32.70
CA SER E 158 -12.80 -35.84 31.31
C SER E 158 -14.08 -34.99 31.33
N CYS E 159 -14.21 -34.10 30.34
CA CYS E 159 -15.45 -33.30 30.06
C CYS E 159 -15.73 -33.36 28.56
N ARG E 160 -16.95 -33.78 28.18
CA ARG E 160 -17.35 -34.05 26.78
C ARG E 160 -17.98 -32.79 26.19
N SER E 161 -17.38 -32.24 25.12
CA SER E 161 -17.83 -31.01 24.41
C SER E 161 -19.09 -31.31 23.60
N SER E 162 -19.87 -30.26 23.29
CA SER E 162 -21.10 -30.31 22.47
C SER E 162 -20.81 -29.98 21.00
N LYS E 163 -19.57 -29.55 20.68
CA LYS E 163 -19.16 -29.12 19.32
C LYS E 163 -17.64 -29.29 19.15
N SER E 164 -17.21 -29.77 17.98
CA SER E 164 -15.78 -30.01 17.62
C SER E 164 -15.02 -28.68 17.59
N LEU E 165 -14.12 -28.46 18.57
CA LEU E 165 -13.44 -27.16 18.80
C LEU E 165 -12.25 -26.99 17.85
N LEU E 166 -11.63 -28.08 17.39
CA LEU E 166 -10.43 -28.08 16.51
C LEU E 166 -10.69 -27.19 15.30
N HIS E 167 -9.97 -26.05 15.22
CA HIS E 167 -10.05 -25.05 14.12
C HIS E 167 -9.10 -25.45 12.99
N SER E 168 -9.17 -24.74 11.85
CA SER E 168 -8.32 -24.92 10.64
C SER E 168 -6.84 -24.64 10.97
N ASN E 169 -6.56 -23.74 11.93
CA ASN E 169 -5.18 -23.34 12.35
C ASN E 169 -4.44 -24.54 12.96
N GLY E 170 -5.18 -25.47 13.59
CA GLY E 170 -4.63 -26.70 14.19
C GLY E 170 -4.72 -26.71 15.72
N ASN E 171 -5.14 -25.58 16.32
CA ASN E 171 -5.27 -25.40 17.78
C ASN E 171 -6.64 -25.89 18.25
N THR E 172 -6.71 -26.34 19.51
CA THR E 172 -7.95 -26.81 20.20
C THR E 172 -8.22 -25.89 21.40
N TYR E 173 -9.06 -24.87 21.21
CA TYR E 173 -9.31 -23.79 22.21
C TYR E 173 -10.14 -24.37 23.36
N LEU E 174 -9.45 -25.00 24.33
CA LEU E 174 -10.01 -25.44 25.63
C LEU E 174 -9.00 -25.14 26.73
N TYR E 175 -9.48 -24.56 27.84
CA TYR E 175 -8.68 -24.29 29.07
C TYR E 175 -9.23 -25.12 30.23
N TRP E 176 -8.33 -25.53 31.14
CA TRP E 176 -8.66 -26.21 32.42
C TRP E 176 -8.22 -25.31 33.58
N PHE E 177 -9.20 -24.90 34.40
CA PHE E 177 -9.00 -24.07 35.63
C PHE E 177 -9.23 -24.92 36.86
N LEU E 178 -8.34 -24.77 37.86
CA LEU E 178 -8.49 -25.35 39.22
C LEU E 178 -8.89 -24.23 40.19
N GLN E 179 -9.86 -24.51 41.05
CA GLN E 179 -10.24 -23.64 42.20
C GLN E 179 -10.02 -24.42 43.51
N ARG E 180 -9.41 -23.77 44.50
CA ARG E 180 -9.13 -24.32 45.85
C ARG E 180 -10.24 -23.86 46.81
N PRO E 181 -10.50 -24.62 47.91
CA PRO E 181 -11.52 -24.22 48.89
C PRO E 181 -11.28 -22.82 49.49
N GLY E 182 -12.21 -21.90 49.22
CA GLY E 182 -12.14 -20.48 49.67
C GLY E 182 -10.96 -19.74 49.06
N GLN E 183 -10.76 -19.87 47.75
CA GLN E 183 -9.67 -19.23 46.98
C GLN E 183 -10.18 -18.80 45.60
N SER E 184 -9.38 -17.98 44.90
CA SER E 184 -9.61 -17.55 43.50
C SER E 184 -9.11 -18.66 42.56
N PRO E 185 -9.92 -19.10 41.56
CA PRO E 185 -9.50 -20.18 40.66
C PRO E 185 -8.36 -19.74 39.72
N GLN E 186 -7.29 -20.53 39.67
CA GLN E 186 -6.04 -20.23 38.93
C GLN E 186 -5.97 -21.09 37.66
N LEU E 187 -5.33 -20.57 36.61
CA LEU E 187 -5.15 -21.28 35.32
C LEU E 187 -4.20 -22.46 35.50
N LEU E 188 -4.61 -23.65 35.05
CA LEU E 188 -3.84 -24.93 35.18
C LEU E 188 -3.27 -25.35 33.83
N ILE E 189 -4.14 -25.52 32.82
CA ILE E 189 -3.71 -25.84 31.43
C ILE E 189 -4.36 -24.85 30.47
N TYR E 190 -3.62 -24.43 29.43
CA TYR E 190 -4.12 -23.58 28.32
C TYR E 190 -3.86 -24.29 26.99
N ARG E 191 -4.90 -24.36 26.15
CA ARG E 191 -4.94 -24.95 24.78
C ARG E 191 -4.71 -26.47 24.85
N MET E 192 -5.05 -27.08 26.00
CA MET E 192 -5.12 -28.56 26.25
C MET E 192 -3.74 -29.24 26.23
N SER E 193 -2.65 -28.53 25.88
CA SER E 193 -1.29 -29.12 25.68
C SER E 193 -0.27 -28.46 26.61
N ASN E 194 -0.03 -27.16 26.42
CA ASN E 194 1.06 -26.38 27.08
C ASN E 194 0.66 -26.12 28.54
N LEU E 195 1.59 -26.35 29.48
CA LEU E 195 1.36 -26.12 30.94
C LEU E 195 1.25 -24.62 31.21
N ALA E 196 0.36 -24.23 32.12
CA ALA E 196 0.30 -22.86 32.68
C ALA E 196 1.60 -22.58 33.44
N SER E 197 2.11 -21.35 33.32
CA SER E 197 3.38 -20.91 33.95
C SER E 197 3.25 -20.97 35.48
N GLY E 198 4.30 -21.43 36.16
CA GLY E 198 4.36 -21.59 37.62
C GLY E 198 3.47 -22.72 38.13
N VAL E 199 3.24 -23.75 37.31
CA VAL E 199 2.44 -24.96 37.68
C VAL E 199 3.38 -26.17 37.69
N PRO E 200 3.27 -27.07 38.69
CA PRO E 200 4.07 -28.30 38.73
C PRO E 200 3.76 -29.24 37.55
N ASP E 201 4.75 -30.05 37.15
CA ASP E 201 4.73 -30.86 35.90
C ASP E 201 3.89 -32.14 36.07
N ARG E 202 3.09 -32.24 37.15
CA ARG E 202 2.21 -33.41 37.43
C ARG E 202 1.05 -33.46 36.44
N PHE E 203 0.42 -32.31 36.17
CA PHE E 203 -0.79 -32.19 35.31
C PHE E 203 -0.39 -32.46 33.85
N SER E 204 -1.24 -33.18 33.12
CA SER E 204 -1.09 -33.43 31.66
C SER E 204 -2.48 -33.46 31.00
N GLY E 205 -2.73 -32.50 30.11
CA GLY E 205 -3.94 -32.44 29.26
C GLY E 205 -3.74 -33.21 27.98
N SER E 206 -4.77 -33.96 27.54
CA SER E 206 -4.76 -34.73 26.26
C SER E 206 -6.19 -34.84 25.70
N GLY E 207 -6.29 -35.30 24.45
CA GLY E 207 -7.57 -35.54 23.76
C GLY E 207 -7.56 -35.04 22.33
N SER E 208 -8.69 -35.21 21.63
CA SER E 208 -8.93 -34.81 20.22
C SER E 208 -10.24 -34.01 20.14
N GLY E 209 -10.75 -33.77 18.93
CA GLY E 209 -12.07 -33.14 18.70
C GLY E 209 -13.17 -33.85 19.47
N THR E 210 -13.89 -33.12 20.33
CA THR E 210 -15.07 -33.58 21.12
C THR E 210 -14.68 -34.66 22.14
N ALA E 211 -13.44 -34.65 22.63
CA ALA E 211 -12.96 -35.59 23.67
C ALA E 211 -11.68 -35.04 24.31
N PHE E 212 -11.78 -34.66 25.59
CA PHE E 212 -10.70 -34.02 26.39
C PHE E 212 -10.58 -34.74 27.73
N THR E 213 -9.37 -34.76 28.29
CA THR E 213 -9.07 -35.38 29.60
C THR E 213 -7.82 -34.73 30.20
N LEU E 214 -7.91 -34.30 31.46
CA LEU E 214 -6.76 -33.85 32.28
C LEU E 214 -6.39 -35.00 33.23
N THR E 215 -5.17 -35.53 33.08
CA THR E 215 -4.60 -36.59 33.96
C THR E 215 -3.68 -35.90 34.98
N ILE E 216 -4.05 -35.94 36.26
CA ILE E 216 -3.19 -35.49 37.39
C ILE E 216 -2.42 -36.72 37.90
N SER E 217 -1.12 -36.77 37.62
CA SER E 217 -0.21 -37.88 38.01
C SER E 217 0.21 -37.70 39.47
N ARG E 218 0.43 -38.83 40.17
CA ARG E 218 0.90 -38.91 41.58
C ARG E 218 0.26 -37.79 42.40
N LEU E 219 -1.08 -37.83 42.55
CA LEU E 219 -1.86 -36.77 43.24
C LEU E 219 -1.44 -36.69 44.71
N GLU E 220 -1.14 -35.48 45.19
CA GLU E 220 -0.82 -35.17 46.62
C GLU E 220 -1.83 -34.15 47.15
N ALA E 221 -1.63 -33.68 48.38
CA ALA E 221 -2.32 -32.51 48.98
C ALA E 221 -1.92 -31.24 48.22
N GLU E 222 -2.58 -30.11 48.54
CA GLU E 222 -2.46 -28.79 47.85
C GLU E 222 -2.87 -28.95 46.37
N ASP E 223 -3.75 -29.91 46.08
CA ASP E 223 -4.34 -30.16 44.73
C ASP E 223 -5.85 -30.41 44.86
N VAL E 224 -6.35 -30.71 46.07
CA VAL E 224 -7.80 -30.82 46.40
C VAL E 224 -8.50 -29.53 45.98
N GLY E 225 -9.75 -29.66 45.50
CA GLY E 225 -10.55 -28.54 44.98
C GLY E 225 -11.42 -28.97 43.82
N VAL E 226 -11.85 -28.01 42.99
CA VAL E 226 -12.81 -28.24 41.86
C VAL E 226 -12.11 -27.87 40.54
N TYR E 227 -12.46 -28.59 39.47
CA TYR E 227 -11.85 -28.48 38.11
C TYR E 227 -12.93 -28.08 37.10
N TYR E 228 -12.73 -26.93 36.45
CA TYR E 228 -13.63 -26.38 35.40
C TYR E 228 -12.90 -26.39 34.05
N CYS E 229 -13.47 -27.09 33.07
CA CYS E 229 -13.03 -27.04 31.64
C CYS E 229 -13.89 -25.99 30.91
N MET E 230 -13.24 -25.07 30.19
CA MET E 230 -13.87 -23.87 29.58
C MET E 230 -13.43 -23.74 28.11
N GLN E 231 -14.40 -23.78 27.18
CA GLN E 231 -14.19 -23.57 25.72
C GLN E 231 -13.98 -22.08 25.48
N HIS E 232 -13.28 -21.73 24.38
CA HIS E 232 -12.98 -20.34 23.96
C HIS E 232 -13.08 -20.21 22.43
N LEU E 233 -14.10 -20.83 21.80
CA LEU E 233 -14.17 -20.91 20.32
C LEU E 233 -14.97 -19.73 19.75
N GLU E 234 -16.07 -19.35 20.40
CA GLU E 234 -16.91 -18.18 20.03
C GLU E 234 -17.50 -17.58 21.31
N TYR E 235 -18.21 -16.43 21.23
CA TYR E 235 -18.61 -15.71 22.48
C TYR E 235 -20.11 -15.53 22.72
N PRO E 236 -20.65 -16.38 23.63
CA PRO E 236 -20.13 -16.31 25.00
C PRO E 236 -19.28 -17.58 25.22
N LEU E 237 -18.37 -17.50 26.17
CA LEU E 237 -17.48 -18.64 26.55
C LEU E 237 -18.24 -19.29 27.70
N THR E 238 -18.24 -20.61 27.80
CA THR E 238 -19.02 -21.29 28.86
C THR E 238 -18.17 -22.29 29.62
N PHE E 239 -18.26 -22.20 30.95
CA PHE E 239 -17.63 -23.15 31.91
C PHE E 239 -18.52 -24.37 32.05
N GLY E 240 -17.91 -25.49 32.47
CA GLY E 240 -18.64 -26.73 32.80
C GLY E 240 -19.26 -26.66 34.19
N ALA E 241 -20.03 -27.69 34.56
CA ALA E 241 -20.56 -27.91 35.92
C ALA E 241 -19.38 -28.04 36.90
N GLY E 242 -18.29 -28.67 36.44
CA GLY E 242 -17.05 -28.87 37.21
C GLY E 242 -17.05 -30.19 37.95
N THR E 243 -15.87 -30.66 38.36
CA THR E 243 -15.70 -31.87 39.21
C THR E 243 -14.83 -31.50 40.42
N LYS E 244 -15.35 -31.72 41.63
CA LYS E 244 -14.65 -31.49 42.92
C LYS E 244 -14.04 -32.81 43.38
N LEU E 245 -12.70 -32.88 43.44
CA LEU E 245 -11.97 -34.08 43.93
C LEU E 245 -11.95 -34.05 45.46
N GLU E 246 -12.78 -34.89 46.08
CA GLU E 246 -12.88 -35.02 47.57
C GLU E 246 -11.58 -35.64 48.09
N LEU E 247 -11.16 -35.26 49.30
CA LEU E 247 -9.93 -35.79 49.97
C LEU E 247 -10.02 -37.32 50.07
#